data_2FKN
#
_entry.id   2FKN
#
_cell.length_a   99.791
_cell.length_b   131.268
_cell.length_c   164.696
_cell.angle_alpha   90.00
_cell.angle_beta   90.00
_cell.angle_gamma   90.00
#
_symmetry.space_group_name_H-M   'P 21 21 21'
#
loop_
_entity.id
_entity.type
_entity.pdbx_description
1 polymer 'Urocanate hydratase'
2 non-polymer 'ACETATE ION'
3 non-polymer NICOTINAMIDE-ADENINE-DINUCLEOTIDE
4 water water
#
_entity_poly.entity_id   1
_entity_poly.type   'polypeptide(L)'
_entity_poly.pdbx_seq_one_letter_code
;MTDVKKSIRANRGTELECLGWEQEAVLRMLRNNLDPEVAEKPEDLIVYGGIGKAARDWDAFHAIEHSLKTLKNDETLLVQ
SGKPVGMFRTHPQAPRVLLANSVLVPKWADWEHFHELEKKGLMMYGQMTAGSWIYIGSQGILQGTYETFAELARQHFGGS
LKGTLTLTAGLGGMGGAQPLSVTMNEGVVIAVEVDEKRIDKRIETKYCDRKTASIEEALAWAEEAKLAGKPLSIALLGNA
AEVHHTLLNRGVKIDIVTDQTSAHDPLIGYVPEGYSLDEADRLRQDTPELYVRLAKQSMKKHVEAMLAFQQKGSIVFDYG
NNIRQVAKDEGLENAFDFPGFVPAYIRPLFCEGKGPFRWAALSGDPADIYRTDALLKELFPTNKALHRWIDMAQEKVTFQ
GLPSRICWLGYGERKKMGLAINELVRTGELKAPVVIGRDHLDCGSVASPNRETEAMKDGSDAVGDWAVLNALVNTAAGAS
WVSFHHGGGVGMGYSLHAGMVAVADGSELADERLARVLTSDPGMGIIRHADAGYERAVEVAKEQDIIVPMQK
;
_entity_poly.pdbx_strand_id   A,B,C,D
#
# COMPACT_ATOMS: atom_id res chain seq x y z
N SER A 7 -45.33 -27.68 0.00
CA SER A 7 -45.16 -26.32 -0.57
C SER A 7 -45.36 -25.28 0.51
N ILE A 8 -44.25 -24.71 0.98
CA ILE A 8 -44.29 -23.71 2.03
C ILE A 8 -44.21 -22.30 1.48
N ARG A 9 -45.03 -21.40 2.00
CA ARG A 9 -45.04 -20.01 1.55
C ARG A 9 -45.45 -19.09 2.71
N ALA A 10 -44.88 -17.88 2.73
CA ALA A 10 -45.19 -16.92 3.78
C ALA A 10 -46.67 -16.57 3.84
N ASN A 11 -47.18 -16.41 5.05
CA ASN A 11 -48.58 -16.03 5.25
C ASN A 11 -48.72 -14.60 4.75
N ARG A 12 -49.91 -14.27 4.25
CA ARG A 12 -50.19 -12.94 3.73
C ARG A 12 -51.23 -12.24 4.60
N GLY A 13 -51.34 -10.93 4.45
CA GLY A 13 -52.34 -10.20 5.21
C GLY A 13 -51.96 -9.63 6.57
N THR A 14 -52.98 -9.26 7.33
CA THR A 14 -52.78 -8.67 8.65
C THR A 14 -53.13 -9.59 9.81
N GLU A 15 -53.52 -10.83 9.53
CA GLU A 15 -53.84 -11.76 10.59
C GLU A 15 -52.56 -12.43 11.07
N LEU A 16 -52.36 -12.46 12.39
CA LEU A 16 -51.16 -13.03 12.96
C LEU A 16 -51.30 -14.49 13.39
N GLU A 17 -50.18 -15.20 13.37
CA GLU A 17 -50.13 -16.59 13.79
C GLU A 17 -49.28 -16.62 15.06
N CYS A 18 -48.55 -15.52 15.28
CA CYS A 18 -47.68 -15.36 16.44
C CYS A 18 -48.30 -14.40 17.44
N LEU A 19 -47.58 -14.13 18.53
CA LEU A 19 -48.07 -13.23 19.57
C LEU A 19 -47.80 -11.76 19.30
N GLY A 20 -46.93 -11.47 18.33
CA GLY A 20 -46.60 -10.10 17.99
C GLY A 20 -46.10 -10.00 16.55
N TRP A 21 -46.17 -8.81 15.97
CA TRP A 21 -45.72 -8.65 14.58
C TRP A 21 -44.25 -8.95 14.37
N GLU A 22 -43.41 -8.65 15.36
CA GLU A 22 -41.99 -8.91 15.20
C GLU A 22 -41.74 -10.39 15.07
N GLN A 23 -42.38 -11.19 15.90
CA GLN A 23 -42.20 -12.62 15.81
C GLN A 23 -42.87 -13.22 14.58
N GLU A 24 -43.92 -12.57 14.07
CA GLU A 24 -44.61 -13.09 12.88
C GLU A 24 -43.74 -12.80 11.66
N ALA A 25 -42.97 -11.72 11.75
CA ALA A 25 -42.07 -11.31 10.69
C ALA A 25 -41.02 -12.39 10.48
N VAL A 26 -40.52 -12.96 11.58
CA VAL A 26 -39.52 -14.01 11.50
C VAL A 26 -40.12 -15.21 10.79
N LEU A 27 -41.30 -15.61 11.26
CA LEU A 27 -42.01 -16.76 10.71
C LEU A 27 -42.32 -16.62 9.22
N ARG A 28 -42.71 -15.43 8.80
CA ARG A 28 -43.03 -15.23 7.39
C ARG A 28 -41.78 -15.23 6.51
N MET A 29 -40.70 -14.61 6.98
CA MET A 29 -39.46 -14.56 6.21
C MET A 29 -38.84 -15.97 6.13
N LEU A 30 -38.99 -16.74 7.20
CA LEU A 30 -38.48 -18.12 7.20
C LEU A 30 -39.23 -18.88 6.12
N ARG A 31 -40.55 -18.76 6.12
CA ARG A 31 -41.37 -19.44 5.14
C ARG A 31 -41.11 -18.94 3.73
N ASN A 32 -40.96 -17.63 3.58
CA ASN A 32 -40.71 -17.02 2.27
C ASN A 32 -39.42 -17.56 1.67
N ASN A 33 -38.46 -17.87 2.53
CA ASN A 33 -37.18 -18.40 2.09
C ASN A 33 -37.35 -19.75 1.37
N LEU A 34 -38.43 -20.45 1.70
CA LEU A 34 -38.69 -21.76 1.12
C LEU A 34 -39.83 -21.76 0.10
N ASP A 35 -40.30 -20.58 -0.26
CA ASP A 35 -41.38 -20.45 -1.23
C ASP A 35 -40.89 -20.92 -2.60
N PRO A 36 -41.67 -21.81 -3.26
CA PRO A 36 -41.31 -22.36 -4.57
C PRO A 36 -40.93 -21.29 -5.61
N GLU A 37 -41.47 -20.09 -5.46
CA GLU A 37 -41.16 -18.99 -6.37
C GLU A 37 -39.80 -18.41 -6.01
N VAL A 38 -39.43 -18.57 -4.75
CA VAL A 38 -38.18 -18.02 -4.23
C VAL A 38 -36.97 -18.95 -4.23
N ALA A 39 -37.09 -20.08 -3.54
CA ALA A 39 -36.00 -21.05 -3.38
C ALA A 39 -35.68 -21.91 -4.61
N GLU A 40 -34.46 -22.43 -4.64
CA GLU A 40 -34.03 -23.27 -5.76
C GLU A 40 -34.49 -24.72 -5.58
N LYS A 41 -34.43 -25.23 -4.35
CA LYS A 41 -34.82 -26.60 -4.09
C LYS A 41 -35.38 -26.72 -2.67
N PRO A 42 -36.46 -25.98 -2.38
CA PRO A 42 -37.07 -25.99 -1.05
C PRO A 42 -37.50 -27.35 -0.50
N GLU A 43 -37.80 -28.32 -1.35
CA GLU A 43 -38.21 -29.62 -0.84
C GLU A 43 -37.11 -30.21 0.04
N ASP A 44 -35.89 -29.76 -0.18
CA ASP A 44 -34.76 -30.22 0.61
C ASP A 44 -34.21 -29.09 1.47
N LEU A 45 -35.04 -28.06 1.66
CA LEU A 45 -34.71 -26.88 2.46
C LEU A 45 -33.59 -26.03 1.87
N ILE A 46 -33.26 -26.27 0.61
CA ILE A 46 -32.21 -25.51 -0.06
C ILE A 46 -32.75 -24.24 -0.69
N VAL A 47 -32.11 -23.12 -0.38
CA VAL A 47 -32.54 -21.83 -0.92
C VAL A 47 -31.64 -21.44 -2.09
N TYR A 48 -30.33 -21.52 -1.89
CA TYR A 48 -29.39 -21.18 -2.94
C TYR A 48 -27.94 -21.55 -2.60
N GLY A 49 -27.02 -21.17 -3.46
CA GLY A 49 -25.60 -21.41 -3.25
C GLY A 49 -25.15 -22.79 -2.81
N GLY A 50 -25.53 -23.80 -3.57
CA GLY A 50 -25.15 -25.16 -3.24
C GLY A 50 -26.18 -25.74 -2.31
N ILE A 51 -25.76 -26.02 -1.08
CA ILE A 51 -26.67 -26.57 -0.09
C ILE A 51 -26.99 -25.55 1.00
N GLY A 52 -27.08 -24.27 0.63
CA GLY A 52 -27.42 -23.25 1.60
C GLY A 52 -28.86 -23.49 2.02
N LYS A 53 -29.07 -23.91 3.26
CA LYS A 53 -30.43 -24.24 3.74
C LYS A 53 -31.04 -23.28 4.75
N ALA A 54 -32.36 -23.36 4.91
CA ALA A 54 -33.08 -22.50 5.83
C ALA A 54 -33.15 -23.07 7.24
N ALA A 55 -33.04 -24.39 7.34
CA ALA A 55 -33.07 -25.09 8.63
C ALA A 55 -32.26 -26.36 8.48
N ARG A 56 -31.87 -26.97 9.60
CA ARG A 56 -31.05 -28.18 9.58
C ARG A 56 -31.73 -29.34 8.86
N ASP A 57 -32.98 -29.61 9.23
CA ASP A 57 -33.79 -30.65 8.62
C ASP A 57 -35.25 -30.28 8.86
N TRP A 58 -36.18 -31.11 8.41
CA TRP A 58 -37.59 -30.79 8.60
C TRP A 58 -38.04 -30.78 10.05
N ASP A 59 -37.52 -31.70 10.85
CA ASP A 59 -37.89 -31.71 12.27
C ASP A 59 -37.52 -30.35 12.86
N ALA A 60 -36.30 -29.89 12.55
CA ALA A 60 -35.82 -28.61 13.05
C ALA A 60 -36.71 -27.48 12.52
N PHE A 61 -37.03 -27.54 11.24
CA PHE A 61 -37.86 -26.53 10.63
C PHE A 61 -39.18 -26.36 11.39
N HIS A 62 -39.86 -27.46 11.66
CA HIS A 62 -41.13 -27.38 12.36
C HIS A 62 -41.01 -26.92 13.80
N ALA A 63 -39.89 -27.23 14.44
CA ALA A 63 -39.68 -26.81 15.82
C ALA A 63 -39.52 -25.29 15.88
N ILE A 64 -38.85 -24.73 14.89
CA ILE A 64 -38.65 -23.28 14.83
C ILE A 64 -40.00 -22.58 14.68
N GLU A 65 -40.85 -23.11 13.81
CA GLU A 65 -42.17 -22.53 13.59
C GLU A 65 -42.96 -22.48 14.89
N HIS A 66 -42.95 -23.58 15.63
CA HIS A 66 -43.67 -23.67 16.89
C HIS A 66 -43.12 -22.67 17.92
N SER A 67 -41.80 -22.64 18.05
CA SER A 67 -41.14 -21.70 18.98
C SER A 67 -41.50 -20.26 18.65
N LEU A 68 -41.46 -19.92 17.36
CA LEU A 68 -41.76 -18.57 16.88
C LEU A 68 -43.18 -18.11 17.21
N LYS A 69 -44.14 -19.01 17.10
CA LYS A 69 -45.53 -18.68 17.38
C LYS A 69 -45.79 -18.42 18.86
N THR A 70 -44.98 -19.03 19.73
CA THR A 70 -45.15 -18.86 21.18
C THR A 70 -44.13 -17.95 21.82
N LEU A 71 -43.21 -17.42 21.00
CA LEU A 71 -42.17 -16.51 21.49
C LEU A 71 -42.73 -15.18 21.95
N LYS A 72 -42.39 -14.78 23.18
CA LYS A 72 -42.89 -13.52 23.73
C LYS A 72 -42.11 -12.30 23.26
N ASN A 73 -42.72 -11.13 23.40
CA ASN A 73 -42.11 -9.87 22.96
C ASN A 73 -40.79 -9.51 23.62
N ASP A 74 -40.47 -10.15 24.73
CA ASP A 74 -39.24 -9.87 25.44
C ASP A 74 -38.39 -11.12 25.54
N GLU A 75 -38.61 -12.05 24.62
CA GLU A 75 -37.87 -13.31 24.61
C GLU A 75 -36.97 -13.46 23.39
N THR A 76 -35.94 -14.29 23.52
CA THR A 76 -34.98 -14.50 22.44
C THR A 76 -34.73 -15.98 22.16
N LEU A 77 -35.00 -16.40 20.93
CA LEU A 77 -34.79 -17.79 20.52
C LEU A 77 -33.37 -17.95 19.97
N LEU A 78 -32.68 -19.01 20.39
CA LEU A 78 -31.32 -19.27 19.92
C LEU A 78 -31.32 -20.36 18.87
N VAL A 79 -30.69 -20.08 17.73
CA VAL A 79 -30.62 -21.07 16.65
C VAL A 79 -29.16 -21.40 16.35
N GLN A 80 -28.86 -22.70 16.43
CA GLN A 80 -27.52 -23.21 16.20
C GLN A 80 -27.55 -24.05 14.93
N SER A 81 -26.88 -23.58 13.89
CA SER A 81 -26.86 -24.27 12.60
C SER A 81 -28.22 -24.85 12.18
N GLY A 82 -29.22 -23.99 12.08
CA GLY A 82 -30.55 -24.40 11.65
C GLY A 82 -31.36 -25.23 12.63
N LYS A 83 -30.95 -25.26 13.89
CA LYS A 83 -31.66 -26.04 14.89
C LYS A 83 -31.94 -25.16 16.10
N PRO A 84 -33.21 -25.01 16.48
CA PRO A 84 -33.55 -24.18 17.64
C PRO A 84 -33.01 -24.94 18.85
N VAL A 85 -32.10 -24.33 19.58
CA VAL A 85 -31.48 -25.00 20.71
C VAL A 85 -31.72 -24.40 22.09
N GLY A 86 -32.37 -23.22 22.14
CA GLY A 86 -32.62 -22.60 23.42
C GLY A 86 -33.48 -21.36 23.31
N MET A 87 -33.95 -20.85 24.45
CA MET A 87 -34.78 -19.66 24.47
C MET A 87 -34.65 -19.03 25.85
N PHE A 88 -34.31 -17.74 25.89
CA PHE A 88 -34.14 -17.04 27.16
C PHE A 88 -34.83 -15.68 27.18
N ARG A 89 -35.17 -15.24 28.38
CA ARG A 89 -35.82 -13.96 28.56
C ARG A 89 -34.79 -12.84 28.43
N THR A 90 -35.10 -11.85 27.62
CA THR A 90 -34.21 -10.72 27.43
C THR A 90 -34.99 -9.42 27.64
N HIS A 91 -35.14 -8.63 26.57
CA HIS A 91 -35.87 -7.38 26.64
C HIS A 91 -36.58 -7.12 25.33
N PRO A 92 -37.61 -6.24 25.33
CA PRO A 92 -38.36 -5.92 24.12
C PRO A 92 -37.48 -5.35 23.01
N GLN A 93 -36.39 -4.72 23.41
CA GLN A 93 -35.48 -4.12 22.42
C GLN A 93 -34.41 -5.09 21.92
N ALA A 94 -34.27 -6.22 22.58
CA ALA A 94 -33.28 -7.21 22.15
C ALA A 94 -33.84 -7.97 20.96
N PRO A 95 -32.96 -8.58 20.14
CA PRO A 95 -33.47 -9.33 18.99
C PRO A 95 -34.36 -10.48 19.44
N ARG A 96 -35.34 -10.82 18.61
CA ARG A 96 -36.24 -11.92 18.91
C ARG A 96 -35.51 -13.24 18.66
N VAL A 97 -34.61 -13.25 17.69
CA VAL A 97 -33.85 -14.46 17.37
C VAL A 97 -32.37 -14.16 17.16
N LEU A 98 -31.52 -15.08 17.63
CA LEU A 98 -30.08 -14.99 17.50
C LEU A 98 -29.61 -16.26 16.78
N LEU A 99 -28.88 -16.10 15.68
CA LEU A 99 -28.42 -17.28 14.93
C LEU A 99 -26.93 -17.37 14.70
N ALA A 100 -26.41 -18.59 14.86
CA ALA A 100 -25.00 -18.87 14.64
C ALA A 100 -24.99 -20.13 13.79
N ASN A 101 -24.70 -19.97 12.50
CA ASN A 101 -24.72 -21.09 11.56
C ASN A 101 -23.39 -21.46 10.91
N SER A 102 -23.09 -22.76 10.91
CA SER A 102 -21.89 -23.30 10.27
C SER A 102 -20.53 -22.89 10.84
N VAL A 103 -20.50 -22.35 12.05
CA VAL A 103 -19.24 -21.92 12.66
C VAL A 103 -18.42 -23.11 13.17
N LEU A 104 -17.18 -23.21 12.71
CA LEU A 104 -16.29 -24.30 13.10
C LEU A 104 -14.93 -23.78 13.57
N VAL A 105 -14.33 -24.45 14.54
CA VAL A 105 -13.02 -24.03 15.03
C VAL A 105 -12.10 -24.06 13.80
N PRO A 106 -11.37 -22.96 13.55
CA PRO A 106 -10.45 -22.78 12.43
C PRO A 106 -9.72 -24.00 11.90
N LYS A 107 -9.05 -24.75 12.77
CA LYS A 107 -8.30 -25.91 12.33
C LYS A 107 -9.20 -27.01 11.74
N TRP A 108 -10.50 -26.94 12.00
CA TRP A 108 -11.45 -27.92 11.50
C TRP A 108 -12.41 -27.33 10.47
N ALA A 109 -12.16 -26.09 10.07
CA ALA A 109 -13.03 -25.40 9.13
C ALA A 109 -12.77 -25.76 7.67
N ASP A 110 -13.18 -26.96 7.30
CA ASP A 110 -13.04 -27.42 5.92
C ASP A 110 -14.26 -28.25 5.58
N TRP A 111 -14.45 -28.54 4.31
CA TRP A 111 -15.60 -29.31 3.88
C TRP A 111 -15.57 -30.75 4.38
N GLU A 112 -14.37 -31.33 4.49
CA GLU A 112 -14.27 -32.70 4.96
C GLU A 112 -14.92 -32.85 6.33
N HIS A 113 -14.54 -31.99 7.27
CA HIS A 113 -15.12 -32.07 8.60
C HIS A 113 -16.58 -31.64 8.62
N PHE A 114 -16.93 -30.68 7.76
CA PHE A 114 -18.33 -30.24 7.70
C PHE A 114 -19.19 -31.43 7.32
N HIS A 115 -18.78 -32.13 6.27
CA HIS A 115 -19.53 -33.29 5.82
C HIS A 115 -19.61 -34.36 6.90
N GLU A 116 -18.51 -34.59 7.61
CA GLU A 116 -18.54 -35.58 8.68
C GLU A 116 -19.58 -35.20 9.75
N LEU A 117 -19.66 -33.92 10.08
CA LEU A 117 -20.62 -33.45 11.08
C LEU A 117 -22.03 -33.51 10.49
N GLU A 118 -22.13 -33.19 9.21
CA GLU A 118 -23.41 -33.21 8.53
C GLU A 118 -24.04 -34.61 8.56
N LYS A 119 -23.27 -35.64 8.23
CA LYS A 119 -23.82 -36.99 8.24
C LYS A 119 -24.31 -37.38 9.62
N LYS A 120 -23.67 -36.85 10.66
CA LYS A 120 -24.07 -37.15 12.03
C LYS A 120 -25.26 -36.29 12.45
N GLY A 121 -25.78 -35.48 11.52
CA GLY A 121 -26.90 -34.62 11.83
C GLY A 121 -26.55 -33.45 12.74
N LEU A 122 -25.28 -33.06 12.72
CA LEU A 122 -24.80 -31.96 13.57
C LEU A 122 -24.54 -30.65 12.82
N MET A 123 -24.72 -30.64 11.50
CA MET A 123 -24.43 -29.44 10.72
C MET A 123 -25.43 -29.03 9.65
N MET A 124 -25.28 -27.78 9.21
CA MET A 124 -26.07 -27.18 8.16
C MET A 124 -25.25 -26.01 7.63
N TYR A 125 -25.34 -25.77 6.33
CA TYR A 125 -24.62 -24.67 5.70
C TYR A 125 -25.60 -23.55 5.51
N GLY A 126 -25.40 -22.44 6.21
CA GLY A 126 -26.33 -21.34 6.09
C GLY A 126 -26.08 -20.36 4.97
N GLN A 127 -24.98 -20.54 4.23
CA GLN A 127 -24.62 -19.59 3.18
C GLN A 127 -24.70 -18.23 3.87
N MET A 128 -25.32 -17.25 3.23
CA MET A 128 -25.46 -15.94 3.89
C MET A 128 -26.91 -15.68 4.31
N THR A 129 -27.80 -15.58 3.33
CA THR A 129 -29.20 -15.30 3.62
C THR A 129 -30.11 -16.52 3.70
N ALA A 130 -29.58 -17.69 3.36
CA ALA A 130 -30.37 -18.92 3.40
C ALA A 130 -30.73 -19.29 4.83
N GLY A 131 -29.72 -19.36 5.69
CA GLY A 131 -29.94 -19.74 7.07
C GLY A 131 -30.35 -18.60 7.98
N SER A 132 -30.40 -17.37 7.47
CA SER A 132 -30.77 -16.22 8.29
C SER A 132 -32.06 -15.56 7.83
N TRP A 133 -32.80 -16.28 7.00
CA TRP A 133 -34.11 -15.88 6.49
C TRP A 133 -34.30 -14.45 6.01
N ILE A 134 -33.57 -14.07 4.96
CA ILE A 134 -33.69 -12.74 4.40
C ILE A 134 -33.40 -12.76 2.90
N TYR A 135 -33.63 -13.91 2.29
CA TYR A 135 -33.41 -14.11 0.86
C TYR A 135 -34.67 -13.68 0.09
N ILE A 136 -34.51 -12.93 -0.99
CA ILE A 136 -35.65 -12.46 -1.77
C ILE A 136 -35.58 -12.88 -3.25
N GLY A 137 -35.13 -14.11 -3.49
CA GLY A 137 -35.04 -14.58 -4.86
C GLY A 137 -33.81 -14.03 -5.55
N SER A 138 -33.83 -14.01 -6.88
CA SER A 138 -32.70 -13.52 -7.65
C SER A 138 -32.48 -12.02 -7.51
N GLN A 139 -33.48 -11.31 -6.99
CA GLN A 139 -33.34 -9.87 -6.84
C GLN A 139 -32.29 -9.42 -5.83
N GLY A 140 -32.10 -10.21 -4.77
CA GLY A 140 -31.13 -9.87 -3.74
C GLY A 140 -29.76 -9.41 -4.19
N ILE A 141 -29.20 -10.10 -5.18
CA ILE A 141 -27.87 -9.78 -5.67
C ILE A 141 -27.92 -8.92 -6.94
N LEU A 142 -29.10 -8.83 -7.53
CA LEU A 142 -29.26 -8.08 -8.78
C LEU A 142 -28.56 -6.73 -8.84
N GLN A 143 -28.86 -5.82 -7.92
CA GLN A 143 -28.19 -4.53 -8.01
C GLN A 143 -26.69 -4.70 -7.81
N GLY A 144 -26.31 -5.62 -6.93
CA GLY A 144 -24.90 -5.86 -6.71
C GLY A 144 -24.20 -6.23 -8.01
N THR A 145 -24.81 -7.14 -8.76
CA THR A 145 -24.25 -7.60 -10.02
C THR A 145 -24.34 -6.49 -11.07
N TYR A 146 -25.42 -5.71 -11.01
CA TYR A 146 -25.61 -4.61 -11.96
C TYR A 146 -24.55 -3.52 -11.77
N GLU A 147 -24.31 -3.14 -10.51
CA GLU A 147 -23.34 -2.11 -10.21
C GLU A 147 -21.93 -2.54 -10.59
N THR A 148 -21.63 -3.82 -10.35
CA THR A 148 -20.31 -4.36 -10.68
C THR A 148 -20.05 -4.17 -12.16
N PHE A 149 -21.02 -4.59 -12.98
CA PHE A 149 -20.90 -4.46 -14.43
C PHE A 149 -20.93 -2.99 -14.87
N ALA A 150 -21.73 -2.17 -14.19
CA ALA A 150 -21.82 -0.75 -14.53
C ALA A 150 -20.47 -0.07 -14.28
N GLU A 151 -19.84 -0.40 -13.16
CA GLU A 151 -18.54 0.19 -12.85
C GLU A 151 -17.50 -0.30 -13.85
N LEU A 152 -17.55 -1.58 -14.20
CA LEU A 152 -16.60 -2.14 -15.15
C LEU A 152 -16.77 -1.40 -16.48
N ALA A 153 -18.01 -1.07 -16.81
CA ALA A 153 -18.32 -0.36 -18.04
C ALA A 153 -17.62 1.00 -18.06
N ARG A 154 -17.83 1.77 -17.01
CA ARG A 154 -17.20 3.08 -16.93
C ARG A 154 -15.68 3.00 -16.99
N GLN A 155 -15.11 1.89 -16.52
CA GLN A 155 -13.67 1.73 -16.53
C GLN A 155 -13.06 1.32 -17.86
N HIS A 156 -13.78 0.51 -18.65
CA HIS A 156 -13.23 0.06 -19.93
C HIS A 156 -14.05 0.24 -21.20
N PHE A 157 -15.33 0.58 -21.09
CA PHE A 157 -16.13 0.73 -22.31
C PHE A 157 -16.92 2.02 -22.45
N GLY A 158 -16.41 3.11 -21.89
CA GLY A 158 -17.09 4.39 -22.01
C GLY A 158 -18.37 4.58 -21.22
N GLY A 159 -18.64 3.71 -20.25
CA GLY A 159 -19.84 3.87 -19.44
C GLY A 159 -21.08 3.15 -19.94
N SER A 160 -20.88 2.07 -20.69
CA SER A 160 -21.99 1.26 -21.22
C SER A 160 -21.43 -0.03 -21.79
N LEU A 161 -22.25 -1.06 -21.79
CA LEU A 161 -21.82 -2.35 -22.33
C LEU A 161 -22.45 -2.59 -23.70
N LYS A 162 -22.99 -1.51 -24.26
CA LYS A 162 -23.60 -1.57 -25.58
C LYS A 162 -22.54 -2.04 -26.56
N GLY A 163 -22.87 -3.03 -27.37
CA GLY A 163 -21.91 -3.52 -28.34
C GLY A 163 -20.76 -4.31 -27.76
N THR A 164 -20.98 -4.94 -26.61
CA THR A 164 -19.96 -5.76 -25.99
C THR A 164 -20.57 -7.13 -25.66
N LEU A 165 -19.73 -8.16 -25.64
CA LEU A 165 -20.17 -9.52 -25.34
C LEU A 165 -19.55 -10.06 -24.05
N THR A 166 -20.39 -10.49 -23.11
CA THR A 166 -19.92 -11.03 -21.84
C THR A 166 -20.08 -12.54 -21.81
N LEU A 167 -19.07 -13.22 -21.26
CA LEU A 167 -19.12 -14.67 -21.14
C LEU A 167 -19.05 -15.04 -19.66
N THR A 168 -19.97 -15.90 -19.23
CA THR A 168 -19.97 -16.33 -17.84
C THR A 168 -20.68 -17.68 -17.78
N ALA A 169 -20.82 -18.22 -16.57
CA ALA A 169 -21.50 -19.49 -16.36
C ALA A 169 -22.22 -19.46 -15.02
N GLY A 170 -23.10 -20.43 -14.79
CA GLY A 170 -23.82 -20.49 -13.53
C GLY A 170 -25.13 -19.72 -13.54
N LEU A 171 -26.24 -20.43 -13.69
CA LEU A 171 -27.55 -19.79 -13.69
C LEU A 171 -28.42 -20.33 -12.56
N GLY A 172 -27.90 -20.21 -11.35
CA GLY A 172 -28.64 -20.67 -10.18
C GLY A 172 -29.42 -19.54 -9.56
N GLY A 173 -29.70 -19.66 -8.26
CA GLY A 173 -30.44 -18.62 -7.57
C GLY A 173 -29.84 -17.23 -7.74
N MET A 174 -28.58 -17.09 -7.37
CA MET A 174 -27.90 -15.80 -7.48
C MET A 174 -27.21 -15.61 -8.83
N GLY A 175 -26.65 -16.69 -9.37
CA GLY A 175 -25.97 -16.59 -10.65
C GLY A 175 -26.95 -16.23 -11.75
N GLY A 176 -28.21 -16.58 -11.52
CA GLY A 176 -29.26 -16.28 -12.50
C GLY A 176 -29.47 -14.80 -12.72
N ALA A 177 -28.94 -13.96 -11.84
CA ALA A 177 -29.12 -12.52 -12.00
C ALA A 177 -28.08 -11.91 -12.94
N GLN A 178 -27.05 -12.68 -13.30
CA GLN A 178 -26.00 -12.16 -14.18
C GLN A 178 -26.56 -11.70 -15.52
N PRO A 179 -27.33 -12.57 -16.19
CA PRO A 179 -27.86 -12.14 -17.49
C PRO A 179 -28.60 -10.80 -17.48
N LEU A 180 -29.56 -10.63 -16.58
CA LEU A 180 -30.32 -9.37 -16.51
C LEU A 180 -29.40 -8.19 -16.19
N SER A 181 -28.38 -8.44 -15.37
CA SER A 181 -27.42 -7.41 -14.98
C SER A 181 -26.65 -6.85 -16.17
N VAL A 182 -26.22 -7.73 -17.07
CA VAL A 182 -25.49 -7.32 -18.26
C VAL A 182 -26.46 -6.59 -19.19
N THR A 183 -27.66 -7.13 -19.31
CA THR A 183 -28.70 -6.56 -20.16
C THR A 183 -29.07 -5.15 -19.73
N MET A 184 -29.20 -4.93 -18.42
CA MET A 184 -29.55 -3.62 -17.90
C MET A 184 -28.45 -2.61 -18.20
N ASN A 185 -27.24 -3.10 -18.43
CA ASN A 185 -26.11 -2.25 -18.76
C ASN A 185 -25.97 -2.16 -20.29
N GLU A 186 -27.01 -2.61 -20.99
CA GLU A 186 -27.08 -2.58 -22.45
C GLU A 186 -26.18 -3.57 -23.17
N GLY A 187 -25.69 -4.58 -22.46
CA GLY A 187 -24.81 -5.53 -23.10
C GLY A 187 -25.42 -6.84 -23.54
N VAL A 188 -24.62 -7.60 -24.29
CA VAL A 188 -24.99 -8.91 -24.79
C VAL A 188 -24.23 -9.87 -23.89
N VAL A 189 -24.87 -10.97 -23.53
CA VAL A 189 -24.22 -11.93 -22.68
C VAL A 189 -24.64 -13.35 -22.97
N ILE A 190 -23.66 -14.25 -22.88
CA ILE A 190 -23.89 -15.67 -23.08
C ILE A 190 -23.51 -16.26 -21.73
N ALA A 191 -24.44 -16.99 -21.12
CA ALA A 191 -24.20 -17.62 -19.83
C ALA A 191 -24.37 -19.13 -19.99
N VAL A 192 -23.32 -19.87 -19.66
CA VAL A 192 -23.36 -21.33 -19.79
C VAL A 192 -23.92 -21.96 -18.54
N GLU A 193 -24.90 -22.84 -18.71
CA GLU A 193 -25.54 -23.54 -17.60
C GLU A 193 -25.71 -25.00 -17.99
N VAL A 194 -25.27 -25.90 -17.12
CA VAL A 194 -25.32 -27.34 -17.39
C VAL A 194 -26.65 -28.04 -17.12
N ASP A 195 -27.56 -27.39 -16.39
CA ASP A 195 -28.85 -27.97 -16.04
C ASP A 195 -29.97 -27.16 -16.69
N GLU A 196 -30.59 -27.70 -17.73
CA GLU A 196 -31.66 -26.99 -18.42
C GLU A 196 -32.78 -26.51 -17.52
N LYS A 197 -33.03 -27.22 -16.42
CA LYS A 197 -34.09 -26.83 -15.49
C LYS A 197 -33.75 -25.48 -14.88
N ARG A 198 -32.46 -25.25 -14.64
CA ARG A 198 -32.00 -24.00 -14.07
C ARG A 198 -32.24 -22.88 -15.07
N ILE A 199 -31.93 -23.16 -16.34
CA ILE A 199 -32.13 -22.16 -17.39
C ILE A 199 -33.61 -21.78 -17.45
N ASP A 200 -34.50 -22.77 -17.42
CA ASP A 200 -35.92 -22.48 -17.49
C ASP A 200 -36.35 -21.58 -16.32
N LYS A 201 -35.86 -21.86 -15.11
CA LYS A 201 -36.21 -21.02 -13.96
C LYS A 201 -35.86 -19.55 -14.25
N ARG A 202 -34.68 -19.32 -14.83
CA ARG A 202 -34.25 -17.97 -15.14
C ARG A 202 -35.10 -17.34 -16.24
N ILE A 203 -35.50 -18.13 -17.22
CA ILE A 203 -36.32 -17.61 -18.31
C ILE A 203 -37.71 -17.25 -17.77
N GLU A 204 -38.29 -18.15 -17.00
CA GLU A 204 -39.63 -17.96 -16.44
C GLU A 204 -39.72 -16.73 -15.54
N THR A 205 -38.67 -16.46 -14.78
CA THR A 205 -38.66 -15.33 -13.87
C THR A 205 -38.14 -14.02 -14.48
N LYS A 206 -38.02 -14.00 -15.81
CA LYS A 206 -37.57 -12.81 -16.53
C LYS A 206 -36.15 -12.34 -16.22
N TYR A 207 -35.26 -13.28 -15.87
CA TYR A 207 -33.87 -12.93 -15.59
C TYR A 207 -32.94 -13.28 -16.75
N CYS A 208 -33.51 -13.83 -17.82
CA CYS A 208 -32.74 -14.18 -19.01
C CYS A 208 -33.69 -14.22 -20.21
N ASP A 209 -33.26 -13.65 -21.32
CA ASP A 209 -34.09 -13.59 -22.52
C ASP A 209 -34.31 -14.92 -23.25
N ARG A 210 -33.23 -15.51 -23.78
CA ARG A 210 -33.35 -16.75 -24.54
C ARG A 210 -32.50 -17.92 -24.06
N LYS A 211 -32.72 -19.08 -24.67
CA LYS A 211 -31.95 -20.26 -24.34
C LYS A 211 -31.69 -21.09 -25.60
N THR A 212 -30.61 -21.84 -25.59
CA THR A 212 -30.25 -22.69 -26.72
C THR A 212 -29.23 -23.74 -26.31
N ALA A 213 -29.24 -24.86 -27.00
CA ALA A 213 -28.31 -25.95 -26.71
C ALA A 213 -27.16 -25.93 -27.70
N SER A 214 -27.27 -25.14 -28.76
CA SER A 214 -26.20 -25.08 -29.75
C SER A 214 -25.39 -23.79 -29.67
N ILE A 215 -24.06 -23.95 -29.57
CA ILE A 215 -23.16 -22.81 -29.49
C ILE A 215 -23.28 -21.96 -30.74
N GLU A 216 -23.44 -22.61 -31.89
CA GLU A 216 -23.55 -21.88 -33.15
C GLU A 216 -24.72 -20.89 -33.09
N GLU A 217 -25.87 -21.34 -32.61
CA GLU A 217 -27.03 -20.48 -32.52
C GLU A 217 -26.78 -19.37 -31.50
N ALA A 218 -26.17 -19.72 -30.38
CA ALA A 218 -25.87 -18.75 -29.35
C ALA A 218 -25.00 -17.62 -29.89
N LEU A 219 -23.91 -17.99 -30.57
CA LEU A 219 -22.99 -16.99 -31.12
C LEU A 219 -23.60 -16.18 -32.24
N ALA A 220 -24.51 -16.78 -33.00
CA ALA A 220 -25.18 -16.06 -34.08
C ALA A 220 -26.08 -14.99 -33.48
N TRP A 221 -26.81 -15.33 -32.42
CA TRP A 221 -27.69 -14.35 -31.76
C TRP A 221 -26.88 -13.24 -31.13
N ALA A 222 -25.78 -13.62 -30.48
CA ALA A 222 -24.92 -12.66 -29.82
C ALA A 222 -24.31 -11.65 -30.79
N GLU A 223 -23.78 -12.14 -31.91
CA GLU A 223 -23.18 -11.25 -32.88
C GLU A 223 -24.22 -10.29 -33.46
N GLU A 224 -25.39 -10.83 -33.76
CA GLU A 224 -26.50 -10.06 -34.32
C GLU A 224 -26.92 -8.94 -33.37
N ALA A 225 -27.04 -9.25 -32.09
CA ALA A 225 -27.42 -8.26 -31.11
C ALA A 225 -26.27 -7.28 -30.88
N LYS A 226 -25.05 -7.79 -30.81
CA LYS A 226 -23.90 -6.93 -30.59
C LYS A 226 -23.80 -5.91 -31.74
N LEU A 227 -24.05 -6.41 -32.95
CA LEU A 227 -24.03 -5.60 -34.16
C LEU A 227 -25.08 -4.49 -34.12
N ALA A 228 -26.32 -4.87 -33.85
CA ALA A 228 -27.41 -3.91 -33.79
C ALA A 228 -27.28 -3.08 -32.52
N GLY A 229 -26.26 -3.39 -31.73
CA GLY A 229 -26.04 -2.67 -30.50
C GLY A 229 -27.25 -2.69 -29.57
N LYS A 230 -27.83 -3.88 -29.41
CA LYS A 230 -28.99 -4.04 -28.55
C LYS A 230 -28.64 -5.01 -27.44
N PRO A 231 -29.30 -4.88 -26.28
CA PRO A 231 -29.01 -5.78 -25.16
C PRO A 231 -29.62 -7.16 -25.44
N LEU A 232 -29.03 -8.22 -24.89
CA LEU A 232 -29.56 -9.57 -25.10
C LEU A 232 -28.89 -10.58 -24.19
N SER A 233 -29.70 -11.40 -23.53
CA SER A 233 -29.15 -12.43 -22.65
C SER A 233 -29.44 -13.79 -23.28
N ILE A 234 -28.42 -14.64 -23.32
CA ILE A 234 -28.53 -15.95 -23.92
C ILE A 234 -28.01 -17.04 -22.98
N ALA A 235 -28.88 -17.98 -22.64
CA ALA A 235 -28.48 -19.08 -21.78
C ALA A 235 -28.01 -20.21 -22.69
N LEU A 236 -26.78 -20.66 -22.50
CA LEU A 236 -26.24 -21.74 -23.34
C LEU A 236 -26.11 -23.03 -22.54
N LEU A 237 -26.88 -24.04 -22.95
CA LEU A 237 -26.87 -25.33 -22.27
C LEU A 237 -25.54 -26.05 -22.50
N GLY A 238 -24.82 -26.31 -21.43
CA GLY A 238 -23.55 -27.02 -21.55
C GLY A 238 -22.69 -26.95 -20.31
N ASN A 239 -21.49 -27.51 -20.39
CA ASN A 239 -20.57 -27.50 -19.26
C ASN A 239 -19.50 -26.47 -19.58
N ALA A 240 -19.45 -25.40 -18.79
CA ALA A 240 -18.49 -24.31 -18.98
C ALA A 240 -17.04 -24.74 -19.12
N ALA A 241 -16.60 -25.70 -18.32
CA ALA A 241 -15.22 -26.16 -18.38
C ALA A 241 -14.88 -26.56 -19.82
N GLU A 242 -15.91 -26.94 -20.55
CA GLU A 242 -15.79 -27.38 -21.94
C GLU A 242 -16.12 -26.30 -22.95
N VAL A 243 -17.29 -25.68 -22.80
CA VAL A 243 -17.73 -24.65 -23.73
C VAL A 243 -16.78 -23.46 -23.82
N HIS A 244 -16.27 -22.99 -22.69
CA HIS A 244 -15.38 -21.84 -22.71
C HIS A 244 -14.13 -22.10 -23.57
N HIS A 245 -13.61 -23.33 -23.52
CA HIS A 245 -12.44 -23.67 -24.33
C HIS A 245 -12.84 -23.75 -25.80
N THR A 246 -14.09 -24.13 -26.07
CA THR A 246 -14.55 -24.21 -27.44
C THR A 246 -14.62 -22.82 -28.05
N LEU A 247 -15.14 -21.86 -27.29
CA LEU A 247 -15.25 -20.49 -27.75
C LEU A 247 -13.86 -19.89 -27.85
N LEU A 248 -12.99 -20.32 -26.94
CA LEU A 248 -11.62 -19.83 -26.89
C LEU A 248 -10.83 -20.28 -28.11
N ASN A 249 -10.97 -21.56 -28.48
CA ASN A 249 -10.26 -22.09 -29.63
C ASN A 249 -10.97 -21.84 -30.96
N ARG A 250 -12.05 -21.06 -30.91
CA ARG A 250 -12.78 -20.74 -32.13
C ARG A 250 -12.44 -19.30 -32.49
N GLY A 251 -11.76 -18.63 -31.57
CA GLY A 251 -11.35 -17.26 -31.80
C GLY A 251 -12.45 -16.23 -31.60
N VAL A 252 -13.54 -16.62 -30.94
CA VAL A 252 -14.64 -15.69 -30.71
C VAL A 252 -14.17 -14.50 -29.89
N LYS A 253 -14.67 -13.32 -30.24
CA LYS A 253 -14.32 -12.10 -29.54
C LYS A 253 -15.18 -11.93 -28.30
N ILE A 254 -14.56 -12.04 -27.12
CA ILE A 254 -15.27 -11.88 -25.87
C ILE A 254 -14.68 -10.72 -25.11
N ASP A 255 -15.52 -9.74 -24.79
CA ASP A 255 -15.08 -8.53 -24.08
C ASP A 255 -14.91 -8.68 -22.58
N ILE A 256 -15.82 -9.41 -21.95
CA ILE A 256 -15.78 -9.60 -20.51
C ILE A 256 -16.00 -11.07 -20.15
N VAL A 257 -15.25 -11.55 -19.16
CA VAL A 257 -15.38 -12.94 -18.72
C VAL A 257 -15.38 -13.02 -17.19
N THR A 258 -16.33 -13.76 -16.64
CA THR A 258 -16.40 -13.98 -15.21
C THR A 258 -17.08 -15.32 -15.01
N ASP A 259 -17.49 -15.62 -13.77
CA ASP A 259 -18.15 -16.88 -13.49
C ASP A 259 -18.92 -16.86 -12.18
N GLN A 260 -19.97 -17.66 -12.10
CA GLN A 260 -20.74 -17.76 -10.87
C GLN A 260 -21.33 -19.15 -10.66
N THR A 261 -20.55 -20.18 -10.97
CA THR A 261 -20.99 -21.53 -10.71
C THR A 261 -20.69 -21.66 -9.22
N SER A 262 -21.26 -22.66 -8.56
CA SER A 262 -21.02 -22.82 -7.13
C SER A 262 -19.70 -23.52 -6.84
N ALA A 263 -18.62 -22.89 -7.28
CA ALA A 263 -17.27 -23.42 -7.12
C ALA A 263 -16.83 -23.54 -5.66
N HIS A 264 -17.53 -22.85 -4.77
CA HIS A 264 -17.21 -22.85 -3.34
C HIS A 264 -17.52 -24.21 -2.73
N ASP A 265 -18.22 -25.05 -3.47
CA ASP A 265 -18.60 -26.38 -2.98
C ASP A 265 -18.31 -27.43 -4.05
N PRO A 266 -17.07 -27.96 -4.07
CA PRO A 266 -16.65 -28.97 -5.05
C PRO A 266 -17.55 -30.20 -5.20
N LEU A 267 -18.23 -30.59 -4.13
CA LEU A 267 -19.10 -31.76 -4.17
C LEU A 267 -20.46 -31.54 -4.83
N ILE A 268 -21.08 -30.40 -4.51
CA ILE A 268 -22.41 -30.08 -5.01
C ILE A 268 -22.51 -28.99 -6.08
N GLY A 269 -21.68 -27.96 -5.95
CA GLY A 269 -21.77 -26.83 -6.85
C GLY A 269 -21.14 -26.83 -8.23
N TYR A 270 -20.36 -27.85 -8.58
CA TYR A 270 -19.73 -27.87 -9.90
C TYR A 270 -19.78 -29.26 -10.52
N VAL A 271 -20.30 -29.33 -11.74
CA VAL A 271 -20.43 -30.59 -12.46
C VAL A 271 -19.18 -30.86 -13.30
N PRO A 272 -18.52 -32.00 -13.07
CA PRO A 272 -17.31 -32.39 -13.80
C PRO A 272 -17.55 -32.58 -15.29
N GLU A 273 -16.63 -32.06 -16.09
CA GLU A 273 -16.71 -32.17 -17.54
C GLU A 273 -16.83 -33.64 -17.98
N GLY A 274 -17.67 -33.90 -18.97
CA GLY A 274 -17.85 -35.25 -19.46
C GLY A 274 -18.97 -36.03 -18.78
N TYR A 275 -19.67 -35.39 -17.85
CA TYR A 275 -20.76 -36.07 -17.15
C TYR A 275 -22.08 -35.36 -17.35
N SER A 276 -23.11 -36.14 -17.67
CA SER A 276 -24.44 -35.57 -17.81
C SER A 276 -24.87 -35.36 -16.36
N LEU A 277 -26.01 -34.71 -16.14
CA LEU A 277 -26.47 -34.50 -14.77
C LEU A 277 -26.72 -35.84 -14.07
N ASP A 278 -27.36 -36.76 -14.78
CA ASP A 278 -27.65 -38.07 -14.21
C ASP A 278 -26.35 -38.80 -13.87
N GLU A 279 -25.43 -38.82 -14.82
CA GLU A 279 -24.15 -39.47 -14.60
C GLU A 279 -23.39 -38.80 -13.45
N ALA A 280 -23.48 -37.46 -13.39
CA ALA A 280 -22.82 -36.72 -12.34
C ALA A 280 -23.42 -37.08 -10.99
N ASP A 281 -24.75 -37.18 -10.95
CA ASP A 281 -25.44 -37.54 -9.71
C ASP A 281 -24.96 -38.88 -9.17
N ARG A 282 -24.76 -39.83 -10.06
CA ARG A 282 -24.30 -41.15 -9.64
C ARG A 282 -22.84 -41.09 -9.21
N LEU A 283 -22.05 -40.31 -9.94
CA LEU A 283 -20.64 -40.14 -9.62
C LEU A 283 -20.57 -39.59 -8.20
N ARG A 284 -21.37 -38.55 -7.98
CA ARG A 284 -21.43 -37.87 -6.68
C ARG A 284 -21.85 -38.79 -5.54
N GLN A 285 -22.88 -39.60 -5.76
CA GLN A 285 -23.38 -40.49 -4.71
C GLN A 285 -22.51 -41.70 -4.43
N ASP A 286 -22.10 -42.40 -5.49
CA ASP A 286 -21.28 -43.60 -5.34
C ASP A 286 -19.83 -43.34 -4.97
N THR A 287 -19.19 -42.41 -5.69
CA THR A 287 -17.78 -42.10 -5.43
C THR A 287 -17.56 -40.61 -5.17
N PRO A 288 -18.03 -40.11 -4.01
CA PRO A 288 -17.88 -38.69 -3.65
C PRO A 288 -16.47 -38.11 -3.73
N GLU A 289 -15.47 -38.87 -3.30
CA GLU A 289 -14.11 -38.40 -3.34
C GLU A 289 -13.59 -38.29 -4.77
N LEU A 290 -14.06 -39.19 -5.65
CA LEU A 290 -13.67 -39.17 -7.05
C LEU A 290 -14.32 -37.95 -7.69
N TYR A 291 -15.58 -37.71 -7.34
CA TYR A 291 -16.32 -36.57 -7.85
C TYR A 291 -15.56 -35.28 -7.59
N VAL A 292 -15.15 -35.09 -6.34
CA VAL A 292 -14.44 -33.88 -5.96
C VAL A 292 -13.12 -33.71 -6.72
N ARG A 293 -12.31 -34.76 -6.80
CA ARG A 293 -11.05 -34.66 -7.53
C ARG A 293 -11.31 -34.25 -8.97
N LEU A 294 -12.33 -34.84 -9.60
CA LEU A 294 -12.66 -34.52 -10.99
C LEU A 294 -13.26 -33.14 -11.12
N ALA A 295 -14.06 -32.74 -10.14
CA ALA A 295 -14.67 -31.42 -10.17
C ALA A 295 -13.58 -30.37 -10.07
N LYS A 296 -12.63 -30.58 -9.16
CA LYS A 296 -11.53 -29.65 -9.00
C LYS A 296 -10.70 -29.51 -10.28
N GLN A 297 -10.49 -30.63 -10.97
CA GLN A 297 -9.73 -30.61 -12.22
C GLN A 297 -10.47 -29.81 -13.27
N SER A 298 -11.79 -29.92 -13.27
CA SER A 298 -12.59 -29.19 -14.25
C SER A 298 -12.52 -27.69 -13.99
N MET A 299 -12.58 -27.29 -12.73
CA MET A 299 -12.51 -25.87 -12.40
C MET A 299 -11.12 -25.29 -12.72
N LYS A 300 -10.09 -26.10 -12.54
CA LYS A 300 -8.74 -25.64 -12.86
C LYS A 300 -8.76 -25.33 -14.36
N LYS A 301 -9.33 -26.24 -15.14
CA LYS A 301 -9.41 -26.06 -16.59
C LYS A 301 -10.29 -24.85 -16.95
N HIS A 302 -11.40 -24.69 -16.25
CA HIS A 302 -12.33 -23.59 -16.47
C HIS A 302 -11.60 -22.26 -16.26
N VAL A 303 -10.77 -22.20 -15.24
CA VAL A 303 -10.01 -20.99 -14.93
C VAL A 303 -8.89 -20.74 -15.96
N GLU A 304 -8.26 -21.82 -16.44
CA GLU A 304 -7.21 -21.66 -17.45
C GLU A 304 -7.82 -20.94 -18.65
N ALA A 305 -9.07 -21.27 -18.96
CA ALA A 305 -9.76 -20.64 -20.08
C ALA A 305 -10.00 -19.15 -19.83
N MET A 306 -10.35 -18.80 -18.58
CA MET A 306 -10.60 -17.41 -18.23
C MET A 306 -9.30 -16.61 -18.34
N LEU A 307 -8.20 -17.23 -17.92
CA LEU A 307 -6.89 -16.58 -17.99
C LEU A 307 -6.49 -16.38 -19.44
N ALA A 308 -6.76 -17.38 -20.27
CA ALA A 308 -6.43 -17.30 -21.69
C ALA A 308 -7.17 -16.11 -22.28
N PHE A 309 -8.43 -15.94 -21.89
CA PHE A 309 -9.20 -14.82 -22.39
C PHE A 309 -8.57 -13.51 -21.95
N GLN A 310 -8.20 -13.43 -20.68
CA GLN A 310 -7.55 -12.21 -20.18
C GLN A 310 -6.27 -11.89 -20.96
N GLN A 311 -5.45 -12.90 -21.26
CA GLN A 311 -4.22 -12.69 -22.01
C GLN A 311 -4.57 -12.27 -23.44
N LYS A 312 -5.75 -12.66 -23.88
CA LYS A 312 -6.23 -12.35 -25.22
C LYS A 312 -6.79 -10.93 -25.28
N GLY A 313 -6.96 -10.32 -24.11
CA GLY A 313 -7.47 -8.96 -24.08
C GLY A 313 -8.79 -8.69 -23.39
N SER A 314 -9.55 -9.72 -23.04
CA SER A 314 -10.83 -9.47 -22.39
C SER A 314 -10.66 -9.12 -20.92
N ILE A 315 -11.61 -8.35 -20.38
CA ILE A 315 -11.56 -7.97 -18.98
C ILE A 315 -12.09 -9.15 -18.20
N VAL A 316 -11.30 -9.67 -17.28
CA VAL A 316 -11.71 -10.83 -16.50
C VAL A 316 -11.68 -10.54 -15.01
N PHE A 317 -12.67 -11.05 -14.29
CA PHE A 317 -12.73 -10.86 -12.85
C PHE A 317 -13.47 -12.03 -12.19
N ASP A 318 -13.15 -12.26 -10.93
CA ASP A 318 -13.74 -13.32 -10.10
C ASP A 318 -15.01 -12.73 -9.49
N TYR A 319 -16.15 -13.41 -9.60
CA TYR A 319 -17.38 -12.87 -9.02
C TYR A 319 -17.82 -13.54 -7.74
N GLY A 320 -16.86 -13.75 -6.84
CA GLY A 320 -17.12 -14.31 -5.54
C GLY A 320 -17.60 -15.72 -5.29
N ASN A 321 -17.05 -16.70 -6.00
CA ASN A 321 -17.44 -18.09 -5.79
C ASN A 321 -16.22 -18.91 -5.43
N ASN A 322 -15.12 -18.21 -5.16
CA ASN A 322 -13.84 -18.82 -4.78
C ASN A 322 -13.24 -19.75 -5.84
N ILE A 323 -13.68 -19.63 -7.08
CA ILE A 323 -13.17 -20.51 -8.13
C ILE A 323 -11.67 -20.36 -8.38
N ARG A 324 -11.12 -19.18 -8.14
CA ARG A 324 -9.69 -18.97 -8.34
C ARG A 324 -8.88 -19.80 -7.35
N GLN A 325 -9.41 -19.92 -6.13
CA GLN A 325 -8.75 -20.69 -5.10
C GLN A 325 -8.70 -22.15 -5.48
N VAL A 326 -9.79 -22.65 -6.04
CA VAL A 326 -9.86 -24.05 -6.44
C VAL A 326 -8.81 -24.37 -7.49
N ALA A 327 -8.66 -23.49 -8.48
CA ALA A 327 -7.67 -23.69 -9.53
C ALA A 327 -6.28 -23.57 -8.91
N LYS A 328 -6.14 -22.64 -7.98
CA LYS A 328 -4.87 -22.44 -7.29
C LYS A 328 -4.49 -23.75 -6.59
N ASP A 329 -5.41 -24.30 -5.80
CA ASP A 329 -5.17 -25.55 -5.07
C ASP A 329 -4.81 -26.72 -5.98
N GLU A 330 -5.12 -26.63 -7.27
CA GLU A 330 -4.81 -27.71 -8.19
C GLU A 330 -3.45 -27.51 -8.86
N GLY A 331 -2.76 -26.43 -8.51
CA GLY A 331 -1.46 -26.17 -9.09
C GLY A 331 -1.37 -25.00 -10.06
N LEU A 332 -2.50 -24.35 -10.36
CA LEU A 332 -2.50 -23.21 -11.27
C LEU A 332 -1.92 -22.02 -10.52
N GLU A 333 -0.60 -21.90 -10.53
CA GLU A 333 0.10 -20.84 -9.81
C GLU A 333 -0.38 -19.40 -10.08
N ASN A 334 -0.89 -19.14 -11.28
CA ASN A 334 -1.34 -17.79 -11.60
C ASN A 334 -2.86 -17.64 -11.60
N ALA A 335 -3.55 -18.54 -10.88
CA ALA A 335 -5.01 -18.51 -10.82
C ALA A 335 -5.52 -17.15 -10.36
N PHE A 336 -4.73 -16.44 -9.57
CA PHE A 336 -5.14 -15.13 -9.11
C PHE A 336 -4.63 -13.98 -9.97
N ASP A 337 -4.42 -14.25 -11.26
CA ASP A 337 -3.96 -13.22 -12.19
C ASP A 337 -5.05 -12.21 -12.50
N PHE A 338 -6.30 -12.52 -12.14
CA PHE A 338 -7.39 -11.57 -12.32
C PHE A 338 -8.00 -11.32 -10.95
N PRO A 339 -8.46 -10.07 -10.69
CA PRO A 339 -9.05 -9.63 -9.43
C PRO A 339 -10.49 -9.98 -9.08
N GLY A 340 -10.81 -9.79 -7.80
CA GLY A 340 -12.15 -10.03 -7.33
C GLY A 340 -12.93 -8.75 -7.58
N PHE A 341 -14.22 -8.86 -7.84
CA PHE A 341 -15.04 -7.69 -8.11
C PHE A 341 -15.06 -6.61 -7.02
N VAL A 342 -14.80 -6.97 -5.77
CA VAL A 342 -14.83 -5.96 -4.71
C VAL A 342 -13.67 -4.97 -4.78
N PRO A 343 -12.43 -5.47 -4.70
CA PRO A 343 -11.34 -4.50 -4.78
C PRO A 343 -11.28 -3.80 -6.14
N ALA A 344 -11.74 -4.49 -7.18
CA ALA A 344 -11.70 -3.90 -8.51
C ALA A 344 -12.82 -2.93 -8.86
N TYR A 345 -14.05 -3.22 -8.44
CA TYR A 345 -15.17 -2.36 -8.81
C TYR A 345 -16.13 -1.85 -7.73
N ILE A 346 -16.32 -2.62 -6.67
CA ILE A 346 -17.30 -2.25 -5.63
C ILE A 346 -16.85 -1.57 -4.32
N ARG A 347 -15.65 -1.90 -3.84
CA ARG A 347 -15.19 -1.32 -2.57
C ARG A 347 -15.49 0.16 -2.31
N PRO A 348 -15.33 1.03 -3.32
CA PRO A 348 -15.63 2.45 -3.07
C PRO A 348 -17.04 2.66 -2.54
N LEU A 349 -17.98 1.82 -2.99
CA LEU A 349 -19.35 1.92 -2.54
C LEU A 349 -19.43 1.56 -1.07
N PHE A 350 -18.61 0.61 -0.64
CA PHE A 350 -18.60 0.19 0.76
C PHE A 350 -18.12 1.32 1.66
N CYS A 351 -17.14 2.10 1.17
CA CYS A 351 -16.58 3.19 1.93
C CYS A 351 -17.57 4.30 2.22
N GLU A 352 -18.73 4.22 1.58
CA GLU A 352 -19.76 5.21 1.81
C GLU A 352 -20.90 4.54 2.56
N GLY A 353 -20.64 3.33 3.02
CA GLY A 353 -21.63 2.58 3.77
C GLY A 353 -22.71 1.93 2.92
N LYS A 354 -22.49 1.82 1.62
CA LYS A 354 -23.48 1.23 0.74
C LYS A 354 -23.39 -0.29 0.74
N GLY A 355 -24.51 -0.93 0.42
CA GLY A 355 -24.56 -2.37 0.40
C GLY A 355 -25.92 -2.85 -0.06
N PRO A 356 -26.09 -4.17 -0.21
CA PRO A 356 -27.34 -4.79 -0.66
C PRO A 356 -28.49 -4.67 0.36
N PHE A 357 -28.73 -3.44 0.81
CA PHE A 357 -29.79 -3.09 1.74
C PHE A 357 -31.07 -3.53 1.04
N ARG A 358 -32.07 -4.02 1.77
CA ARG A 358 -33.29 -4.47 1.10
C ARG A 358 -34.47 -4.54 2.07
N TRP A 359 -35.68 -4.70 1.54
CA TRP A 359 -36.85 -4.84 2.38
C TRP A 359 -37.94 -5.67 1.70
N ALA A 360 -38.80 -6.26 2.52
CA ALA A 360 -39.90 -7.07 2.03
C ALA A 360 -41.20 -6.64 2.70
N ALA A 361 -42.30 -6.74 1.96
CA ALA A 361 -43.62 -6.37 2.44
C ALA A 361 -44.35 -7.59 3.00
N LEU A 362 -44.51 -7.66 4.31
CA LEU A 362 -45.19 -8.80 4.91
C LEU A 362 -46.65 -8.88 4.46
N SER A 363 -47.18 -7.75 3.97
CA SER A 363 -48.57 -7.73 3.51
C SER A 363 -48.69 -8.67 2.30
N GLY A 364 -47.66 -8.68 1.48
CA GLY A 364 -47.67 -9.52 0.30
C GLY A 364 -48.22 -8.74 -0.88
N ASP A 365 -48.59 -7.49 -0.62
CA ASP A 365 -49.14 -6.64 -1.66
C ASP A 365 -48.06 -5.78 -2.30
N PRO A 366 -47.82 -5.96 -3.61
CA PRO A 366 -46.80 -5.17 -4.30
C PRO A 366 -47.04 -3.66 -4.20
N ALA A 367 -48.27 -3.27 -3.83
CA ALA A 367 -48.58 -1.85 -3.69
C ALA A 367 -47.64 -1.23 -2.65
N ASP A 368 -47.29 -2.01 -1.62
CA ASP A 368 -46.38 -1.53 -0.58
C ASP A 368 -44.99 -1.27 -1.15
N ILE A 369 -44.51 -2.14 -2.05
CA ILE A 369 -43.19 -1.95 -2.62
C ILE A 369 -43.22 -0.71 -3.51
N TYR A 370 -44.29 -0.54 -4.27
CA TYR A 370 -44.38 0.62 -5.13
C TYR A 370 -44.40 1.87 -4.27
N ARG A 371 -45.05 1.78 -3.11
CA ARG A 371 -45.13 2.91 -2.20
C ARG A 371 -43.73 3.26 -1.67
N THR A 372 -42.96 2.23 -1.31
CA THR A 372 -41.61 2.47 -0.80
C THR A 372 -40.72 3.00 -1.93
N ASP A 373 -41.06 2.61 -3.16
CA ASP A 373 -40.28 3.06 -4.31
C ASP A 373 -40.44 4.55 -4.51
N ALA A 374 -41.67 5.04 -4.37
CA ALA A 374 -41.94 6.47 -4.53
C ALA A 374 -41.30 7.19 -3.34
N LEU A 375 -41.35 6.56 -2.17
CA LEU A 375 -40.77 7.15 -0.96
C LEU A 375 -39.31 7.49 -1.21
N LEU A 376 -38.57 6.53 -1.78
CA LEU A 376 -37.16 6.74 -2.08
C LEU A 376 -36.92 8.06 -2.80
N LYS A 377 -37.74 8.33 -3.81
CA LYS A 377 -37.60 9.56 -4.58
C LYS A 377 -37.93 10.79 -3.75
N GLU A 378 -38.81 10.63 -2.77
CA GLU A 378 -39.20 11.75 -1.90
C GLU A 378 -38.08 12.10 -0.92
N LEU A 379 -37.45 11.07 -0.35
CA LEU A 379 -36.39 11.27 0.63
C LEU A 379 -35.06 11.72 0.01
N PHE A 380 -34.78 11.25 -1.19
CA PHE A 380 -33.52 11.59 -1.87
C PHE A 380 -33.84 12.13 -3.26
N PRO A 381 -34.51 13.29 -3.32
CA PRO A 381 -34.91 13.94 -4.57
C PRO A 381 -33.78 14.32 -5.53
N THR A 382 -32.57 14.43 -5.00
CA THR A 382 -31.42 14.89 -5.82
C THR A 382 -30.49 13.82 -6.36
N ASN A 383 -30.79 12.59 -5.96
CA ASN A 383 -29.97 11.43 -6.34
C ASN A 383 -30.53 10.77 -7.64
N LYS A 384 -30.05 11.28 -8.78
CA LYS A 384 -30.46 10.79 -10.09
C LYS A 384 -30.26 9.30 -10.26
N ALA A 385 -29.06 8.82 -9.93
CA ALA A 385 -28.75 7.41 -10.04
C ALA A 385 -29.73 6.55 -9.27
N LEU A 386 -30.08 6.97 -8.06
CA LEU A 386 -31.01 6.21 -7.23
C LEU A 386 -32.34 6.06 -7.98
N HIS A 387 -32.83 7.18 -8.53
CA HIS A 387 -34.10 7.14 -9.25
C HIS A 387 -34.00 6.30 -10.52
N ARG A 388 -32.85 6.34 -11.18
CA ARG A 388 -32.66 5.55 -12.39
C ARG A 388 -32.73 4.07 -12.03
N TRP A 389 -32.11 3.72 -10.90
CA TRP A 389 -32.13 2.33 -10.45
C TRP A 389 -33.52 1.85 -10.07
N ILE A 390 -34.29 2.70 -9.38
CA ILE A 390 -35.62 2.32 -8.98
C ILE A 390 -36.51 2.12 -10.20
N ASP A 391 -36.33 2.96 -11.22
CA ASP A 391 -37.15 2.83 -12.43
C ASP A 391 -36.80 1.55 -13.18
N MET A 392 -35.53 1.16 -13.18
CA MET A 392 -35.14 -0.07 -13.84
C MET A 392 -35.75 -1.24 -13.09
N ALA A 393 -35.60 -1.21 -11.76
CA ALA A 393 -36.13 -2.26 -10.90
C ALA A 393 -37.62 -2.47 -11.14
N GLN A 394 -38.36 -1.38 -11.15
CA GLN A 394 -39.80 -1.46 -11.35
C GLN A 394 -40.15 -2.02 -12.73
N GLU A 395 -39.35 -1.69 -13.73
CA GLU A 395 -39.66 -2.20 -15.06
C GLU A 395 -39.16 -3.60 -15.36
N LYS A 396 -37.97 -3.95 -14.88
CA LYS A 396 -37.42 -5.28 -15.20
C LYS A 396 -37.46 -6.37 -14.15
N VAL A 397 -37.80 -6.03 -12.91
CA VAL A 397 -37.84 -7.07 -11.89
C VAL A 397 -39.23 -7.60 -11.62
N THR A 398 -39.36 -8.92 -11.64
CA THR A 398 -40.63 -9.58 -11.36
C THR A 398 -40.54 -10.16 -9.95
N PHE A 399 -41.46 -9.77 -9.09
CA PHE A 399 -41.46 -10.23 -7.71
C PHE A 399 -41.47 -11.75 -7.55
N GLN A 400 -40.87 -12.21 -6.46
CA GLN A 400 -40.82 -13.62 -6.13
C GLN A 400 -41.25 -13.70 -4.67
N GLY A 401 -42.21 -14.58 -4.36
CA GLY A 401 -42.69 -14.69 -2.99
C GLY A 401 -43.19 -13.34 -2.52
N LEU A 402 -42.90 -12.97 -1.28
CA LEU A 402 -43.33 -11.68 -0.77
C LEU A 402 -42.67 -10.56 -1.59
N PRO A 403 -43.48 -9.56 -2.03
CA PRO A 403 -42.91 -8.47 -2.81
C PRO A 403 -41.75 -7.83 -2.05
N SER A 404 -40.63 -7.61 -2.75
CA SER A 404 -39.45 -7.04 -2.13
C SER A 404 -38.68 -6.07 -3.02
N ARG A 405 -37.71 -5.38 -2.44
CA ARG A 405 -36.92 -4.43 -3.20
C ARG A 405 -35.47 -4.41 -2.76
N ILE A 406 -34.57 -4.45 -3.74
CA ILE A 406 -33.14 -4.38 -3.46
C ILE A 406 -32.79 -2.92 -3.80
N CYS A 407 -32.15 -2.22 -2.88
CA CYS A 407 -31.78 -0.83 -3.12
C CYS A 407 -30.62 -0.41 -2.26
N TRP A 408 -29.43 -0.36 -2.86
CA TRP A 408 -28.23 0.02 -2.14
C TRP A 408 -28.26 1.43 -1.57
N LEU A 409 -28.36 1.53 -0.26
CA LEU A 409 -28.35 2.82 0.41
C LEU A 409 -27.12 2.85 1.32
N GLY A 410 -26.55 4.04 1.51
CA GLY A 410 -25.36 4.16 2.33
C GLY A 410 -25.64 4.62 3.75
N TYR A 411 -24.58 4.99 4.46
CA TYR A 411 -24.72 5.45 5.83
C TYR A 411 -25.62 6.67 5.87
N GLY A 412 -26.55 6.70 6.82
CA GLY A 412 -27.46 7.83 6.91
C GLY A 412 -28.71 7.57 6.09
N GLU A 413 -28.53 7.28 4.80
CA GLU A 413 -29.65 6.98 3.91
C GLU A 413 -30.47 5.80 4.43
N ARG A 414 -29.81 4.84 5.06
CA ARG A 414 -30.52 3.67 5.59
C ARG A 414 -31.45 4.05 6.74
N LYS A 415 -30.91 4.79 7.70
CA LYS A 415 -31.70 5.22 8.84
C LYS A 415 -32.89 6.02 8.36
N LYS A 416 -32.62 7.01 7.52
CA LYS A 416 -33.66 7.89 6.98
C LYS A 416 -34.78 7.12 6.28
N MET A 417 -34.42 6.10 5.51
CA MET A 417 -35.42 5.30 4.81
C MET A 417 -36.17 4.43 5.80
N GLY A 418 -35.43 3.80 6.71
CA GLY A 418 -36.06 2.93 7.69
C GLY A 418 -37.09 3.64 8.58
N LEU A 419 -36.77 4.84 9.03
CA LEU A 419 -37.69 5.60 9.88
C LEU A 419 -38.91 6.02 9.08
N ALA A 420 -38.70 6.40 7.83
CA ALA A 420 -39.79 6.83 6.96
C ALA A 420 -40.74 5.66 6.72
N ILE A 421 -40.16 4.48 6.45
CA ILE A 421 -40.96 3.28 6.21
C ILE A 421 -41.82 2.97 7.44
N ASN A 422 -41.23 3.08 8.61
CA ASN A 422 -41.96 2.80 9.84
C ASN A 422 -43.13 3.76 10.00
N GLU A 423 -42.93 5.01 9.57
CA GLU A 423 -43.96 6.03 9.67
C GLU A 423 -45.16 5.69 8.78
N LEU A 424 -44.89 5.17 7.59
CA LEU A 424 -45.96 4.81 6.66
C LEU A 424 -46.70 3.56 7.14
N VAL A 425 -46.00 2.71 7.89
CA VAL A 425 -46.64 1.51 8.41
C VAL A 425 -47.61 1.96 9.49
N ARG A 426 -47.20 2.97 10.27
CA ARG A 426 -48.02 3.49 11.34
C ARG A 426 -49.25 4.23 10.83
N THR A 427 -49.10 5.04 9.78
CA THR A 427 -50.24 5.78 9.24
C THR A 427 -51.12 4.92 8.35
N GLY A 428 -50.58 3.78 7.92
CA GLY A 428 -51.37 2.90 7.08
C GLY A 428 -51.12 3.01 5.59
N GLU A 429 -50.24 3.92 5.15
CA GLU A 429 -49.95 4.04 3.73
C GLU A 429 -49.32 2.74 3.26
N LEU A 430 -48.64 2.05 4.19
CA LEU A 430 -48.06 0.74 3.92
C LEU A 430 -49.07 -0.16 4.61
N LYS A 431 -49.60 -1.13 3.87
CA LYS A 431 -50.62 -2.02 4.40
C LYS A 431 -50.28 -2.99 5.54
N ALA A 432 -49.00 -3.22 5.78
CA ALA A 432 -48.58 -4.11 6.86
C ALA A 432 -47.13 -3.81 7.19
N PRO A 433 -46.59 -4.38 8.28
CA PRO A 433 -45.19 -4.10 8.59
C PRO A 433 -44.24 -4.59 7.51
N VAL A 434 -43.05 -4.00 7.43
CA VAL A 434 -42.06 -4.42 6.42
C VAL A 434 -40.71 -4.77 7.06
N VAL A 435 -40.14 -5.88 6.61
CA VAL A 435 -38.86 -6.35 7.12
C VAL A 435 -37.71 -5.68 6.38
N ILE A 436 -36.79 -5.10 7.15
CA ILE A 436 -35.62 -4.43 6.61
C ILE A 436 -34.40 -5.30 6.87
N GLY A 437 -33.68 -5.63 5.81
CA GLY A 437 -32.51 -6.47 5.96
C GLY A 437 -31.45 -6.22 4.92
N ARG A 438 -30.66 -7.26 4.64
CA ARG A 438 -29.58 -7.16 3.66
C ARG A 438 -28.89 -8.50 3.54
N ASP A 439 -27.97 -8.62 2.58
CA ASP A 439 -27.21 -9.85 2.41
C ASP A 439 -26.10 -9.73 3.44
N HIS A 440 -25.36 -10.80 3.67
CA HIS A 440 -24.26 -10.69 4.64
C HIS A 440 -23.10 -9.97 3.99
N LEU A 441 -23.10 -9.93 2.66
CA LEU A 441 -22.07 -9.20 1.94
C LEU A 441 -22.49 -7.76 2.13
N ASP A 442 -21.73 -7.00 2.91
CA ASP A 442 -22.06 -5.60 3.17
C ASP A 442 -20.79 -4.85 3.53
N CYS A 443 -20.90 -3.54 3.70
CA CYS A 443 -19.73 -2.73 3.99
C CYS A 443 -18.97 -3.05 5.28
N GLY A 444 -19.67 -3.45 6.33
CA GLY A 444 -18.95 -3.76 7.57
C GLY A 444 -19.36 -5.04 8.28
N SER A 445 -19.90 -5.99 7.54
CA SER A 445 -20.36 -7.22 8.16
C SER A 445 -19.59 -8.49 7.78
N VAL A 446 -18.51 -8.37 7.02
CA VAL A 446 -17.82 -9.57 6.57
C VAL A 446 -16.31 -9.51 6.33
N ALA A 447 -15.65 -10.63 6.59
CA ALA A 447 -14.22 -10.78 6.38
C ALA A 447 -14.11 -11.95 5.42
N SER A 448 -13.43 -11.74 4.30
CA SER A 448 -13.31 -12.77 3.27
C SER A 448 -12.18 -12.42 2.31
N PRO A 449 -10.95 -12.87 2.60
CA PRO A 449 -9.76 -12.61 1.79
C PRO A 449 -9.88 -12.82 0.28
N ASN A 450 -10.73 -13.76 -0.14
CA ASN A 450 -10.92 -14.01 -1.57
C ASN A 450 -12.14 -13.30 -2.15
N ARG A 451 -12.76 -12.42 -1.36
CA ARG A 451 -13.92 -11.68 -1.87
C ARG A 451 -14.08 -10.26 -1.32
N GLU A 452 -14.99 -10.06 -0.37
CA GLU A 452 -15.23 -8.73 0.20
C GLU A 452 -14.02 -7.99 0.78
N THR A 453 -13.08 -8.70 1.42
CA THR A 453 -11.91 -8.04 1.98
C THR A 453 -10.62 -8.41 1.25
N GLU A 454 -10.77 -8.77 -0.02
CA GLU A 454 -9.64 -9.12 -0.85
C GLU A 454 -8.77 -7.91 -1.08
N ALA A 455 -7.48 -8.06 -0.80
CA ALA A 455 -6.52 -6.98 -1.02
C ALA A 455 -6.87 -5.64 -0.38
N MET A 456 -7.11 -5.64 0.93
CA MET A 456 -7.37 -4.40 1.66
C MET A 456 -6.04 -3.66 1.56
N LYS A 457 -6.07 -2.35 1.40
CA LYS A 457 -4.83 -1.58 1.26
C LYS A 457 -3.79 -1.81 2.34
N ASP A 458 -4.25 -2.08 3.56
CA ASP A 458 -3.34 -2.30 4.67
C ASP A 458 -3.06 -3.77 4.92
N GLY A 459 -3.61 -4.63 4.06
CA GLY A 459 -3.38 -6.06 4.22
C GLY A 459 -4.11 -6.75 5.37
N SER A 460 -5.17 -6.14 5.87
CA SER A 460 -5.95 -6.72 6.97
C SER A 460 -7.00 -7.71 6.45
N ASP A 461 -6.81 -8.19 5.22
CA ASP A 461 -7.72 -9.15 4.59
C ASP A 461 -8.37 -10.17 5.53
N ALA A 462 -7.53 -10.85 6.31
CA ALA A 462 -7.98 -11.91 7.21
C ALA A 462 -8.55 -11.55 8.57
N VAL A 463 -8.53 -10.27 8.94
CA VAL A 463 -9.06 -9.88 10.24
C VAL A 463 -10.55 -10.15 10.29
N GLY A 464 -10.97 -10.99 11.23
CA GLY A 464 -12.38 -11.31 11.36
C GLY A 464 -13.08 -10.59 12.52
N ASP A 465 -12.35 -9.77 13.27
CA ASP A 465 -12.95 -9.05 14.40
C ASP A 465 -14.16 -8.20 14.05
N TRP A 466 -14.06 -7.47 12.94
CA TRP A 466 -15.13 -6.58 12.55
C TRP A 466 -16.45 -7.30 12.29
N ALA A 467 -16.38 -8.43 11.59
CA ALA A 467 -17.59 -9.20 11.31
C ALA A 467 -18.24 -9.57 12.64
N VAL A 468 -17.43 -9.99 13.61
CA VAL A 468 -17.97 -10.35 14.92
C VAL A 468 -18.56 -9.11 15.58
N LEU A 469 -17.86 -7.99 15.49
CA LEU A 469 -18.33 -6.74 16.08
C LEU A 469 -19.64 -6.28 15.46
N ASN A 470 -19.80 -6.55 14.17
CA ASN A 470 -21.03 -6.15 13.48
C ASN A 470 -22.24 -6.80 14.15
N ALA A 471 -22.15 -8.10 14.39
CA ALA A 471 -23.24 -8.85 15.02
C ALA A 471 -23.49 -8.44 16.46
N LEU A 472 -22.41 -8.21 17.21
CA LEU A 472 -22.50 -7.81 18.61
C LEU A 472 -23.19 -6.46 18.80
N VAL A 473 -22.77 -5.45 18.03
CA VAL A 473 -23.35 -4.11 18.14
C VAL A 473 -24.77 -4.04 17.66
N ASN A 474 -25.10 -4.80 16.61
CA ASN A 474 -26.47 -4.77 16.11
C ASN A 474 -27.42 -5.45 17.08
N THR A 475 -26.91 -6.36 17.91
CA THR A 475 -27.76 -7.02 18.90
C THR A 475 -27.99 -5.99 20.01
N ALA A 476 -26.94 -5.25 20.35
CA ALA A 476 -27.03 -4.23 21.38
C ALA A 476 -27.91 -3.07 20.91
N ALA A 477 -27.82 -2.74 19.62
CA ALA A 477 -28.59 -1.64 19.05
C ALA A 477 -30.10 -1.92 18.95
N GLY A 478 -30.49 -3.19 18.93
CA GLY A 478 -31.91 -3.50 18.85
C GLY A 478 -32.46 -4.08 17.56
N ALA A 479 -31.65 -4.83 16.83
CA ALA A 479 -32.09 -5.46 15.60
C ALA A 479 -33.19 -6.46 15.97
N SER A 480 -33.90 -6.98 14.97
CA SER A 480 -34.96 -7.95 15.21
C SER A 480 -34.40 -9.36 15.28
N TRP A 481 -33.45 -9.67 14.39
CA TRP A 481 -32.77 -10.97 14.47
C TRP A 481 -31.38 -10.82 13.85
N VAL A 482 -30.39 -11.25 14.61
CA VAL A 482 -28.99 -11.16 14.22
C VAL A 482 -28.42 -12.55 14.00
N SER A 483 -27.57 -12.65 12.98
CA SER A 483 -26.95 -13.92 12.62
C SER A 483 -25.45 -13.80 12.40
N PHE A 484 -24.73 -14.88 12.72
CA PHE A 484 -23.30 -14.93 12.50
C PHE A 484 -23.03 -16.26 11.78
N HIS A 485 -22.56 -16.17 10.53
CA HIS A 485 -22.27 -17.37 9.74
C HIS A 485 -20.81 -17.48 9.36
N HIS A 486 -20.42 -18.66 8.90
CA HIS A 486 -19.06 -18.97 8.46
C HIS A 486 -19.09 -19.66 7.08
N GLY A 487 -18.19 -19.26 6.19
CA GLY A 487 -18.12 -19.90 4.89
C GLY A 487 -19.13 -19.51 3.83
N GLY A 488 -19.94 -18.49 4.11
CA GLY A 488 -20.91 -18.06 3.12
C GLY A 488 -20.20 -17.54 1.88
N GLY A 489 -20.79 -17.80 0.71
CA GLY A 489 -20.22 -17.33 -0.54
C GLY A 489 -18.98 -18.05 -1.06
N VAL A 490 -17.91 -18.08 -0.27
CA VAL A 490 -16.66 -18.70 -0.70
C VAL A 490 -16.36 -20.10 -0.16
N GLY A 491 -17.22 -20.60 0.74
CA GLY A 491 -17.01 -21.93 1.27
C GLY A 491 -16.27 -22.00 2.60
N MET A 492 -16.26 -23.21 3.17
CA MET A 492 -15.60 -23.46 4.45
C MET A 492 -14.20 -22.90 4.58
N GLY A 493 -13.92 -22.30 5.72
CA GLY A 493 -12.61 -21.74 5.99
C GLY A 493 -12.23 -20.44 5.33
N TYR A 494 -13.07 -19.94 4.42
CA TYR A 494 -12.71 -18.69 3.74
C TYR A 494 -13.47 -17.41 4.11
N SER A 495 -14.44 -17.48 5.02
CA SER A 495 -15.16 -16.27 5.41
C SER A 495 -15.94 -16.37 6.71
N LEU A 496 -16.12 -15.21 7.35
CA LEU A 496 -16.86 -15.05 8.59
C LEU A 496 -17.69 -13.79 8.31
N HIS A 497 -18.98 -13.81 8.64
CA HIS A 497 -19.83 -12.66 8.36
C HIS A 497 -21.08 -12.62 9.22
N ALA A 498 -21.68 -11.44 9.29
CA ALA A 498 -22.88 -11.24 10.10
C ALA A 498 -24.04 -10.68 9.29
N GLY A 499 -25.25 -10.95 9.78
CA GLY A 499 -26.44 -10.45 9.12
C GLY A 499 -27.31 -9.72 10.12
N MET A 500 -28.17 -8.84 9.63
CA MET A 500 -29.05 -8.10 10.53
C MET A 500 -30.37 -7.79 9.87
N VAL A 501 -31.44 -8.05 10.61
CA VAL A 501 -32.78 -7.77 10.11
C VAL A 501 -33.54 -7.07 11.23
N ALA A 502 -34.27 -6.02 10.86
CA ALA A 502 -35.04 -5.25 11.82
C ALA A 502 -36.43 -5.03 11.25
N VAL A 503 -37.45 -5.18 12.07
CA VAL A 503 -38.82 -5.00 11.60
C VAL A 503 -39.43 -3.63 11.84
N ALA A 504 -40.03 -3.07 10.80
CA ALA A 504 -40.69 -1.77 10.89
C ALA A 504 -42.17 -2.07 11.03
N ASP A 505 -42.63 -2.18 12.27
CA ASP A 505 -44.04 -2.47 12.55
C ASP A 505 -44.84 -1.20 12.88
N GLY A 506 -44.21 -0.04 12.69
CA GLY A 506 -44.90 1.22 12.95
C GLY A 506 -44.96 1.75 14.38
N SER A 507 -44.52 0.94 15.33
CA SER A 507 -44.54 1.33 16.75
C SER A 507 -43.43 2.33 17.10
N GLU A 508 -43.56 2.95 18.27
CA GLU A 508 -42.56 3.91 18.71
C GLU A 508 -41.29 3.15 19.06
N LEU A 509 -41.45 1.93 19.55
CA LEU A 509 -40.31 1.08 19.92
C LEU A 509 -39.44 0.90 18.67
N ALA A 510 -40.07 0.56 17.55
CA ALA A 510 -39.37 0.35 16.29
C ALA A 510 -38.63 1.61 15.86
N ASP A 511 -39.22 2.77 16.08
CA ASP A 511 -38.56 4.03 15.71
C ASP A 511 -37.22 4.12 16.42
N GLU A 512 -37.25 3.76 17.70
CA GLU A 512 -36.07 3.79 18.55
C GLU A 512 -35.02 2.79 18.07
N ARG A 513 -35.42 1.54 17.97
CA ARG A 513 -34.50 0.48 17.55
C ARG A 513 -33.95 0.70 16.14
N LEU A 514 -34.83 1.06 15.21
CA LEU A 514 -34.41 1.29 13.83
C LEU A 514 -33.35 2.37 13.73
N ALA A 515 -33.57 3.51 14.39
CA ALA A 515 -32.61 4.60 14.36
C ALA A 515 -31.24 4.16 14.85
N ARG A 516 -31.25 3.29 15.86
CA ARG A 516 -30.03 2.75 16.45
C ARG A 516 -29.28 1.76 15.55
N VAL A 517 -29.97 0.69 15.17
CA VAL A 517 -29.36 -0.36 14.37
C VAL A 517 -29.07 0.05 12.93
N LEU A 518 -29.92 0.89 12.34
CA LEU A 518 -29.69 1.32 10.98
C LEU A 518 -28.52 2.29 10.94
N THR A 519 -28.06 2.69 12.13
CA THR A 519 -26.91 3.57 12.26
C THR A 519 -25.65 2.73 12.50
N SER A 520 -25.75 1.80 13.46
CA SER A 520 -24.62 0.95 13.81
C SER A 520 -24.18 -0.01 12.70
N ASP A 521 -25.14 -0.63 12.02
CA ASP A 521 -24.85 -1.59 10.97
C ASP A 521 -23.97 -1.00 9.87
N PRO A 522 -24.43 0.08 9.18
CA PRO A 522 -23.58 0.64 8.15
C PRO A 522 -22.40 1.39 8.78
N GLY A 523 -22.61 1.93 9.98
CA GLY A 523 -21.54 2.66 10.66
C GLY A 523 -20.32 1.77 10.83
N MET A 524 -20.59 0.51 11.13
CA MET A 524 -19.56 -0.48 11.32
C MET A 524 -18.71 -0.54 10.02
N GLY A 525 -19.39 -0.49 8.88
CA GLY A 525 -18.70 -0.53 7.62
C GLY A 525 -17.79 0.65 7.38
N ILE A 526 -18.20 1.83 7.85
CA ILE A 526 -17.39 3.04 7.68
C ILE A 526 -16.13 3.00 8.53
N ILE A 527 -16.27 2.59 9.77
CA ILE A 527 -15.10 2.54 10.64
C ILE A 527 -14.10 1.47 10.25
N ARG A 528 -14.58 0.37 9.69
CA ARG A 528 -13.68 -0.72 9.29
C ARG A 528 -12.80 -0.26 8.13
N HIS A 529 -13.39 0.48 7.19
CA HIS A 529 -12.62 0.95 6.06
C HIS A 529 -11.80 2.18 6.40
N ALA A 530 -12.27 2.94 7.38
CA ALA A 530 -11.53 4.11 7.81
C ALA A 530 -10.26 3.61 8.51
N ASP A 531 -10.39 2.53 9.28
CA ASP A 531 -9.24 1.97 9.99
C ASP A 531 -8.20 1.40 9.02
N ALA A 532 -8.66 0.89 7.89
CA ALA A 532 -7.76 0.33 6.90
C ALA A 532 -7.04 1.45 6.13
N GLY A 533 -7.51 2.67 6.26
CA GLY A 533 -6.87 3.77 5.58
C GLY A 533 -7.53 4.26 4.30
N TYR A 534 -8.80 3.92 4.11
CA TYR A 534 -9.53 4.37 2.92
C TYR A 534 -10.05 5.78 3.18
N GLU A 535 -9.42 6.75 2.52
CA GLU A 535 -9.78 8.16 2.69
C GLU A 535 -11.26 8.51 2.61
N ARG A 536 -11.96 8.00 1.60
CA ARG A 536 -13.38 8.31 1.50
C ARG A 536 -14.11 7.90 2.77
N ALA A 537 -13.71 6.77 3.34
CA ALA A 537 -14.37 6.29 4.56
C ALA A 537 -13.99 7.21 5.74
N VAL A 538 -12.72 7.61 5.78
CA VAL A 538 -12.26 8.51 6.83
C VAL A 538 -13.06 9.80 6.76
N GLU A 539 -13.33 10.25 5.53
CA GLU A 539 -14.10 11.47 5.28
C GLU A 539 -15.56 11.35 5.72
N VAL A 540 -16.20 10.26 5.31
CA VAL A 540 -17.59 10.02 5.69
C VAL A 540 -17.74 10.06 7.20
N ALA A 541 -16.76 9.52 7.92
CA ALA A 541 -16.79 9.51 9.38
C ALA A 541 -16.87 10.94 9.91
N LYS A 542 -16.00 11.81 9.42
CA LYS A 542 -16.01 13.20 9.86
C LYS A 542 -17.30 13.88 9.41
N GLU A 543 -17.70 13.62 8.18
CA GLU A 543 -18.91 14.22 7.63
C GLU A 543 -20.23 13.88 8.37
N GLN A 544 -20.38 12.65 8.84
CA GLN A 544 -21.61 12.30 9.55
C GLN A 544 -21.42 11.92 11.00
N ASP A 545 -20.36 12.45 11.60
CA ASP A 545 -20.08 12.23 13.01
C ASP A 545 -20.05 10.77 13.46
N ILE A 546 -19.24 9.97 12.78
CA ILE A 546 -19.07 8.57 13.14
C ILE A 546 -17.78 8.56 13.96
N ILE A 547 -17.89 8.20 15.23
CA ILE A 547 -16.74 8.18 16.13
C ILE A 547 -15.64 7.20 15.73
N VAL A 548 -14.44 7.73 15.53
CA VAL A 548 -13.25 6.94 15.22
C VAL A 548 -12.23 7.36 16.26
N PRO A 549 -12.20 6.66 17.40
CA PRO A 549 -11.32 6.89 18.56
C PRO A 549 -9.90 7.39 18.32
N MET A 550 -9.18 6.80 17.38
CA MET A 550 -7.81 7.22 17.15
C MET A 550 -7.57 7.86 15.78
N SER B 7 3.68 2.63 36.45
CA SER B 7 2.84 1.48 36.91
C SER B 7 1.37 1.88 36.96
N ILE B 8 0.52 0.96 36.53
CA ILE B 8 -0.92 1.19 36.49
C ILE B 8 -1.69 0.30 37.45
N ARG B 9 -2.77 0.83 38.02
CA ARG B 9 -3.63 0.10 38.94
C ARG B 9 -5.01 0.73 39.00
N ALA B 10 -6.00 -0.05 39.38
CA ALA B 10 -7.36 0.44 39.44
C ALA B 10 -7.61 1.50 40.52
N ASN B 11 -8.45 2.47 40.18
CA ASN B 11 -8.82 3.52 41.11
C ASN B 11 -9.52 2.82 42.27
N ARG B 12 -9.46 3.41 43.45
CA ARG B 12 -10.09 2.83 44.62
C ARG B 12 -11.06 3.83 45.22
N GLY B 13 -11.97 3.37 46.08
CA GLY B 13 -12.92 4.26 46.70
C GLY B 13 -14.18 4.52 45.91
N THR B 14 -14.99 5.47 46.39
CA THR B 14 -16.25 5.82 45.73
C THR B 14 -16.11 6.98 44.75
N GLU B 15 -14.89 7.47 44.56
CA GLU B 15 -14.67 8.57 43.62
C GLU B 15 -14.72 8.09 42.18
N LEU B 16 -15.46 8.80 41.34
CA LEU B 16 -15.61 8.44 39.93
C LEU B 16 -14.83 9.31 38.94
N GLU B 17 -14.28 8.66 37.92
CA GLU B 17 -13.53 9.34 36.87
C GLU B 17 -14.40 9.31 35.61
N CYS B 18 -15.36 8.39 35.60
CA CYS B 18 -16.28 8.23 34.48
C CYS B 18 -17.63 8.83 34.84
N LEU B 19 -18.56 8.82 33.88
CA LEU B 19 -19.89 9.38 34.06
C LEU B 19 -20.87 8.51 34.86
N GLY B 20 -20.49 7.26 35.10
CA GLY B 20 -21.33 6.35 35.85
C GLY B 20 -20.51 5.19 36.39
N TRP B 21 -21.09 4.42 37.30
CA TRP B 21 -20.36 3.30 37.87
C TRP B 21 -20.08 2.15 36.89
N GLU B 22 -21.00 1.90 35.97
CA GLU B 22 -20.80 0.81 35.01
C GLU B 22 -19.58 1.11 34.17
N GLN B 23 -19.50 2.32 33.61
CA GLN B 23 -18.33 2.68 32.82
C GLN B 23 -17.10 2.75 33.70
N GLU B 24 -17.28 3.16 34.95
CA GLU B 24 -16.15 3.25 35.89
C GLU B 24 -15.61 1.84 36.12
N ALA B 25 -16.53 0.88 36.22
CA ALA B 25 -16.13 -0.52 36.44
C ALA B 25 -15.21 -0.98 35.33
N VAL B 26 -15.53 -0.61 34.09
CA VAL B 26 -14.69 -1.00 32.95
C VAL B 26 -13.29 -0.41 33.14
N LEU B 27 -13.22 0.89 33.38
CA LEU B 27 -11.94 1.54 33.57
C LEU B 27 -11.09 0.88 34.65
N ARG B 28 -11.71 0.54 35.76
CA ARG B 28 -10.96 -0.09 36.86
C ARG B 28 -10.52 -1.53 36.61
N MET B 29 -11.32 -2.31 35.91
CA MET B 29 -10.92 -3.69 35.63
C MET B 29 -9.81 -3.67 34.57
N LEU B 30 -9.89 -2.71 33.65
CA LEU B 30 -8.89 -2.55 32.61
C LEU B 30 -7.54 -2.24 33.27
N ARG B 31 -7.55 -1.30 34.21
CA ARG B 31 -6.32 -0.96 34.89
C ARG B 31 -5.88 -2.10 35.81
N ASN B 32 -6.83 -2.70 36.52
CA ASN B 32 -6.51 -3.80 37.43
C ASN B 32 -5.79 -4.92 36.69
N ASN B 33 -6.06 -5.01 35.39
CA ASN B 33 -5.46 -6.02 34.55
C ASN B 33 -3.97 -5.77 34.35
N LEU B 34 -3.57 -4.51 34.48
CA LEU B 34 -2.17 -4.16 34.32
C LEU B 34 -1.48 -3.80 35.62
N ASP B 35 -2.12 -4.12 36.74
CA ASP B 35 -1.55 -3.84 38.05
C ASP B 35 -0.30 -4.70 38.26
N PRO B 36 0.81 -4.10 38.71
CA PRO B 36 2.06 -4.82 38.94
C PRO B 36 1.84 -6.05 39.81
N GLU B 37 0.86 -5.95 40.70
CA GLU B 37 0.49 -7.04 41.61
C GLU B 37 -0.25 -8.16 40.89
N VAL B 38 -0.89 -7.81 39.78
CA VAL B 38 -1.70 -8.76 39.02
C VAL B 38 -1.10 -9.36 37.75
N ALA B 39 -0.66 -8.50 36.83
CA ALA B 39 -0.09 -8.94 35.56
C ALA B 39 1.33 -9.50 35.63
N GLU B 40 1.68 -10.31 34.64
CA GLU B 40 3.01 -10.91 34.58
C GLU B 40 4.05 -9.94 34.03
N LYS B 41 3.67 -9.17 33.03
CA LYS B 41 4.61 -8.23 32.42
C LYS B 41 3.87 -7.01 31.87
N PRO B 42 3.19 -6.26 32.76
CA PRO B 42 2.41 -5.07 32.41
C PRO B 42 3.13 -3.94 31.67
N GLU B 43 4.46 -3.93 31.68
CA GLU B 43 5.17 -2.87 30.98
C GLU B 43 4.96 -3.01 29.48
N ASP B 44 4.56 -4.20 29.05
CA ASP B 44 4.28 -4.47 27.64
C ASP B 44 2.81 -4.85 27.47
N LEU B 45 1.99 -4.44 28.42
CA LEU B 45 0.55 -4.70 28.40
C LEU B 45 0.23 -6.18 28.52
N ILE B 46 1.23 -6.98 28.89
CA ILE B 46 1.04 -8.41 29.02
C ILE B 46 0.49 -8.81 30.38
N VAL B 47 -0.64 -9.50 30.35
CA VAL B 47 -1.33 -9.95 31.56
C VAL B 47 -0.93 -11.36 31.93
N TYR B 48 -1.04 -12.29 30.97
CA TYR B 48 -0.67 -13.68 31.22
C TYR B 48 -0.66 -14.48 29.93
N GLY B 49 -0.36 -15.77 30.06
CA GLY B 49 -0.36 -16.68 28.93
C GLY B 49 0.41 -16.26 27.70
N GLY B 50 1.72 -16.06 27.83
CA GLY B 50 2.53 -15.66 26.69
C GLY B 50 2.33 -14.18 26.45
N ILE B 51 1.68 -13.83 25.35
CA ILE B 51 1.45 -12.42 25.06
C ILE B 51 -0.03 -12.01 25.08
N GLY B 52 -0.78 -12.52 26.04
CA GLY B 52 -2.18 -12.11 26.15
C GLY B 52 -2.12 -10.69 26.69
N LYS B 53 -2.58 -9.71 25.91
CA LYS B 53 -2.52 -8.33 26.36
C LYS B 53 -3.87 -7.67 26.69
N ALA B 54 -3.80 -6.48 27.28
CA ALA B 54 -4.99 -5.74 27.68
C ALA B 54 -5.43 -4.74 26.61
N ALA B 55 -4.50 -4.36 25.74
CA ALA B 55 -4.77 -3.42 24.65
C ALA B 55 -3.64 -3.59 23.61
N ARG B 56 -3.93 -3.27 22.36
CA ARG B 56 -2.96 -3.43 21.26
C ARG B 56 -1.58 -2.87 21.61
N ASP B 57 -1.54 -1.58 21.95
CA ASP B 57 -0.32 -0.90 22.33
C ASP B 57 -0.69 0.19 23.32
N TRP B 58 0.31 0.91 23.83
CA TRP B 58 0.04 1.96 24.80
C TRP B 58 -0.88 3.06 24.30
N ASP B 59 -0.74 3.45 23.04
CA ASP B 59 -1.60 4.48 22.48
C ASP B 59 -3.05 4.00 22.51
N ALA B 60 -3.25 2.73 22.18
CA ALA B 60 -4.60 2.17 22.19
C ALA B 60 -5.12 2.19 23.63
N PHE B 61 -4.25 1.86 24.57
CA PHE B 61 -4.63 1.85 25.99
C PHE B 61 -5.17 3.19 26.44
N HIS B 62 -4.43 4.25 26.17
CA HIS B 62 -4.85 5.58 26.58
C HIS B 62 -6.10 6.06 25.88
N ALA B 63 -6.30 5.65 24.63
CA ALA B 63 -7.50 6.06 23.89
C ALA B 63 -8.71 5.38 24.54
N ILE B 64 -8.54 4.12 24.96
CA ILE B 64 -9.62 3.39 25.60
C ILE B 64 -10.01 4.11 26.89
N GLU B 65 -9.02 4.47 27.71
CA GLU B 65 -9.30 5.18 28.94
C GLU B 65 -10.13 6.42 28.68
N HIS B 66 -9.67 7.25 27.74
CA HIS B 66 -10.36 8.48 27.38
C HIS B 66 -11.79 8.20 26.92
N SER B 67 -11.98 7.17 26.11
CA SER B 67 -13.32 6.83 25.62
C SER B 67 -14.22 6.40 26.78
N LEU B 68 -13.65 5.64 27.70
CA LEU B 68 -14.39 5.15 28.84
C LEU B 68 -14.86 6.25 29.79
N LYS B 69 -14.08 7.32 29.88
CA LYS B 69 -14.42 8.42 30.78
C LYS B 69 -15.56 9.30 30.26
N THR B 70 -15.77 9.29 28.95
CA THR B 70 -16.83 10.10 28.36
C THR B 70 -18.01 9.27 27.90
N LEU B 71 -17.87 7.95 27.97
CA LEU B 71 -18.92 7.03 27.54
C LEU B 71 -20.18 7.21 28.38
N LYS B 72 -21.31 7.42 27.71
CA LYS B 72 -22.58 7.63 28.39
C LYS B 72 -23.30 6.33 28.80
N ASN B 73 -24.31 6.47 29.65
CA ASN B 73 -25.07 5.34 30.16
C ASN B 73 -25.79 4.49 29.12
N ASP B 74 -26.01 5.04 27.93
CA ASP B 74 -26.72 4.30 26.89
C ASP B 74 -25.88 4.15 25.63
N GLU B 75 -24.57 4.21 25.78
CA GLU B 75 -23.65 4.10 24.65
C GLU B 75 -22.80 2.83 24.71
N THR B 76 -22.24 2.44 23.57
CA THR B 76 -21.40 1.24 23.51
C THR B 76 -20.11 1.44 22.74
N LEU B 77 -18.98 1.19 23.41
CA LEU B 77 -17.67 1.32 22.81
C LEU B 77 -17.31 0.00 22.12
N LEU B 78 -16.67 0.10 20.96
CA LEU B 78 -16.26 -1.11 20.23
C LEU B 78 -14.75 -1.24 20.26
N VAL B 79 -14.28 -2.40 20.71
CA VAL B 79 -12.86 -2.70 20.81
C VAL B 79 -12.53 -3.86 19.87
N GLN B 80 -11.59 -3.62 18.97
CA GLN B 80 -11.16 -4.61 17.97
C GLN B 80 -9.68 -4.95 18.25
N SER B 81 -9.45 -6.18 18.72
CA SER B 81 -8.09 -6.61 19.05
C SER B 81 -7.33 -5.54 19.87
N GLY B 82 -7.90 -5.19 21.03
CA GLY B 82 -7.28 -4.23 21.91
C GLY B 82 -7.20 -2.79 21.44
N LYS B 83 -8.01 -2.44 20.44
CA LYS B 83 -8.02 -1.10 19.91
C LYS B 83 -9.45 -0.54 19.83
N PRO B 84 -9.67 0.67 20.36
CA PRO B 84 -11.00 1.27 20.31
C PRO B 84 -11.23 1.75 18.88
N VAL B 85 -12.21 1.16 18.20
CA VAL B 85 -12.45 1.52 16.81
C VAL B 85 -13.79 2.18 16.50
N GLY B 86 -14.67 2.22 17.48
CA GLY B 86 -15.97 2.85 17.26
C GLY B 86 -16.80 2.97 18.51
N MET B 87 -17.88 3.74 18.44
CA MET B 87 -18.77 3.95 19.58
C MET B 87 -20.15 4.31 19.04
N PHE B 88 -21.16 3.56 19.43
CA PHE B 88 -22.52 3.82 18.96
C PHE B 88 -23.54 3.87 20.07
N ARG B 89 -24.64 4.56 19.81
CA ARG B 89 -25.71 4.67 20.78
C ARG B 89 -26.52 3.40 20.74
N THR B 90 -26.76 2.83 21.90
CA THR B 90 -27.54 1.61 22.01
C THR B 90 -28.61 1.82 23.08
N HIS B 91 -28.55 1.06 24.16
CA HIS B 91 -29.54 1.20 25.24
C HIS B 91 -28.91 1.04 26.61
N PRO B 92 -29.60 1.54 27.65
CA PRO B 92 -29.11 1.45 29.03
C PRO B 92 -28.84 0.00 29.45
N GLN B 93 -29.60 -0.92 28.88
CA GLN B 93 -29.44 -2.33 29.22
C GLN B 93 -28.44 -3.06 28.35
N ALA B 94 -28.04 -2.44 27.25
CA ALA B 94 -27.05 -3.05 26.36
C ALA B 94 -25.68 -2.86 26.98
N PRO B 95 -24.71 -3.72 26.63
CA PRO B 95 -23.34 -3.64 27.15
C PRO B 95 -22.68 -2.30 26.86
N ARG B 96 -21.82 -1.85 27.77
CA ARG B 96 -21.10 -0.59 27.61
C ARG B 96 -19.91 -0.78 26.66
N VAL B 97 -19.39 -2.01 26.58
CA VAL B 97 -18.28 -2.30 25.70
C VAL B 97 -18.44 -3.68 25.07
N LEU B 98 -18.18 -3.76 23.76
CA LEU B 98 -18.25 -5.00 23.00
C LEU B 98 -16.85 -5.24 22.46
N LEU B 99 -16.30 -6.42 22.67
CA LEU B 99 -14.95 -6.67 22.20
C LEU B 99 -14.77 -7.92 21.35
N ALA B 100 -13.98 -7.79 20.30
CA ALA B 100 -13.68 -8.91 19.40
C ALA B 100 -12.16 -8.90 19.29
N ASN B 101 -11.51 -9.92 19.86
CA ASN B 101 -10.05 -9.98 19.83
C ASN B 101 -9.45 -11.23 19.19
N SER B 102 -8.44 -11.01 18.34
CA SER B 102 -7.69 -12.09 17.69
C SER B 102 -8.42 -12.92 16.65
N VAL B 103 -9.64 -12.56 16.28
CA VAL B 103 -10.37 -13.35 15.30
C VAL B 103 -9.79 -13.27 13.89
N LEU B 104 -9.47 -14.42 13.31
CA LEU B 104 -8.91 -14.50 11.95
C LEU B 104 -9.74 -15.45 11.10
N VAL B 105 -9.89 -15.14 9.81
CA VAL B 105 -10.64 -16.06 8.96
C VAL B 105 -9.89 -17.39 9.08
N PRO B 106 -10.63 -18.50 9.28
CA PRO B 106 -10.06 -19.84 9.44
C PRO B 106 -8.78 -20.20 8.68
N LYS B 107 -8.81 -20.10 7.37
CA LYS B 107 -7.65 -20.43 6.57
C LYS B 107 -6.39 -19.66 6.98
N TRP B 108 -6.57 -18.54 7.65
CA TRP B 108 -5.44 -17.73 8.10
C TRP B 108 -5.28 -17.73 9.60
N ALA B 109 -5.97 -18.63 10.29
CA ALA B 109 -5.91 -18.67 11.74
C ALA B 109 -4.72 -19.43 12.30
N ASP B 110 -3.52 -18.97 11.98
CA ASP B 110 -2.31 -19.62 12.48
C ASP B 110 -1.37 -18.56 13.05
N TRP B 111 -0.37 -18.98 13.82
CA TRP B 111 0.55 -18.02 14.40
C TRP B 111 1.34 -17.24 13.36
N GLU B 112 1.61 -17.86 12.21
CA GLU B 112 2.36 -17.16 11.18
C GLU B 112 1.63 -15.91 10.70
N HIS B 113 0.35 -16.03 10.41
CA HIS B 113 -0.36 -14.85 9.94
C HIS B 113 -0.61 -13.87 11.09
N PHE B 114 -0.76 -14.37 12.31
CA PHE B 114 -0.96 -13.49 13.47
C PHE B 114 0.25 -12.58 13.66
N HIS B 115 1.44 -13.18 13.68
CA HIS B 115 2.66 -12.40 13.84
C HIS B 115 2.86 -11.41 12.69
N GLU B 116 2.50 -11.81 11.49
CA GLU B 116 2.64 -10.90 10.35
C GLU B 116 1.75 -9.66 10.57
N LEU B 117 0.53 -9.87 11.02
CA LEU B 117 -0.37 -8.75 11.28
C LEU B 117 0.08 -7.96 12.51
N GLU B 118 0.56 -8.69 13.51
CA GLU B 118 0.99 -8.03 14.74
C GLU B 118 2.13 -7.04 14.55
N LYS B 119 3.10 -7.38 13.71
CA LYS B 119 4.23 -6.46 13.48
C LYS B 119 3.81 -5.26 12.65
N LYS B 120 2.67 -5.38 11.97
CA LYS B 120 2.14 -4.28 11.18
C LYS B 120 1.24 -3.43 12.08
N GLY B 121 1.16 -3.82 13.35
CA GLY B 121 0.32 -3.10 14.30
C GLY B 121 -1.15 -3.35 14.02
N LEU B 122 -1.46 -4.53 13.50
CA LEU B 122 -2.84 -4.89 13.17
C LEU B 122 -3.40 -6.03 14.01
N MET B 123 -2.65 -6.46 15.03
CA MET B 123 -3.11 -7.57 15.85
C MET B 123 -2.70 -7.51 17.33
N MET B 124 -3.43 -8.25 18.14
CA MET B 124 -3.17 -8.38 19.57
C MET B 124 -3.80 -9.71 19.98
N TYR B 125 -3.13 -10.43 20.86
CA TYR B 125 -3.65 -11.71 21.35
C TYR B 125 -4.38 -11.41 22.65
N GLY B 126 -5.66 -11.72 22.69
CA GLY B 126 -6.42 -11.44 23.88
C GLY B 126 -6.50 -12.59 24.87
N GLN B 127 -5.88 -13.72 24.54
CA GLN B 127 -5.96 -14.87 25.43
C GLN B 127 -7.45 -14.95 25.77
N MET B 128 -7.78 -15.11 27.04
CA MET B 128 -9.19 -15.16 27.42
C MET B 128 -9.58 -13.92 28.22
N THR B 129 -8.99 -13.75 29.40
CA THR B 129 -9.31 -12.62 30.27
C THR B 129 -8.34 -11.45 30.22
N ALA B 130 -7.28 -11.55 29.40
CA ALA B 130 -6.32 -10.47 29.28
C ALA B 130 -6.93 -9.34 28.48
N GLY B 131 -7.46 -9.68 27.30
CA GLY B 131 -8.06 -8.67 26.45
C GLY B 131 -9.48 -8.30 26.80
N SER B 132 -10.09 -9.04 27.72
CA SER B 132 -11.49 -8.80 28.14
C SER B 132 -11.59 -8.26 29.56
N TRP B 133 -10.46 -7.78 30.06
CA TRP B 133 -10.35 -7.16 31.37
C TRP B 133 -11.10 -7.78 32.55
N ILE B 134 -10.81 -9.04 32.86
CA ILE B 134 -11.47 -9.69 33.98
C ILE B 134 -10.50 -10.69 34.64
N TYR B 135 -9.21 -10.36 34.56
CA TYR B 135 -8.15 -11.17 35.14
C TYR B 135 -7.99 -10.75 36.60
N ILE B 136 -7.78 -11.72 37.49
CA ILE B 136 -7.63 -11.42 38.90
C ILE B 136 -6.42 -12.12 39.51
N GLY B 137 -5.30 -12.10 38.80
CA GLY B 137 -4.11 -12.76 39.28
C GLY B 137 -4.24 -14.27 39.13
N SER B 138 -3.45 -15.01 39.91
CA SER B 138 -3.45 -16.47 39.86
C SER B 138 -4.73 -17.12 40.40
N GLN B 139 -5.47 -16.40 41.22
CA GLN B 139 -6.71 -16.92 41.80
C GLN B 139 -7.76 -17.31 40.75
N GLY B 140 -7.76 -16.60 39.63
CA GLY B 140 -8.74 -16.87 38.57
C GLY B 140 -8.89 -18.34 38.20
N ILE B 141 -7.77 -19.03 38.04
CA ILE B 141 -7.79 -20.44 37.64
C ILE B 141 -7.61 -21.39 38.84
N LEU B 142 -7.33 -20.82 40.01
CA LEU B 142 -7.08 -21.63 41.20
C LEU B 142 -8.09 -22.73 41.53
N GLN B 143 -9.37 -22.41 41.59
CA GLN B 143 -10.34 -23.45 41.91
C GLN B 143 -10.44 -24.47 40.79
N GLY B 144 -10.30 -24.01 39.55
CA GLY B 144 -10.37 -24.94 38.43
C GLY B 144 -9.28 -25.99 38.57
N THR B 145 -8.08 -25.55 38.89
CA THR B 145 -6.95 -26.45 39.03
C THR B 145 -7.09 -27.32 40.28
N TYR B 146 -7.60 -26.73 41.35
CA TYR B 146 -7.82 -27.45 42.58
C TYR B 146 -8.81 -28.59 42.30
N GLU B 147 -9.93 -28.22 41.66
CA GLU B 147 -10.98 -29.18 41.33
C GLU B 147 -10.50 -30.28 40.39
N THR B 148 -9.60 -29.93 39.49
CA THR B 148 -9.07 -30.91 38.56
C THR B 148 -8.29 -31.96 39.34
N PHE B 149 -7.38 -31.51 40.20
CA PHE B 149 -6.60 -32.43 41.01
C PHE B 149 -7.49 -33.15 42.04
N ALA B 150 -8.49 -32.44 42.56
CA ALA B 150 -9.41 -33.02 43.54
C ALA B 150 -10.17 -34.20 42.94
N GLU B 151 -10.71 -34.03 41.74
CA GLU B 151 -11.45 -35.08 41.06
C GLU B 151 -10.53 -36.22 40.66
N LEU B 152 -9.30 -35.89 40.31
CA LEU B 152 -8.32 -36.90 39.93
C LEU B 152 -8.01 -37.75 41.15
N ALA B 153 -7.91 -37.10 42.30
CA ALA B 153 -7.60 -37.77 43.56
C ALA B 153 -8.70 -38.78 43.88
N ARG B 154 -9.95 -38.34 43.81
CA ARG B 154 -11.08 -39.22 44.10
C ARG B 154 -11.04 -40.42 43.15
N GLN B 155 -10.63 -40.17 41.90
CA GLN B 155 -10.58 -41.23 40.90
C GLN B 155 -9.45 -42.25 41.04
N HIS B 156 -8.26 -41.79 41.43
CA HIS B 156 -7.13 -42.71 41.53
C HIS B 156 -6.45 -42.86 42.90
N PHE B 157 -6.67 -41.94 43.83
CA PHE B 157 -5.99 -42.05 45.11
C PHE B 157 -6.86 -41.96 46.38
N GLY B 158 -8.01 -42.60 46.35
CA GLY B 158 -8.89 -42.62 47.51
C GLY B 158 -9.54 -41.32 47.95
N GLY B 159 -9.32 -40.22 47.23
CA GLY B 159 -9.94 -38.97 47.61
C GLY B 159 -9.03 -37.96 48.27
N SER B 160 -7.73 -38.12 48.04
CA SER B 160 -6.75 -37.20 48.61
C SER B 160 -5.40 -37.43 47.96
N LEU B 161 -4.61 -36.36 47.84
CA LEU B 161 -3.30 -36.47 47.24
C LEU B 161 -2.22 -36.65 48.30
N LYS B 162 -2.64 -36.71 49.56
CA LYS B 162 -1.69 -36.92 50.63
C LYS B 162 -0.89 -38.17 50.27
N GLY B 163 0.44 -38.06 50.31
CA GLY B 163 1.27 -39.20 50.00
C GLY B 163 1.60 -39.39 48.53
N THR B 164 1.24 -38.42 47.70
CA THR B 164 1.52 -38.53 46.27
C THR B 164 2.42 -37.38 45.84
N LEU B 165 3.18 -37.61 44.77
CA LEU B 165 4.09 -36.61 44.24
C LEU B 165 3.66 -36.26 42.82
N THR B 166 3.43 -34.98 42.58
CA THR B 166 3.03 -34.53 41.26
C THR B 166 4.19 -33.79 40.62
N LEU B 167 4.39 -34.03 39.33
CA LEU B 167 5.44 -33.36 38.57
C LEU B 167 4.77 -32.52 37.49
N THR B 168 5.18 -31.27 37.37
CA THR B 168 4.62 -30.42 36.33
C THR B 168 5.64 -29.35 35.97
N ALA B 169 5.22 -28.36 35.18
CA ALA B 169 6.11 -27.28 34.79
C ALA B 169 5.26 -26.05 34.45
N GLY B 170 5.88 -24.87 34.53
CA GLY B 170 5.18 -23.65 34.22
C GLY B 170 4.65 -22.94 35.45
N LEU B 171 5.37 -21.92 35.88
CA LEU B 171 4.95 -21.14 37.02
C LEU B 171 4.74 -19.69 36.59
N GLY B 172 3.86 -19.52 35.61
CA GLY B 172 3.53 -18.20 35.11
C GLY B 172 2.33 -17.66 35.89
N GLY B 173 1.59 -16.74 35.30
CA GLY B 173 0.44 -16.19 35.98
C GLY B 173 -0.60 -17.25 36.32
N MET B 174 -0.89 -18.12 35.37
CA MET B 174 -1.88 -19.17 35.57
C MET B 174 -1.24 -20.46 36.07
N GLY B 175 -0.10 -20.82 35.50
CA GLY B 175 0.57 -22.03 35.93
C GLY B 175 1.01 -21.95 37.38
N GLY B 176 1.19 -20.73 37.87
CA GLY B 176 1.61 -20.52 39.24
C GLY B 176 0.62 -21.02 40.28
N ALA B 177 -0.59 -21.34 39.84
CA ALA B 177 -1.60 -21.82 40.77
C ALA B 177 -1.50 -23.33 40.95
N GLN B 178 -0.68 -23.98 40.13
CA GLN B 178 -0.53 -25.43 40.23
C GLN B 178 -0.01 -25.86 41.61
N PRO B 179 1.13 -25.29 42.04
CA PRO B 179 1.64 -25.69 43.35
C PRO B 179 0.61 -25.62 44.50
N LEU B 180 -0.09 -24.50 44.62
CA LEU B 180 -1.09 -24.33 45.67
C LEU B 180 -2.25 -25.33 45.49
N SER B 181 -2.65 -25.55 44.24
CA SER B 181 -3.75 -26.47 43.95
C SER B 181 -3.45 -27.89 44.45
N VAL B 182 -2.22 -28.35 44.25
CA VAL B 182 -1.86 -29.69 44.69
C VAL B 182 -1.83 -29.70 46.21
N THR B 183 -1.15 -28.70 46.76
CA THR B 183 -1.01 -28.52 48.20
C THR B 183 -2.36 -28.47 48.92
N MET B 184 -3.35 -27.81 48.33
CA MET B 184 -4.66 -27.71 48.95
C MET B 184 -5.34 -29.08 48.95
N ASN B 185 -4.81 -29.99 48.15
CA ASN B 185 -5.33 -31.34 48.05
C ASN B 185 -4.49 -32.28 48.92
N GLU B 186 -3.67 -31.68 49.79
CA GLU B 186 -2.80 -32.42 50.70
C GLU B 186 -1.63 -33.12 50.02
N GLY B 187 -1.36 -32.77 48.77
CA GLY B 187 -0.29 -33.43 48.06
C GLY B 187 1.07 -32.73 48.01
N VAL B 188 2.03 -33.42 47.39
CA VAL B 188 3.38 -32.91 47.23
C VAL B 188 3.59 -32.68 45.74
N VAL B 189 4.25 -31.56 45.40
CA VAL B 189 4.48 -31.27 44.00
C VAL B 189 5.81 -30.60 43.70
N ILE B 190 6.38 -30.93 42.55
CA ILE B 190 7.62 -30.33 42.09
C ILE B 190 7.23 -29.64 40.79
N ALA B 191 7.36 -28.32 40.76
CA ALA B 191 7.02 -27.58 39.55
C ALA B 191 8.28 -26.98 38.93
N VAL B 192 8.60 -27.42 37.72
CA VAL B 192 9.78 -26.93 37.03
C VAL B 192 9.48 -25.61 36.32
N GLU B 193 10.32 -24.61 36.58
CA GLU B 193 10.18 -23.28 36.00
C GLU B 193 11.58 -22.80 35.57
N VAL B 194 11.70 -22.40 34.31
CA VAL B 194 12.99 -21.97 33.78
C VAL B 194 13.43 -20.55 34.11
N ASP B 195 12.52 -19.74 34.62
CA ASP B 195 12.82 -18.36 34.96
C ASP B 195 12.64 -18.11 36.46
N GLU B 196 13.74 -17.83 37.16
CA GLU B 196 13.68 -17.61 38.60
C GLU B 196 12.80 -16.44 39.05
N LYS B 197 12.67 -15.42 38.21
CA LYS B 197 11.84 -14.28 38.53
C LYS B 197 10.38 -14.72 38.60
N ARG B 198 10.06 -15.74 37.82
CA ARG B 198 8.71 -16.30 37.81
C ARG B 198 8.52 -17.08 39.09
N ILE B 199 9.56 -17.80 39.51
CA ILE B 199 9.51 -18.59 40.73
C ILE B 199 9.30 -17.67 41.92
N ASP B 200 10.09 -16.60 41.99
CA ASP B 200 9.97 -15.66 43.10
C ASP B 200 8.56 -15.07 43.14
N LYS B 201 7.98 -14.79 41.98
CA LYS B 201 6.62 -14.24 41.92
C LYS B 201 5.62 -15.17 42.61
N ARG B 202 5.68 -16.46 42.30
CA ARG B 202 4.77 -17.41 42.91
C ARG B 202 5.01 -17.49 44.42
N ILE B 203 6.29 -17.51 44.82
CA ILE B 203 6.64 -17.59 46.23
C ILE B 203 6.09 -16.39 47.01
N GLU B 204 6.37 -15.19 46.51
CA GLU B 204 5.90 -13.97 47.16
C GLU B 204 4.39 -13.89 47.29
N THR B 205 3.68 -14.37 46.26
CA THR B 205 2.22 -14.34 46.27
C THR B 205 1.61 -15.50 47.06
N LYS B 206 2.48 -16.31 47.68
CA LYS B 206 2.07 -17.45 48.49
C LYS B 206 1.37 -18.57 47.71
N TYR B 207 1.79 -18.78 46.47
CA TYR B 207 1.21 -19.83 45.64
C TYR B 207 2.17 -21.00 45.57
N CYS B 208 3.33 -20.84 46.21
CA CYS B 208 4.34 -21.89 46.24
C CYS B 208 5.15 -21.79 47.53
N ASP B 209 5.45 -22.94 48.14
CA ASP B 209 6.20 -22.99 49.41
C ASP B 209 7.69 -22.67 49.31
N ARG B 210 8.43 -23.51 48.58
CA ARG B 210 9.87 -23.35 48.45
C ARG B 210 10.38 -23.36 47.02
N LYS B 211 11.68 -23.10 46.87
CA LYS B 211 12.33 -23.09 45.57
C LYS B 211 13.74 -23.63 45.74
N THR B 212 14.31 -24.13 44.64
CA THR B 212 15.66 -24.68 44.64
C THR B 212 16.09 -24.93 43.21
N ALA B 213 17.39 -24.89 42.96
CA ALA B 213 17.92 -25.14 41.64
C ALA B 213 18.59 -26.51 41.63
N SER B 214 18.50 -27.20 42.77
CA SER B 214 19.10 -28.52 42.89
C SER B 214 18.06 -29.62 42.77
N ILE B 215 18.19 -30.47 41.75
CA ILE B 215 17.24 -31.57 41.57
C ILE B 215 17.33 -32.45 42.80
N GLU B 216 18.57 -32.72 43.23
CA GLU B 216 18.83 -33.54 44.40
C GLU B 216 18.08 -32.99 45.62
N GLU B 217 18.26 -31.70 45.90
CA GLU B 217 17.59 -31.09 47.03
C GLU B 217 16.08 -31.21 46.91
N ALA B 218 15.55 -30.91 45.72
CA ALA B 218 14.11 -30.99 45.48
C ALA B 218 13.57 -32.39 45.80
N LEU B 219 14.20 -33.41 45.23
CA LEU B 219 13.75 -34.78 45.47
C LEU B 219 13.79 -35.17 46.95
N ALA B 220 14.77 -34.65 47.67
CA ALA B 220 14.91 -34.94 49.09
C ALA B 220 13.80 -34.30 49.91
N TRP B 221 13.41 -33.07 49.54
CA TRP B 221 12.33 -32.38 50.25
C TRP B 221 11.01 -33.09 50.01
N ALA B 222 10.79 -33.49 48.76
CA ALA B 222 9.56 -34.17 48.39
C ALA B 222 9.44 -35.51 49.11
N GLU B 223 10.50 -36.30 49.09
CA GLU B 223 10.52 -37.61 49.74
C GLU B 223 10.22 -37.47 51.23
N GLU B 224 10.88 -36.51 51.87
CA GLU B 224 10.70 -36.25 53.29
C GLU B 224 9.24 -35.96 53.59
N ALA B 225 8.62 -35.11 52.76
CA ALA B 225 7.22 -34.72 52.96
C ALA B 225 6.20 -35.82 52.61
N LYS B 226 6.44 -36.51 51.50
CA LYS B 226 5.56 -37.59 51.04
C LYS B 226 5.46 -38.68 52.11
N LEU B 227 6.55 -38.86 52.85
CA LEU B 227 6.60 -39.85 53.92
C LEU B 227 5.84 -39.29 55.11
N ALA B 228 6.29 -38.14 55.61
CA ALA B 228 5.63 -37.52 56.75
C ALA B 228 4.17 -37.22 56.45
N GLY B 229 3.76 -37.48 55.22
CA GLY B 229 2.39 -37.25 54.82
C GLY B 229 1.96 -35.79 54.86
N LYS B 230 2.90 -34.88 54.68
CA LYS B 230 2.59 -33.44 54.69
C LYS B 230 2.55 -32.86 53.27
N PRO B 231 1.73 -31.83 53.06
CA PRO B 231 1.65 -31.21 51.74
C PRO B 231 2.87 -30.30 51.58
N LEU B 232 3.36 -30.14 50.36
CA LEU B 232 4.53 -29.29 50.12
C LEU B 232 4.70 -29.03 48.63
N SER B 233 4.92 -27.77 48.28
CA SER B 233 5.12 -27.40 46.89
C SER B 233 6.56 -26.93 46.72
N ILE B 234 7.23 -27.44 45.70
CA ILE B 234 8.62 -27.11 45.43
C ILE B 234 8.85 -26.58 44.02
N ALA B 235 9.36 -25.37 43.89
CA ALA B 235 9.65 -24.81 42.59
C ALA B 235 11.06 -25.21 42.21
N LEU B 236 11.22 -25.91 41.09
CA LEU B 236 12.53 -26.37 40.65
C LEU B 236 13.06 -25.58 39.45
N LEU B 237 14.11 -24.80 39.67
CA LEU B 237 14.72 -23.99 38.61
C LEU B 237 15.32 -24.90 37.55
N GLY B 238 14.85 -24.76 36.32
CA GLY B 238 15.37 -25.57 35.25
C GLY B 238 14.47 -25.61 34.03
N ASN B 239 14.90 -26.37 33.04
CA ASN B 239 14.15 -26.51 31.80
C ASN B 239 13.51 -27.89 31.79
N ALA B 240 12.18 -27.90 31.80
CA ALA B 240 11.41 -29.14 31.81
C ALA B 240 11.86 -30.16 30.78
N ALA B 241 12.19 -29.67 29.58
CA ALA B 241 12.61 -30.55 28.51
C ALA B 241 13.77 -31.43 28.95
N GLU B 242 14.64 -30.86 29.76
CA GLU B 242 15.81 -31.57 30.28
C GLU B 242 15.55 -32.20 31.65
N VAL B 243 14.94 -31.42 32.55
CA VAL B 243 14.68 -31.88 33.90
C VAL B 243 13.79 -33.12 33.99
N HIS B 244 12.74 -33.18 33.19
CA HIS B 244 11.84 -34.32 33.25
C HIS B 244 12.47 -35.61 32.78
N HIS B 245 13.41 -35.52 31.84
CA HIS B 245 14.07 -36.72 31.37
C HIS B 245 15.10 -37.20 32.40
N THR B 246 15.62 -36.28 33.21
CA THR B 246 16.57 -36.64 34.25
C THR B 246 15.79 -37.38 35.33
N LEU B 247 14.65 -36.82 35.72
CA LEU B 247 13.81 -37.43 36.74
C LEU B 247 13.30 -38.79 36.25
N LEU B 248 13.04 -38.90 34.95
CA LEU B 248 12.57 -40.15 34.37
C LEU B 248 13.67 -41.21 34.38
N ASN B 249 14.84 -40.86 33.83
CA ASN B 249 15.96 -41.79 33.73
C ASN B 249 16.59 -42.19 35.06
N ARG B 250 16.25 -41.52 36.15
CA ARG B 250 16.83 -41.89 37.44
C ARG B 250 15.83 -42.70 38.26
N GLY B 251 14.69 -43.01 37.65
CA GLY B 251 13.68 -43.82 38.30
C GLY B 251 12.94 -43.20 39.46
N VAL B 252 12.69 -41.89 39.40
CA VAL B 252 11.94 -41.26 40.48
C VAL B 252 10.51 -41.76 40.41
N LYS B 253 9.91 -42.03 41.56
CA LYS B 253 8.54 -42.51 41.61
C LYS B 253 7.62 -41.30 41.53
N ILE B 254 6.97 -41.12 40.38
CA ILE B 254 6.06 -39.98 40.19
C ILE B 254 4.62 -40.42 39.95
N ASP B 255 3.75 -40.03 40.87
CA ASP B 255 2.34 -40.39 40.82
C ASP B 255 1.50 -39.69 39.75
N ILE B 256 1.72 -38.39 39.57
CA ILE B 256 0.95 -37.61 38.61
C ILE B 256 1.79 -36.64 37.78
N VAL B 257 1.53 -36.61 36.48
CA VAL B 257 2.27 -35.71 35.60
C VAL B 257 1.37 -34.91 34.68
N THR B 258 1.56 -33.60 34.66
CA THR B 258 0.81 -32.72 33.78
C THR B 258 1.79 -31.61 33.39
N ASP B 259 1.31 -30.56 32.72
CA ASP B 259 2.18 -29.47 32.35
C ASP B 259 1.42 -28.20 32.07
N GLN B 260 2.05 -27.06 32.34
CA GLN B 260 1.39 -25.79 32.07
C GLN B 260 2.33 -24.68 31.59
N THR B 261 3.28 -25.04 30.74
CA THR B 261 4.16 -24.03 30.16
C THR B 261 3.25 -23.41 29.10
N SER B 262 3.74 -22.40 28.39
CA SER B 262 2.92 -21.77 27.37
C SER B 262 3.18 -22.34 25.98
N ALA B 263 2.94 -23.63 25.86
CA ALA B 263 3.13 -24.36 24.61
C ALA B 263 2.20 -23.89 23.50
N HIS B 264 1.14 -23.16 23.88
CA HIS B 264 0.17 -22.65 22.93
C HIS B 264 0.77 -21.59 21.99
N ASP B 265 1.93 -21.07 22.36
CA ASP B 265 2.61 -20.03 21.57
C ASP B 265 4.09 -20.39 21.53
N PRO B 266 4.50 -21.15 20.49
CA PRO B 266 5.89 -21.58 20.32
C PRO B 266 6.97 -20.50 20.36
N LEU B 267 6.66 -19.30 19.88
CA LEU B 267 7.65 -18.23 19.86
C LEU B 267 7.94 -17.61 21.22
N ILE B 268 6.88 -17.33 21.99
CA ILE B 268 7.01 -16.70 23.30
C ILE B 268 6.91 -17.64 24.53
N GLY B 269 5.97 -18.58 24.48
CA GLY B 269 5.72 -19.46 25.61
C GLY B 269 6.61 -20.62 25.97
N TYR B 270 7.60 -20.98 25.16
CA TYR B 270 8.45 -22.10 25.53
C TYR B 270 9.90 -21.80 25.25
N VAL B 271 10.75 -22.02 26.24
CA VAL B 271 12.18 -21.78 26.08
C VAL B 271 12.86 -23.07 25.63
N PRO B 272 13.52 -23.04 24.46
CA PRO B 272 14.19 -24.25 24.00
C PRO B 272 15.33 -24.69 24.94
N GLU B 273 15.46 -26.00 25.11
CA GLU B 273 16.48 -26.57 25.97
C GLU B 273 17.88 -26.15 25.54
N GLY B 274 18.72 -25.83 26.52
CA GLY B 274 20.09 -25.45 26.22
C GLY B 274 20.38 -23.96 26.11
N TYR B 275 19.36 -23.11 26.22
CA TYR B 275 19.57 -21.67 26.12
C TYR B 275 19.21 -20.97 27.43
N SER B 276 19.96 -19.93 27.76
CA SER B 276 19.67 -19.15 28.95
C SER B 276 18.55 -18.24 28.51
N LEU B 277 17.90 -17.56 29.45
CA LEU B 277 16.83 -16.66 29.08
C LEU B 277 17.38 -15.59 28.15
N ASP B 278 18.54 -15.03 28.48
CA ASP B 278 19.14 -13.99 27.65
C ASP B 278 19.42 -14.47 26.23
N GLU B 279 19.92 -15.68 26.10
CA GLU B 279 20.21 -16.25 24.79
C GLU B 279 18.94 -16.51 23.99
N ALA B 280 17.90 -17.02 24.67
CA ALA B 280 16.63 -17.29 24.01
C ALA B 280 15.96 -16.00 23.52
N ASP B 281 16.18 -14.90 24.23
CA ASP B 281 15.59 -13.61 23.84
C ASP B 281 16.15 -13.18 22.48
N ARG B 282 17.48 -13.29 22.32
CA ARG B 282 18.15 -12.92 21.09
C ARG B 282 17.72 -13.85 19.96
N LEU B 283 17.69 -15.14 20.26
CA LEU B 283 17.30 -16.16 19.30
C LEU B 283 15.90 -15.82 18.80
N ARG B 284 15.04 -15.41 19.73
CA ARG B 284 13.66 -15.07 19.43
C ARG B 284 13.52 -13.80 18.57
N GLN B 285 14.22 -12.73 18.93
CA GLN B 285 14.14 -11.50 18.16
C GLN B 285 14.73 -11.68 16.77
N ASP B 286 15.99 -12.12 16.74
CA ASP B 286 16.75 -12.31 15.50
C ASP B 286 16.29 -13.36 14.51
N THR B 287 16.04 -14.57 15.00
CA THR B 287 15.64 -15.67 14.14
C THR B 287 14.38 -16.35 14.69
N PRO B 288 13.24 -15.65 14.64
CA PRO B 288 11.97 -16.18 15.13
C PRO B 288 11.59 -17.55 14.59
N GLU B 289 11.82 -17.77 13.29
CA GLU B 289 11.46 -19.03 12.67
C GLU B 289 12.31 -20.18 13.22
N LEU B 290 13.61 -19.93 13.37
CA LEU B 290 14.52 -20.94 13.90
C LEU B 290 14.08 -21.20 15.34
N TYR B 291 13.76 -20.12 16.05
CA TYR B 291 13.33 -20.23 17.45
C TYR B 291 12.17 -21.21 17.59
N VAL B 292 11.11 -20.97 16.82
CA VAL B 292 9.92 -21.82 16.87
C VAL B 292 10.27 -23.27 16.58
N ARG B 293 11.16 -23.49 15.61
CA ARG B 293 11.56 -24.85 15.26
C ARG B 293 12.21 -25.52 16.46
N LEU B 294 13.11 -24.81 17.13
CA LEU B 294 13.81 -25.33 18.30
C LEU B 294 12.87 -25.56 19.48
N ALA B 295 11.93 -24.63 19.68
CA ALA B 295 10.96 -24.74 20.76
C ALA B 295 10.07 -25.97 20.58
N LYS B 296 9.62 -26.20 19.35
CA LYS B 296 8.78 -27.36 19.05
C LYS B 296 9.58 -28.65 19.25
N GLN B 297 10.87 -28.59 18.91
CA GLN B 297 11.75 -29.73 19.06
C GLN B 297 11.82 -30.08 20.55
N SER B 298 11.97 -29.06 21.39
CA SER B 298 12.05 -29.28 22.83
C SER B 298 10.73 -29.74 23.42
N MET B 299 9.61 -29.19 22.94
CA MET B 299 8.31 -29.60 23.48
C MET B 299 7.99 -31.05 23.14
N LYS B 300 8.55 -31.55 22.04
CA LYS B 300 8.33 -32.93 21.66
C LYS B 300 9.02 -33.82 22.68
N LYS B 301 10.27 -33.48 23.01
CA LYS B 301 11.05 -34.23 23.99
C LYS B 301 10.34 -34.21 25.32
N HIS B 302 9.78 -33.06 25.67
CA HIS B 302 9.06 -32.88 26.93
C HIS B 302 7.88 -33.85 27.00
N VAL B 303 7.10 -33.90 25.92
CA VAL B 303 5.94 -34.78 25.87
C VAL B 303 6.34 -36.26 25.84
N GLU B 304 7.49 -36.56 25.25
CA GLU B 304 7.94 -37.96 25.19
C GLU B 304 8.16 -38.44 26.62
N ALA B 305 8.62 -37.53 27.48
CA ALA B 305 8.88 -37.86 28.88
C ALA B 305 7.55 -38.09 29.59
N MET B 306 6.56 -37.25 29.28
CA MET B 306 5.24 -37.40 29.90
C MET B 306 4.60 -38.73 29.52
N LEU B 307 4.79 -39.15 28.28
CA LEU B 307 4.26 -40.42 27.83
C LEU B 307 4.98 -41.57 28.52
N ALA B 308 6.27 -41.38 28.78
CA ALA B 308 7.09 -42.40 29.44
C ALA B 308 6.60 -42.61 30.87
N PHE B 309 6.32 -41.52 31.56
CA PHE B 309 5.84 -41.61 32.93
C PHE B 309 4.52 -42.37 32.96
N GLN B 310 3.63 -42.05 32.01
CA GLN B 310 2.34 -42.73 31.93
C GLN B 310 2.57 -44.23 31.77
N GLN B 311 3.36 -44.59 30.77
CA GLN B 311 3.68 -45.99 30.48
C GLN B 311 4.31 -46.64 31.70
N LYS B 312 4.86 -45.80 32.57
CA LYS B 312 5.51 -46.26 33.79
C LYS B 312 4.53 -46.39 34.94
N GLY B 313 3.27 -46.00 34.71
CA GLY B 313 2.26 -46.11 35.74
C GLY B 313 1.74 -44.82 36.37
N SER B 314 2.23 -43.66 35.94
CA SER B 314 1.74 -42.42 36.53
C SER B 314 0.53 -41.89 35.78
N ILE B 315 -0.34 -41.18 36.52
CA ILE B 315 -1.55 -40.61 35.92
C ILE B 315 -1.11 -39.32 35.23
N VAL B 316 -1.32 -39.27 33.92
CA VAL B 316 -0.92 -38.13 33.13
C VAL B 316 -2.07 -37.45 32.39
N PHE B 317 -2.03 -36.12 32.31
CA PHE B 317 -3.08 -35.39 31.62
C PHE B 317 -2.62 -34.03 31.09
N ASP B 318 -3.25 -33.62 29.99
CA ASP B 318 -2.97 -32.34 29.36
C ASP B 318 -3.73 -31.27 30.13
N TYR B 319 -3.06 -30.22 30.59
CA TYR B 319 -3.78 -29.18 31.32
C TYR B 319 -4.08 -27.91 30.54
N GLY B 320 -4.59 -28.12 29.32
CA GLY B 320 -5.00 -27.02 28.46
C GLY B 320 -4.07 -26.01 27.82
N ASN B 321 -2.84 -26.41 27.51
CA ASN B 321 -1.90 -25.50 26.88
C ASN B 321 -1.53 -25.99 25.47
N ASN B 322 -2.26 -27.02 25.01
CA ASN B 322 -2.09 -27.60 23.68
C ASN B 322 -0.71 -28.25 23.45
N ILE B 323 -0.04 -28.67 24.51
CA ILE B 323 1.28 -29.27 24.35
C ILE B 323 1.24 -30.57 23.55
N ARG B 324 0.19 -31.37 23.76
CA ARG B 324 0.04 -32.61 23.02
C ARG B 324 0.06 -32.36 21.53
N GLN B 325 -0.63 -31.30 21.11
CA GLN B 325 -0.73 -30.95 19.69
C GLN B 325 0.64 -30.61 19.11
N VAL B 326 1.40 -29.80 19.83
CA VAL B 326 2.72 -29.40 19.37
C VAL B 326 3.62 -30.63 19.18
N ALA B 327 3.45 -31.62 20.03
CA ALA B 327 4.25 -32.84 19.95
C ALA B 327 3.78 -33.65 18.74
N LYS B 328 2.47 -33.81 18.63
CA LYS B 328 1.87 -34.54 17.53
C LYS B 328 2.40 -33.97 16.21
N ASP B 329 2.28 -32.65 16.07
CA ASP B 329 2.75 -31.98 14.85
C ASP B 329 4.22 -32.21 14.55
N GLU B 330 5.00 -32.60 15.56
CA GLU B 330 6.42 -32.85 15.38
C GLU B 330 6.76 -34.28 14.99
N GLY B 331 5.81 -35.19 15.14
CA GLY B 331 6.08 -36.58 14.79
C GLY B 331 5.73 -37.56 15.88
N LEU B 332 5.41 -37.07 17.07
CA LEU B 332 5.04 -37.95 18.18
C LEU B 332 3.63 -38.46 17.93
N GLU B 333 3.53 -39.53 17.14
CA GLU B 333 2.25 -40.11 16.77
C GLU B 333 1.30 -40.43 17.90
N ASN B 334 1.83 -40.70 19.08
CA ASN B 334 1.00 -41.06 20.22
C ASN B 334 0.91 -39.96 21.27
N ALA B 335 1.13 -38.72 20.82
CA ALA B 335 1.08 -37.58 21.72
C ALA B 335 -0.23 -37.49 22.48
N PHE B 336 -1.32 -37.96 21.85
CA PHE B 336 -2.61 -37.90 22.50
C PHE B 336 -2.96 -39.15 23.28
N ASP B 337 -1.95 -39.85 23.79
CA ASP B 337 -2.21 -41.03 24.59
C ASP B 337 -2.75 -40.68 25.98
N PHE B 338 -2.57 -39.44 26.43
CA PHE B 338 -3.15 -39.03 27.71
C PHE B 338 -4.24 -38.01 27.42
N PRO B 339 -5.33 -38.02 28.20
CA PRO B 339 -6.47 -37.11 28.04
C PRO B 339 -6.32 -35.69 28.56
N GLY B 340 -7.22 -34.83 28.08
CA GLY B 340 -7.25 -33.46 28.52
C GLY B 340 -8.04 -33.47 29.80
N PHE B 341 -7.77 -32.54 30.71
CA PHE B 341 -8.44 -32.52 32.00
C PHE B 341 -9.96 -32.38 31.96
N VAL B 342 -10.49 -31.76 30.91
CA VAL B 342 -11.94 -31.57 30.83
C VAL B 342 -12.72 -32.86 30.63
N PRO B 343 -12.44 -33.60 29.54
CA PRO B 343 -13.21 -34.83 29.39
C PRO B 343 -12.91 -35.82 30.51
N ALA B 344 -11.74 -35.69 31.14
CA ALA B 344 -11.35 -36.61 32.20
C ALA B 344 -11.77 -36.23 33.61
N TYR B 345 -11.81 -34.94 33.92
CA TYR B 345 -12.16 -34.55 35.29
C TYR B 345 -13.20 -33.45 35.49
N ILE B 346 -13.22 -32.45 34.61
CA ILE B 346 -14.14 -31.32 34.80
C ILE B 346 -15.49 -31.30 34.10
N ARG B 347 -15.64 -32.02 32.98
CA ARG B 347 -16.91 -31.99 32.25
C ARG B 347 -18.19 -32.12 33.09
N PRO B 348 -18.20 -33.02 34.08
CA PRO B 348 -19.43 -33.14 34.88
C PRO B 348 -19.86 -31.80 35.51
N LEU B 349 -18.89 -31.00 35.91
CA LEU B 349 -19.20 -29.71 36.52
C LEU B 349 -19.93 -28.79 35.55
N PHE B 350 -19.51 -28.80 34.28
CA PHE B 350 -20.14 -27.95 33.27
C PHE B 350 -21.60 -28.35 33.07
N CYS B 351 -21.90 -29.63 33.27
CA CYS B 351 -23.25 -30.14 33.12
C CYS B 351 -24.18 -29.59 34.20
N GLU B 352 -23.59 -28.93 35.20
CA GLU B 352 -24.36 -28.34 36.29
C GLU B 352 -24.40 -26.83 36.03
N GLY B 353 -23.72 -26.41 34.96
CA GLY B 353 -23.67 -25.01 34.60
C GLY B 353 -22.68 -24.29 35.48
N LYS B 354 -21.74 -25.04 36.05
CA LYS B 354 -20.72 -24.47 36.91
C LYS B 354 -19.54 -24.02 36.07
N GLY B 355 -18.68 -23.19 36.67
CA GLY B 355 -17.53 -22.69 35.96
C GLY B 355 -16.83 -21.65 36.81
N PRO B 356 -15.65 -21.17 36.39
CA PRO B 356 -14.85 -20.18 37.10
C PRO B 356 -15.53 -18.81 37.26
N PHE B 357 -16.70 -18.83 37.88
CA PHE B 357 -17.48 -17.64 38.16
C PHE B 357 -16.61 -16.84 39.14
N ARG B 358 -16.63 -15.51 39.06
CA ARG B 358 -15.82 -14.70 39.97
C ARG B 358 -16.37 -13.29 40.16
N TRP B 359 -15.84 -12.57 41.14
CA TRP B 359 -16.27 -11.18 41.36
C TRP B 359 -15.16 -10.38 42.02
N ALA B 360 -15.15 -9.08 41.75
CA ALA B 360 -14.12 -8.20 42.30
C ALA B 360 -14.72 -6.94 42.91
N ALA B 361 -14.12 -6.48 44.00
CA ALA B 361 -14.61 -5.29 44.71
C ALA B 361 -13.94 -4.02 44.23
N LEU B 362 -14.68 -3.22 43.48
CA LEU B 362 -14.15 -1.96 42.97
C LEU B 362 -13.72 -1.03 44.10
N SER B 363 -14.17 -1.32 45.32
CA SER B 363 -13.81 -0.50 46.47
C SER B 363 -12.30 -0.56 46.71
N GLY B 364 -11.74 -1.76 46.59
CA GLY B 364 -10.32 -1.95 46.81
C GLY B 364 -10.11 -2.38 48.24
N ASP B 365 -11.22 -2.52 48.96
CA ASP B 365 -11.18 -2.93 50.36
C ASP B 365 -11.47 -4.43 50.52
N PRO B 366 -10.49 -5.19 51.05
CA PRO B 366 -10.69 -6.63 51.24
C PRO B 366 -11.93 -6.96 52.09
N ALA B 367 -12.34 -6.00 52.92
CA ALA B 367 -13.51 -6.20 53.77
C ALA B 367 -14.73 -6.58 52.92
N ASP B 368 -14.86 -5.96 51.75
CA ASP B 368 -15.98 -6.28 50.87
C ASP B 368 -15.94 -7.75 50.48
N ILE B 369 -14.74 -8.26 50.16
CA ILE B 369 -14.64 -9.66 49.77
C ILE B 369 -14.97 -10.59 50.93
N TYR B 370 -14.41 -10.31 52.10
CA TYR B 370 -14.69 -11.16 53.26
C TYR B 370 -16.20 -11.18 53.49
N ARG B 371 -16.85 -10.05 53.24
CA ARG B 371 -18.29 -9.95 53.41
C ARG B 371 -19.02 -10.82 52.39
N THR B 372 -18.48 -10.91 51.18
CA THR B 372 -19.11 -11.75 50.16
C THR B 372 -18.87 -13.22 50.48
N ASP B 373 -17.76 -13.50 51.15
CA ASP B 373 -17.44 -14.87 51.53
C ASP B 373 -18.51 -15.35 52.52
N ALA B 374 -18.89 -14.46 53.44
CA ALA B 374 -19.91 -14.81 54.42
C ALA B 374 -21.24 -14.91 53.69
N LEU B 375 -21.44 -14.02 52.72
CA LEU B 375 -22.67 -14.00 51.93
C LEU B 375 -22.95 -15.37 51.32
N LEU B 376 -21.94 -15.93 50.65
CA LEU B 376 -22.06 -17.25 50.03
C LEU B 376 -22.68 -18.27 50.97
N LYS B 377 -22.10 -18.37 52.18
CA LYS B 377 -22.60 -19.32 53.17
C LYS B 377 -24.06 -19.07 53.54
N GLU B 378 -24.44 -17.80 53.68
CA GLU B 378 -25.82 -17.46 54.01
C GLU B 378 -26.75 -17.98 52.92
N LEU B 379 -26.42 -17.68 51.67
CA LEU B 379 -27.23 -18.10 50.53
C LEU B 379 -27.29 -19.60 50.29
N PHE B 380 -26.23 -20.32 50.62
CA PHE B 380 -26.18 -21.76 50.41
C PHE B 380 -25.73 -22.48 51.67
N PRO B 381 -26.52 -22.37 52.75
CA PRO B 381 -26.23 -22.98 54.05
C PRO B 381 -26.16 -24.50 54.16
N THR B 382 -26.53 -25.21 53.10
CA THR B 382 -26.56 -26.69 53.14
C THR B 382 -25.38 -27.34 52.48
N ASN B 383 -24.91 -26.62 51.49
CA ASN B 383 -23.80 -26.94 50.58
C ASN B 383 -22.44 -27.04 51.30
N LYS B 384 -22.08 -28.21 51.86
CA LYS B 384 -20.78 -28.31 52.56
C LYS B 384 -19.60 -28.03 51.65
N ALA B 385 -19.63 -28.56 50.43
CA ALA B 385 -18.55 -28.35 49.47
C ALA B 385 -18.27 -26.87 49.19
N LEU B 386 -19.33 -26.08 49.04
CA LEU B 386 -19.21 -24.67 48.78
C LEU B 386 -18.54 -23.98 49.97
N HIS B 387 -18.98 -24.30 51.19
CA HIS B 387 -18.40 -23.69 52.37
C HIS B 387 -16.92 -24.03 52.50
N ARG B 388 -16.58 -25.28 52.25
CA ARG B 388 -15.19 -25.69 52.35
C ARG B 388 -14.31 -24.96 51.36
N TRP B 389 -14.77 -24.81 50.13
CA TRP B 389 -13.97 -24.11 49.15
C TRP B 389 -13.72 -22.68 49.57
N ILE B 390 -14.78 -21.96 49.89
CA ILE B 390 -14.65 -20.58 50.27
C ILE B 390 -13.77 -20.39 51.50
N ASP B 391 -13.81 -21.36 52.41
CA ASP B 391 -12.97 -21.27 53.60
C ASP B 391 -11.50 -21.40 53.19
N MET B 392 -11.20 -22.35 52.31
CA MET B 392 -9.84 -22.56 51.82
C MET B 392 -9.30 -21.33 51.10
N ALA B 393 -10.13 -20.76 50.23
CA ALA B 393 -9.72 -19.59 49.47
C ALA B 393 -9.37 -18.43 50.39
N GLN B 394 -10.29 -18.08 51.29
CA GLN B 394 -10.04 -16.98 52.20
C GLN B 394 -8.82 -17.25 53.05
N GLU B 395 -8.56 -18.52 53.36
CA GLU B 395 -7.40 -18.86 54.16
C GLU B 395 -6.07 -18.92 53.39
N LYS B 396 -6.09 -19.48 52.19
CA LYS B 396 -4.85 -19.64 51.41
C LYS B 396 -4.56 -18.60 50.34
N VAL B 397 -5.58 -17.87 49.89
CA VAL B 397 -5.40 -16.88 48.84
C VAL B 397 -5.07 -15.47 49.30
N THR B 398 -3.93 -14.96 48.84
CA THR B 398 -3.53 -13.60 49.16
C THR B 398 -3.98 -12.74 47.97
N PHE B 399 -4.71 -11.68 48.26
CA PHE B 399 -5.24 -10.80 47.24
C PHE B 399 -4.20 -10.15 46.31
N GLN B 400 -4.63 -9.87 45.08
CA GLN B 400 -3.79 -9.23 44.08
C GLN B 400 -4.64 -8.13 43.45
N GLY B 401 -4.16 -6.89 43.50
CA GLY B 401 -4.91 -5.78 42.93
C GLY B 401 -6.23 -5.65 43.66
N LEU B 402 -7.31 -5.40 42.93
CA LEU B 402 -8.60 -5.28 43.58
C LEU B 402 -8.91 -6.63 44.24
N PRO B 403 -9.29 -6.62 45.52
CA PRO B 403 -9.61 -7.89 46.19
C PRO B 403 -10.68 -8.59 45.37
N SER B 404 -10.41 -9.84 45.01
CA SER B 404 -11.35 -10.62 44.21
C SER B 404 -11.49 -12.03 44.73
N ARG B 405 -12.55 -12.71 44.30
CA ARG B 405 -12.78 -14.07 44.74
C ARG B 405 -13.20 -15.00 43.61
N ILE B 406 -12.58 -16.17 43.55
CA ILE B 406 -12.95 -17.15 42.56
C ILE B 406 -13.85 -18.11 43.33
N CYS B 407 -14.99 -18.49 42.75
CA CYS B 407 -15.91 -19.41 43.40
C CYS B 407 -16.85 -19.98 42.36
N TRP B 408 -16.70 -21.26 42.06
CA TRP B 408 -17.54 -21.91 41.07
C TRP B 408 -19.01 -22.07 41.51
N LEU B 409 -19.90 -21.46 40.73
CA LEU B 409 -21.33 -21.54 40.99
C LEU B 409 -22.00 -22.03 39.71
N GLY B 410 -23.00 -22.88 39.86
CA GLY B 410 -23.69 -23.42 38.70
C GLY B 410 -24.93 -22.63 38.33
N TYR B 411 -25.74 -23.20 37.45
CA TYR B 411 -26.96 -22.56 36.99
C TYR B 411 -27.84 -22.29 38.21
N GLY B 412 -28.43 -21.11 38.25
CA GLY B 412 -29.29 -20.75 39.38
C GLY B 412 -28.49 -20.09 40.49
N GLU B 413 -27.44 -20.78 40.94
CA GLU B 413 -26.59 -20.26 42.00
C GLU B 413 -25.98 -18.93 41.60
N ARG B 414 -25.63 -18.78 40.32
CA ARG B 414 -25.03 -17.54 39.86
C ARG B 414 -26.02 -16.39 40.02
N LYS B 415 -27.24 -16.57 39.54
CA LYS B 415 -28.24 -15.52 39.65
C LYS B 415 -28.48 -15.13 41.12
N LYS B 416 -28.62 -16.13 41.98
CA LYS B 416 -28.85 -15.89 43.40
C LYS B 416 -27.75 -15.03 44.02
N MET B 417 -26.51 -15.46 43.87
CA MET B 417 -25.36 -14.73 44.41
C MET B 417 -25.22 -13.34 43.83
N GLY B 418 -25.47 -13.21 42.53
CA GLY B 418 -25.36 -11.93 41.87
C GLY B 418 -26.38 -10.92 42.32
N LEU B 419 -27.62 -11.37 42.52
CA LEU B 419 -28.68 -10.46 42.96
C LEU B 419 -28.48 -10.09 44.44
N ALA B 420 -27.96 -11.04 45.22
CA ALA B 420 -27.71 -10.80 46.64
C ALA B 420 -26.58 -9.77 46.79
N ILE B 421 -25.52 -9.95 46.01
CA ILE B 421 -24.39 -9.03 46.05
C ILE B 421 -24.89 -7.63 45.73
N ASN B 422 -25.71 -7.52 44.70
CA ASN B 422 -26.23 -6.23 44.29
C ASN B 422 -27.04 -5.61 45.42
N GLU B 423 -27.73 -6.45 46.18
CA GLU B 423 -28.55 -5.97 47.30
C GLU B 423 -27.64 -5.29 48.31
N LEU B 424 -26.53 -5.95 48.64
CA LEU B 424 -25.58 -5.43 49.61
C LEU B 424 -24.89 -4.15 49.14
N VAL B 425 -24.79 -3.96 47.82
CA VAL B 425 -24.17 -2.75 47.30
C VAL B 425 -25.17 -1.61 47.50
N ARG B 426 -26.45 -1.92 47.33
CA ARG B 426 -27.52 -0.95 47.48
C ARG B 426 -27.66 -0.43 48.91
N THR B 427 -27.61 -1.34 49.89
CA THR B 427 -27.75 -0.96 51.30
C THR B 427 -26.46 -0.36 51.88
N GLY B 428 -25.34 -0.60 51.22
CA GLY B 428 -24.08 -0.06 51.70
C GLY B 428 -23.18 -1.02 52.47
N GLU B 429 -23.65 -2.24 52.72
CA GLU B 429 -22.80 -3.20 53.43
C GLU B 429 -21.55 -3.43 52.61
N LEU B 430 -21.70 -3.39 51.29
CA LEU B 430 -20.56 -3.53 50.39
C LEU B 430 -20.24 -2.06 50.09
N LYS B 431 -19.00 -1.67 50.31
CA LYS B 431 -18.59 -0.28 50.14
C LYS B 431 -18.56 0.33 48.74
N ALA B 432 -18.77 -0.48 47.71
CA ALA B 432 -18.77 0.01 46.35
C ALA B 432 -19.25 -1.11 45.43
N PRO B 433 -19.60 -0.78 44.17
CA PRO B 433 -20.06 -1.80 43.23
C PRO B 433 -19.02 -2.91 43.05
N VAL B 434 -19.48 -4.10 42.67
CA VAL B 434 -18.57 -5.21 42.45
C VAL B 434 -18.80 -5.76 41.05
N VAL B 435 -17.70 -6.13 40.39
CA VAL B 435 -17.79 -6.67 39.05
C VAL B 435 -17.95 -8.18 39.13
N ILE B 436 -18.91 -8.70 38.37
CA ILE B 436 -19.17 -10.13 38.32
C ILE B 436 -18.78 -10.62 36.93
N GLY B 437 -17.86 -11.58 36.89
CA GLY B 437 -17.40 -12.10 35.61
C GLY B 437 -16.98 -13.56 35.69
N ARG B 438 -16.01 -13.92 34.86
CA ARG B 438 -15.53 -15.29 34.81
C ARG B 438 -14.45 -15.40 33.73
N ASP B 439 -13.86 -16.58 33.62
CA ASP B 439 -12.86 -16.84 32.60
C ASP B 439 -13.71 -17.18 31.38
N HIS B 440 -13.09 -17.28 30.21
CA HIS B 440 -13.84 -17.64 29.01
C HIS B 440 -14.01 -19.15 28.96
N LEU B 441 -13.29 -19.85 29.84
CA LEU B 441 -13.44 -21.29 29.94
C LEU B 441 -14.63 -21.41 30.88
N ASP B 442 -15.72 -21.98 30.40
CA ASP B 442 -16.93 -22.12 31.21
C ASP B 442 -17.82 -23.14 30.51
N CYS B 443 -18.91 -23.55 31.17
CA CYS B 443 -19.82 -24.56 30.62
C CYS B 443 -20.44 -24.31 29.24
N GLY B 444 -20.67 -23.04 28.88
CA GLY B 444 -21.27 -22.80 27.57
C GLY B 444 -20.73 -21.65 26.76
N SER B 445 -19.46 -21.30 26.97
CA SER B 445 -18.89 -20.17 26.26
C SER B 445 -17.72 -20.48 25.33
N VAL B 446 -17.37 -21.75 25.18
CA VAL B 446 -16.19 -22.07 24.36
C VAL B 446 -16.26 -23.34 23.52
N ALA B 447 -15.49 -23.31 22.43
CA ALA B 447 -15.36 -24.43 21.52
C ALA B 447 -13.84 -24.64 21.42
N SER B 448 -13.36 -25.82 21.81
CA SER B 448 -11.93 -26.11 21.82
C SER B 448 -11.67 -27.62 21.85
N PRO B 449 -11.59 -28.26 20.68
CA PRO B 449 -11.36 -29.70 20.53
C PRO B 449 -10.23 -30.30 21.37
N ASN B 450 -9.20 -29.51 21.63
CA ASN B 450 -8.06 -29.99 22.43
C ASN B 450 -8.17 -29.59 23.90
N ARG B 451 -9.33 -29.10 24.32
CA ARG B 451 -9.49 -28.70 25.71
C ARG B 451 -10.93 -28.81 26.22
N GLU B 452 -11.66 -27.70 26.29
CA GLU B 452 -13.04 -27.71 26.81
C GLU B 452 -14.07 -28.60 26.09
N THR B 453 -13.93 -28.78 24.78
CA THR B 453 -14.88 -29.62 24.07
C THR B 453 -14.19 -30.84 23.47
N GLU B 454 -13.14 -31.29 24.14
CA GLU B 454 -12.41 -32.46 23.70
C GLU B 454 -13.27 -33.70 23.95
N ALA B 455 -13.46 -34.49 22.90
CA ALA B 455 -14.25 -35.72 23.01
C ALA B 455 -15.67 -35.52 23.50
N MET B 456 -16.44 -34.66 22.85
CA MET B 456 -17.83 -34.46 23.23
C MET B 456 -18.43 -35.82 22.89
N LYS B 457 -19.36 -36.31 23.70
CA LYS B 457 -19.93 -37.62 23.45
C LYS B 457 -20.61 -37.78 22.09
N ASP B 458 -21.04 -36.68 21.48
CA ASP B 458 -21.69 -36.77 20.18
C ASP B 458 -20.69 -36.47 19.06
N GLY B 459 -19.46 -36.14 19.42
CA GLY B 459 -18.44 -35.82 18.44
C GLY B 459 -18.56 -34.42 17.87
N SER B 460 -19.24 -33.54 18.61
CA SER B 460 -19.43 -32.14 18.19
C SER B 460 -18.28 -31.23 18.63
N ASP B 461 -17.13 -31.81 18.93
CA ASP B 461 -15.94 -31.08 19.37
C ASP B 461 -15.67 -29.72 18.71
N ALA B 462 -15.58 -29.74 17.38
CA ALA B 462 -15.26 -28.54 16.61
C ALA B 462 -16.39 -27.55 16.29
N VAL B 463 -17.60 -27.82 16.75
CA VAL B 463 -18.70 -26.89 16.47
C VAL B 463 -18.49 -25.61 17.26
N GLY B 464 -18.43 -24.48 16.57
CA GLY B 464 -18.20 -23.21 17.26
C GLY B 464 -19.42 -22.30 17.42
N ASP B 465 -20.58 -22.74 16.95
CA ASP B 465 -21.79 -21.93 17.05
C ASP B 465 -22.15 -21.48 18.45
N TRP B 466 -22.04 -22.38 19.42
CA TRP B 466 -22.42 -22.06 20.79
C TRP B 466 -21.62 -20.91 21.41
N ALA B 467 -20.32 -20.85 21.13
CA ALA B 467 -19.50 -19.78 21.70
C ALA B 467 -20.05 -18.46 21.18
N VAL B 468 -20.42 -18.45 19.90
CA VAL B 468 -20.97 -17.25 19.29
C VAL B 468 -22.29 -16.91 19.96
N LEU B 469 -23.18 -17.89 20.05
CA LEU B 469 -24.49 -17.66 20.67
C LEU B 469 -24.32 -17.16 22.10
N ASN B 470 -23.36 -17.69 22.83
CA ASN B 470 -23.11 -17.24 24.19
C ASN B 470 -22.91 -15.73 24.21
N ALA B 471 -21.96 -15.25 23.40
CA ALA B 471 -21.68 -13.83 23.33
C ALA B 471 -22.90 -13.04 22.89
N LEU B 472 -23.63 -13.58 21.93
CA LEU B 472 -24.83 -12.93 21.42
C LEU B 472 -25.94 -12.85 22.47
N VAL B 473 -26.22 -13.95 23.16
CA VAL B 473 -27.29 -13.97 24.16
C VAL B 473 -27.00 -13.05 25.32
N ASN B 474 -25.75 -13.07 25.80
CA ASN B 474 -25.40 -12.22 26.93
C ASN B 474 -25.47 -10.75 26.57
N THR B 475 -25.23 -10.43 25.30
CA THR B 475 -25.32 -9.05 24.86
C THR B 475 -26.80 -8.68 24.95
N ALA B 476 -27.67 -9.56 24.48
CA ALA B 476 -29.12 -9.33 24.51
C ALA B 476 -29.65 -9.34 25.93
N ALA B 477 -29.09 -10.21 26.76
CA ALA B 477 -29.50 -10.33 28.16
C ALA B 477 -29.20 -9.06 28.95
N GLY B 478 -28.14 -8.35 28.59
CA GLY B 478 -27.84 -7.12 29.29
C GLY B 478 -26.57 -7.08 30.13
N ALA B 479 -25.55 -7.82 29.73
CA ALA B 479 -24.29 -7.83 30.47
C ALA B 479 -23.63 -6.46 30.31
N SER B 480 -22.64 -6.14 31.14
CA SER B 480 -21.95 -4.86 31.07
C SER B 480 -20.91 -4.81 29.95
N TRP B 481 -20.22 -5.91 29.73
CA TRP B 481 -19.30 -5.98 28.60
C TRP B 481 -19.10 -7.42 28.15
N VAL B 482 -19.32 -7.64 26.86
CA VAL B 482 -19.23 -8.94 26.24
C VAL B 482 -18.05 -9.02 25.27
N SER B 483 -17.38 -10.16 25.26
CA SER B 483 -16.24 -10.31 24.38
C SER B 483 -16.23 -11.65 23.68
N PHE B 484 -15.67 -11.68 22.48
CA PHE B 484 -15.56 -12.91 21.70
C PHE B 484 -14.12 -12.95 21.22
N HIS B 485 -13.36 -13.93 21.69
CA HIS B 485 -11.96 -14.05 21.31
C HIS B 485 -11.68 -15.31 20.50
N HIS B 486 -10.49 -15.35 19.93
CA HIS B 486 -10.05 -16.51 19.15
C HIS B 486 -8.68 -16.95 19.61
N GLY B 487 -8.51 -18.26 19.79
CA GLY B 487 -7.21 -18.80 20.17
C GLY B 487 -6.82 -18.78 21.63
N GLY B 488 -7.73 -18.37 22.50
CA GLY B 488 -7.39 -18.35 23.91
C GLY B 488 -7.02 -19.73 24.44
N GLY B 489 -6.08 -19.74 25.37
CA GLY B 489 -5.65 -20.97 26.00
C GLY B 489 -4.85 -21.96 25.18
N VAL B 490 -5.36 -22.33 24.01
CA VAL B 490 -4.67 -23.31 23.18
C VAL B 490 -3.94 -22.77 21.96
N GLY B 491 -4.06 -21.46 21.71
CA GLY B 491 -3.38 -20.87 20.57
C GLY B 491 -4.19 -20.73 19.29
N MET B 492 -3.62 -19.99 18.33
CA MET B 492 -4.28 -19.73 17.04
C MET B 492 -4.87 -20.96 16.35
N GLY B 493 -6.10 -20.80 15.85
CA GLY B 493 -6.77 -21.87 15.15
C GLY B 493 -7.40 -22.98 15.99
N TYR B 494 -7.10 -23.04 17.29
CA TYR B 494 -7.66 -24.10 18.11
C TYR B 494 -8.86 -23.82 19.01
N SER B 495 -9.30 -22.57 19.12
CA SER B 495 -10.47 -22.28 19.96
C SER B 495 -11.18 -20.98 19.63
N LEU B 496 -12.48 -20.96 19.93
CA LEU B 496 -13.34 -19.79 19.75
C LEU B 496 -14.08 -19.76 21.07
N HIS B 497 -14.22 -18.57 21.66
CA HIS B 497 -14.86 -18.47 22.95
C HIS B 497 -15.35 -17.07 23.29
N ALA B 498 -16.29 -17.00 24.23
CA ALA B 498 -16.87 -15.71 24.64
C ALA B 498 -16.74 -15.43 26.12
N GLY B 499 -16.64 -14.14 26.44
CA GLY B 499 -16.54 -13.74 27.84
C GLY B 499 -17.74 -12.87 28.20
N MET B 500 -18.02 -12.74 29.49
CA MET B 500 -19.14 -11.91 29.92
C MET B 500 -18.92 -11.33 31.31
N VAL B 501 -19.09 -10.02 31.43
CA VAL B 501 -18.93 -9.33 32.70
C VAL B 501 -20.16 -8.48 32.96
N ALA B 502 -20.64 -8.50 34.20
CA ALA B 502 -21.82 -7.72 34.58
C ALA B 502 -21.52 -6.96 35.86
N VAL B 503 -22.01 -5.72 35.96
CA VAL B 503 -21.76 -4.89 37.13
C VAL B 503 -22.93 -4.78 38.10
N ALA B 504 -22.68 -5.10 39.37
CA ALA B 504 -23.71 -4.99 40.41
C ALA B 504 -23.46 -3.66 41.12
N ASP B 505 -24.16 -2.63 40.68
CA ASP B 505 -23.98 -1.30 41.26
C ASP B 505 -25.07 -0.87 42.22
N GLY B 506 -25.90 -1.81 42.66
CA GLY B 506 -26.95 -1.48 43.61
C GLY B 506 -28.26 -0.96 43.01
N SER B 507 -28.24 -0.58 41.74
CA SER B 507 -29.44 -0.06 41.09
C SER B 507 -30.42 -1.16 40.74
N GLU B 508 -31.65 -0.76 40.41
CA GLU B 508 -32.68 -1.72 40.03
C GLU B 508 -32.43 -2.19 38.60
N LEU B 509 -31.84 -1.31 37.79
CA LEU B 509 -31.52 -1.64 36.40
C LEU B 509 -30.62 -2.87 36.41
N ALA B 510 -29.70 -2.92 37.37
CA ALA B 510 -28.79 -4.05 37.50
C ALA B 510 -29.52 -5.31 37.94
N ASP B 511 -30.46 -5.19 38.87
CA ASP B 511 -31.20 -6.37 39.32
C ASP B 511 -31.82 -7.10 38.15
N GLU B 512 -32.46 -6.33 37.26
CA GLU B 512 -33.10 -6.89 36.09
C GLU B 512 -32.08 -7.46 35.13
N ARG B 513 -31.01 -6.70 34.83
CA ARG B 513 -29.98 -7.18 33.93
C ARG B 513 -29.29 -8.42 34.50
N LEU B 514 -28.94 -8.36 35.78
CA LEU B 514 -28.28 -9.47 36.44
C LEU B 514 -29.10 -10.76 36.38
N ALA B 515 -30.39 -10.65 36.68
CA ALA B 515 -31.28 -11.81 36.65
C ALA B 515 -31.32 -12.43 35.26
N ARG B 516 -31.31 -11.58 34.26
CA ARG B 516 -31.36 -12.01 32.87
C ARG B 516 -30.08 -12.68 32.38
N VAL B 517 -28.95 -11.99 32.54
CA VAL B 517 -27.67 -12.50 32.05
C VAL B 517 -27.01 -13.60 32.87
N LEU B 518 -27.26 -13.64 34.19
CA LEU B 518 -26.67 -14.70 35.00
C LEU B 518 -27.46 -15.99 34.85
N THR B 519 -28.51 -15.90 34.04
CA THR B 519 -29.37 -17.03 33.75
C THR B 519 -29.00 -17.57 32.37
N SER B 520 -28.88 -16.66 31.41
CA SER B 520 -28.54 -17.03 30.04
C SER B 520 -27.13 -17.57 29.88
N ASP B 521 -26.16 -16.91 30.52
CA ASP B 521 -24.77 -17.33 30.43
C ASP B 521 -24.61 -18.81 30.82
N PRO B 522 -24.98 -19.19 32.05
CA PRO B 522 -24.84 -20.60 32.43
C PRO B 522 -25.89 -21.44 31.74
N GLY B 523 -27.00 -20.80 31.37
CA GLY B 523 -28.06 -21.52 30.70
C GLY B 523 -27.55 -22.11 29.40
N MET B 524 -26.71 -21.35 28.72
CA MET B 524 -26.16 -21.79 27.45
C MET B 524 -25.35 -23.06 27.66
N GLY B 525 -24.62 -23.12 28.77
CA GLY B 525 -23.82 -24.30 29.06
C GLY B 525 -24.67 -25.54 29.22
N ILE B 526 -25.84 -25.39 29.82
CA ILE B 526 -26.75 -26.51 30.01
C ILE B 526 -27.31 -27.01 28.68
N ILE B 527 -27.82 -26.09 27.86
CA ILE B 527 -28.39 -26.48 26.59
C ILE B 527 -27.36 -27.03 25.59
N ARG B 528 -26.09 -26.68 25.76
CA ARG B 528 -25.06 -27.15 24.85
C ARG B 528 -24.67 -28.59 25.16
N HIS B 529 -24.59 -28.91 26.45
CA HIS B 529 -24.23 -30.27 26.85
C HIS B 529 -25.43 -31.20 26.71
N ALA B 530 -26.63 -30.66 26.93
CA ALA B 530 -27.86 -31.44 26.79
C ALA B 530 -28.02 -31.81 25.32
N ASP B 531 -27.70 -30.86 24.43
CA ASP B 531 -27.81 -31.11 23.00
C ASP B 531 -26.82 -32.19 22.59
N ALA B 532 -25.66 -32.20 23.25
CA ALA B 532 -24.62 -33.20 22.98
C ALA B 532 -25.04 -34.56 23.51
N GLY B 533 -26.02 -34.58 24.41
CA GLY B 533 -26.51 -35.84 24.94
C GLY B 533 -26.11 -36.18 26.37
N TYR B 534 -25.49 -35.24 27.08
CA TYR B 534 -25.10 -35.52 28.47
C TYR B 534 -26.32 -35.58 29.37
N GLU B 535 -26.60 -36.79 29.86
CA GLU B 535 -27.74 -37.06 30.72
C GLU B 535 -27.95 -36.11 31.89
N ARG B 536 -26.90 -35.80 32.64
CA ARG B 536 -27.05 -34.88 33.77
C ARG B 536 -27.52 -33.53 33.23
N ALA B 537 -26.97 -33.11 32.10
CA ALA B 537 -27.35 -31.84 31.49
C ALA B 537 -28.84 -31.84 31.12
N VAL B 538 -29.32 -32.97 30.63
CA VAL B 538 -30.74 -33.07 30.27
C VAL B 538 -31.56 -32.98 31.57
N GLU B 539 -31.07 -33.63 32.61
CA GLU B 539 -31.75 -33.62 33.91
C GLU B 539 -31.83 -32.20 34.47
N VAL B 540 -30.72 -31.49 34.46
CA VAL B 540 -30.73 -30.13 34.98
C VAL B 540 -31.70 -29.27 34.20
N ALA B 541 -31.77 -29.49 32.89
CA ALA B 541 -32.68 -28.71 32.06
C ALA B 541 -34.12 -28.92 32.51
N LYS B 542 -34.50 -30.18 32.74
CA LYS B 542 -35.85 -30.52 33.20
C LYS B 542 -36.10 -29.93 34.58
N GLU B 543 -35.17 -30.16 35.49
CA GLU B 543 -35.27 -29.66 36.85
C GLU B 543 -35.45 -28.15 36.91
N GLN B 544 -34.68 -27.42 36.11
CA GLN B 544 -34.79 -25.97 36.13
C GLN B 544 -35.68 -25.35 35.06
N ASP B 545 -36.35 -26.19 34.29
CA ASP B 545 -37.24 -25.72 33.24
C ASP B 545 -36.50 -24.93 32.16
N ILE B 546 -35.26 -25.33 31.85
CA ILE B 546 -34.52 -24.65 30.80
C ILE B 546 -35.07 -25.15 29.48
N ILE B 547 -35.50 -24.22 28.62
CA ILE B 547 -36.08 -24.59 27.34
C ILE B 547 -35.18 -25.26 26.30
N VAL B 548 -35.59 -26.44 25.87
CA VAL B 548 -34.89 -27.19 24.84
C VAL B 548 -35.96 -27.35 23.76
N PRO B 549 -36.02 -26.40 22.81
CA PRO B 549 -36.96 -26.31 21.68
C PRO B 549 -37.35 -27.58 20.94
N MET B 550 -36.41 -28.51 20.74
CA MET B 550 -36.73 -29.74 20.03
C MET B 550 -37.61 -30.68 20.85
N GLN B 551 -37.69 -30.44 22.16
CA GLN B 551 -38.50 -31.29 23.03
C GLN B 551 -39.98 -30.94 22.95
N LYS B 552 -40.81 -31.98 22.95
CA LYS B 552 -42.25 -31.82 22.92
C LYS B 552 -42.77 -31.89 24.35
N SER C 7 36.76 35.52 4.35
CA SER C 7 36.19 34.40 5.14
C SER C 7 34.70 34.58 5.35
N ILE C 8 33.92 33.65 4.81
CA ILE C 8 32.47 33.71 4.90
C ILE C 8 31.95 32.79 5.98
N ARG C 9 30.79 33.13 6.53
CA ARG C 9 30.19 32.35 7.60
C ARG C 9 28.71 32.75 7.71
N ALA C 10 27.89 31.85 8.25
CA ALA C 10 26.46 32.11 8.39
C ALA C 10 26.10 33.12 9.48
N ASN C 11 25.10 33.94 9.22
CA ASN C 11 24.60 34.92 10.17
C ASN C 11 24.12 34.12 11.38
N ARG C 12 23.96 34.79 12.51
CA ARG C 12 23.50 34.12 13.72
C ARG C 12 22.39 34.93 14.39
N GLY C 13 21.70 34.31 15.34
CA GLY C 13 20.65 35.02 16.04
C GLY C 13 19.38 35.22 15.24
N THR C 14 18.51 36.08 15.74
CA THR C 14 17.23 36.34 15.10
C THR C 14 17.15 37.56 14.20
N GLU C 15 18.23 38.31 14.06
CA GLU C 15 18.19 39.48 13.18
C GLU C 15 18.22 38.97 11.74
N LEU C 16 17.34 39.51 10.90
CA LEU C 16 17.27 39.10 9.51
C LEU C 16 18.00 40.06 8.58
N GLU C 17 18.45 39.53 7.46
CA GLU C 17 19.15 40.30 6.45
C GLU C 17 18.25 40.27 5.22
N CYS C 18 17.38 39.26 5.16
CA CYS C 18 16.45 39.07 4.05
C CYS C 18 15.06 39.56 4.42
N LEU C 19 14.11 39.39 3.50
CA LEU C 19 12.74 39.84 3.71
C LEU C 19 11.89 38.88 4.56
N GLY C 20 12.27 37.61 4.58
CA GLY C 20 11.55 36.62 5.36
C GLY C 20 12.49 35.52 5.83
N TRP C 21 12.05 34.70 6.78
CA TRP C 21 12.89 33.64 7.30
C TRP C 21 13.26 32.56 6.31
N GLU C 22 12.33 32.17 5.45
CA GLU C 22 12.66 31.13 4.49
C GLU C 22 13.86 31.61 3.66
N GLN C 23 13.80 32.83 3.18
CA GLN C 23 14.91 33.40 2.40
C GLN C 23 16.18 33.39 3.24
N GLU C 24 16.10 33.96 4.44
CA GLU C 24 17.25 34.00 5.35
C GLU C 24 17.88 32.63 5.46
N ALA C 25 17.04 31.60 5.52
CA ALA C 25 17.54 30.23 5.63
C ALA C 25 18.46 29.93 4.45
N VAL C 26 18.01 30.29 3.25
CA VAL C 26 18.80 30.05 2.05
C VAL C 26 20.15 30.77 2.18
N LEU C 27 20.11 32.05 2.52
CA LEU C 27 21.35 32.83 2.66
C LEU C 27 22.31 32.28 3.71
N ARG C 28 21.77 31.87 4.86
CA ARG C 28 22.62 31.34 5.93
C ARG C 28 23.21 29.97 5.63
N MET C 29 22.48 29.13 4.92
CA MET C 29 22.99 27.81 4.58
C MET C 29 24.06 27.91 3.47
N LEU C 30 23.88 28.87 2.57
CA LEU C 30 24.86 29.10 1.50
C LEU C 30 26.20 29.50 2.11
N ARG C 31 26.15 30.47 3.00
CA ARG C 31 27.34 30.96 3.67
C ARG C 31 27.95 29.87 4.56
N ASN C 32 27.10 29.08 5.21
CA ASN C 32 27.58 28.01 6.07
C ASN C 32 28.41 27.01 5.24
N ASN C 33 28.01 26.80 3.99
CA ASN C 33 28.73 25.88 3.11
C ASN C 33 30.18 26.32 2.90
N LEU C 34 30.43 27.62 3.02
CA LEU C 34 31.76 28.17 2.83
C LEU C 34 32.47 28.58 4.12
N ASP C 35 31.90 28.20 5.25
CA ASP C 35 32.48 28.52 6.55
C ASP C 35 33.77 27.73 6.71
N PRO C 36 34.86 28.41 7.10
CA PRO C 36 36.17 27.77 7.28
C PRO C 36 36.11 26.50 8.15
N GLU C 37 35.21 26.51 9.12
CA GLU C 37 35.02 25.38 10.02
C GLU C 37 34.38 24.21 9.28
N VAL C 38 33.67 24.54 8.22
CA VAL C 38 32.92 23.55 7.45
C VAL C 38 33.50 23.04 6.15
N ALA C 39 33.79 23.95 5.22
CA ALA C 39 34.31 23.55 3.91
C ALA C 39 35.80 23.22 3.87
N GLU C 40 36.16 22.39 2.91
CA GLU C 40 37.54 21.96 2.72
C GLU C 40 38.46 23.01 2.14
N LYS C 41 37.93 23.86 1.27
CA LYS C 41 38.74 24.90 0.65
C LYS C 41 37.84 26.03 0.18
N PRO C 42 37.19 26.72 1.12
CA PRO C 42 36.26 27.84 0.85
C PRO C 42 36.78 29.02 0.04
N GLU C 43 38.08 29.33 0.14
CA GLU C 43 38.63 30.46 -0.59
C GLU C 43 38.41 30.33 -2.10
N ASP C 44 38.23 29.10 -2.58
CA ASP C 44 37.98 28.87 -3.99
C ASP C 44 36.56 28.33 -4.14
N LEU C 45 35.74 28.59 -3.14
CA LEU C 45 34.33 28.18 -3.12
C LEU C 45 34.14 26.65 -3.02
N ILE C 46 35.22 25.92 -2.79
CA ILE C 46 35.14 24.46 -2.71
C ILE C 46 34.68 23.90 -1.37
N VAL C 47 33.58 23.17 -1.39
CA VAL C 47 33.04 22.60 -0.16
C VAL C 47 33.63 21.23 0.14
N TYR C 48 33.61 20.33 -0.84
CA TYR C 48 34.15 19.00 -0.65
C TYR C 48 34.17 18.22 -1.95
N GLY C 49 34.64 16.97 -1.88
CA GLY C 49 34.68 16.09 -3.02
C GLY C 49 35.27 16.61 -4.31
N GLY C 50 36.54 16.99 -4.26
CA GLY C 50 37.20 17.49 -5.45
C GLY C 50 36.92 18.96 -5.62
N ILE C 51 36.19 19.31 -6.67
CA ILE C 51 35.83 20.71 -6.91
C ILE C 51 34.33 20.94 -6.75
N GLY C 52 33.73 20.30 -5.75
CA GLY C 52 32.32 20.51 -5.51
C GLY C 52 32.21 21.89 -4.89
N LYS C 53 31.64 22.84 -5.64
CA LYS C 53 31.51 24.22 -5.17
C LYS C 53 30.10 24.68 -4.79
N ALA C 54 30.03 25.82 -4.14
CA ALA C 54 28.76 26.40 -3.70
C ALA C 54 28.22 27.37 -4.74
N ALA C 55 29.11 27.95 -5.53
CA ALA C 55 28.75 28.91 -6.58
C ALA C 55 29.81 28.83 -7.68
N ARG C 56 29.44 29.25 -8.89
CA ARG C 56 30.34 29.19 -10.05
C ARG C 56 31.65 29.94 -9.87
N ASP C 57 31.55 31.16 -9.37
CA ASP C 57 32.70 32.02 -9.11
C ASP C 57 32.26 33.05 -8.07
N TRP C 58 33.17 33.92 -7.65
CA TRP C 58 32.83 34.91 -6.65
C TRP C 58 31.79 35.94 -7.06
N ASP C 59 31.79 36.33 -8.33
CA ASP C 59 30.77 37.28 -8.79
C ASP C 59 29.40 36.61 -8.62
N ALA C 60 29.30 35.36 -9.08
CA ALA C 60 28.04 34.63 -8.97
C ALA C 60 27.59 34.53 -7.51
N PHE C 61 28.53 34.19 -6.63
CA PHE C 61 28.23 34.07 -5.21
C PHE C 61 27.58 35.34 -4.65
N HIS C 62 28.22 36.48 -4.90
CA HIS C 62 27.71 37.76 -4.40
C HIS C 62 26.38 38.19 -5.03
N ALA C 63 26.15 37.78 -6.27
CA ALA C 63 24.89 38.12 -6.93
C ALA C 63 23.78 37.32 -6.26
N ILE C 64 24.07 36.06 -5.96
CA ILE C 64 23.10 35.20 -5.30
C ILE C 64 22.72 35.78 -3.95
N GLU C 65 23.72 36.23 -3.20
CA GLU C 65 23.46 36.82 -1.90
C GLU C 65 22.49 37.98 -2.05
N HIS C 66 22.76 38.81 -3.06
CA HIS C 66 21.95 39.98 -3.34
C HIS C 66 20.50 39.59 -3.71
N SER C 67 20.35 38.58 -4.55
CA SER C 67 19.01 38.14 -4.95
C SER C 67 18.20 37.66 -3.74
N LEU C 68 18.86 36.90 -2.87
CA LEU C 68 18.21 36.36 -1.69
C LEU C 68 17.69 37.44 -0.73
N LYS C 69 18.46 38.50 -0.57
CA LYS C 69 18.07 39.57 0.35
C LYS C 69 16.83 40.33 -0.10
N THR C 70 16.50 40.26 -1.38
CA THR C 70 15.35 40.97 -1.90
C THR C 70 14.28 40.04 -2.48
N LEU C 71 14.52 38.74 -2.40
CA LEU C 71 13.57 37.78 -2.91
C LEU C 71 12.32 37.86 -2.03
N LYS C 72 11.16 37.91 -2.66
CA LYS C 72 9.90 37.99 -1.91
C LYS C 72 9.41 36.60 -1.53
N ASN C 73 8.63 36.53 -0.46
CA ASN C 73 8.08 35.27 0.05
C ASN C 73 7.25 34.61 -1.04
N ASP C 74 7.03 35.38 -2.10
CA ASP C 74 6.22 35.03 -3.24
C ASP C 74 7.00 34.58 -4.47
N GLU C 75 8.31 34.79 -4.46
CA GLU C 75 9.13 34.49 -5.62
C GLU C 75 10.06 33.29 -5.59
N THR C 76 10.58 32.93 -6.76
CA THR C 76 11.48 31.80 -6.88
C THR C 76 12.73 32.16 -7.70
N LEU C 77 13.90 31.99 -7.11
CA LEU C 77 15.17 32.27 -7.78
C LEU C 77 15.61 31.02 -8.56
N LEU C 78 16.22 31.24 -9.72
CA LEU C 78 16.69 30.15 -10.55
C LEU C 78 18.22 30.14 -10.58
N VAL C 79 18.82 29.01 -10.20
CA VAL C 79 20.27 28.90 -10.20
C VAL C 79 20.71 27.82 -11.18
N GLN C 80 21.54 28.21 -12.15
CA GLN C 80 22.04 27.31 -13.18
C GLN C 80 23.55 27.11 -12.97
N SER C 81 23.93 25.90 -12.56
CA SER C 81 25.33 25.59 -12.29
C SER C 81 26.02 26.69 -11.48
N GLY C 82 25.47 26.97 -10.30
CA GLY C 82 26.05 27.96 -9.41
C GLY C 82 25.89 29.42 -9.81
N LYS C 83 25.09 29.70 -10.82
CA LYS C 83 24.91 31.08 -11.25
C LYS C 83 23.44 31.53 -11.22
N PRO C 84 23.17 32.70 -10.62
CA PRO C 84 21.78 33.18 -10.57
C PRO C 84 21.40 33.69 -11.96
N VAL C 85 20.50 32.97 -12.63
CA VAL C 85 20.10 33.35 -13.99
C VAL C 85 18.66 33.81 -14.20
N GLY C 86 17.83 33.76 -13.17
CA GLY C 86 16.46 34.21 -13.35
C GLY C 86 15.65 34.26 -12.08
N MET C 87 14.48 34.88 -12.16
CA MET C 87 13.60 34.99 -11.01
C MET C 87 12.18 35.26 -11.48
N PHE C 88 11.28 34.35 -11.14
CA PHE C 88 9.89 34.49 -11.53
C PHE C 88 8.95 34.39 -10.35
N ARG C 89 7.77 34.98 -10.50
CA ARG C 89 6.77 34.98 -9.46
C ARG C 89 6.05 33.65 -9.47
N THR C 90 5.95 33.00 -8.30
CA THR C 90 5.27 31.71 -8.20
C THR C 90 4.18 31.75 -7.14
N HIS C 91 4.40 31.07 -6.01
CA HIS C 91 3.44 31.05 -4.91
C HIS C 91 4.18 30.89 -3.58
N PRO C 92 3.55 31.27 -2.47
CA PRO C 92 4.21 31.14 -1.16
C PRO C 92 4.58 29.72 -0.76
N GLN C 93 3.83 28.72 -1.23
CA GLN C 93 4.15 27.35 -0.87
C GLN C 93 5.13 26.70 -1.85
N ALA C 94 5.53 27.45 -2.86
CA ALA C 94 6.48 26.94 -3.85
C ALA C 94 7.88 27.24 -3.36
N PRO C 95 8.88 26.49 -3.84
CA PRO C 95 10.26 26.73 -3.40
C PRO C 95 10.72 28.18 -3.67
N ARG C 96 11.53 28.70 -2.76
CA ARG C 96 12.06 30.05 -2.92
C ARG C 96 13.18 29.96 -3.96
N VAL C 97 13.91 28.84 -3.99
CA VAL C 97 14.99 28.65 -4.94
C VAL C 97 14.96 27.30 -5.67
N LEU C 98 15.25 27.33 -6.96
CA LEU C 98 15.29 26.13 -7.78
C LEU C 98 16.69 26.08 -8.37
N LEU C 99 17.36 24.93 -8.27
CA LEU C 99 18.72 24.80 -8.79
C LEU C 99 18.96 23.57 -9.66
N ALA C 100 19.70 23.77 -10.74
CA ALA C 100 20.08 22.71 -11.66
C ALA C 100 21.58 22.92 -11.91
N ASN C 101 22.40 22.06 -11.33
CA ASN C 101 23.85 22.16 -11.47
C ASN C 101 24.55 20.99 -12.18
N SER C 102 25.50 21.33 -13.05
CA SER C 102 26.32 20.35 -13.76
C SER C 102 25.63 19.43 -14.75
N VAL C 103 24.40 19.73 -15.12
CA VAL C 103 23.68 18.88 -16.05
C VAL C 103 24.20 19.01 -17.49
N LEU C 104 24.48 17.87 -18.11
CA LEU C 104 24.99 17.85 -19.48
C LEU C 104 24.21 16.85 -20.31
N VAL C 105 24.01 17.16 -21.58
CA VAL C 105 23.33 16.21 -22.46
C VAL C 105 24.25 14.99 -22.43
N PRO C 106 23.69 13.79 -22.21
CA PRO C 106 24.37 12.49 -22.12
C PRO C 106 25.65 12.25 -22.92
N LYS C 107 25.59 12.42 -24.23
CA LYS C 107 26.76 12.18 -25.07
C LYS C 107 27.91 13.14 -24.77
N TRP C 108 27.63 14.19 -24.01
CA TRP C 108 28.64 15.19 -23.65
C TRP C 108 28.91 15.17 -22.14
N ALA C 109 28.40 14.15 -21.46
CA ALA C 109 28.57 14.05 -20.01
C ALA C 109 29.85 13.33 -19.58
N ASP C 110 30.97 14.01 -19.71
CA ASP C 110 32.26 13.46 -19.35
C ASP C 110 33.10 14.60 -18.76
N TRP C 111 34.20 14.27 -18.10
CA TRP C 111 35.01 15.33 -17.52
C TRP C 111 35.65 16.19 -18.59
N GLU C 112 35.94 15.62 -19.76
CA GLU C 112 36.56 16.40 -20.82
C GLU C 112 35.72 17.61 -21.24
N HIS C 113 34.47 17.38 -21.64
CA HIS C 113 33.64 18.49 -22.05
C HIS C 113 33.31 19.39 -20.84
N PHE C 114 33.20 18.80 -19.65
CA PHE C 114 32.91 19.61 -18.47
C PHE C 114 34.04 20.62 -18.27
N HIS C 115 35.26 20.15 -18.45
CA HIS C 115 36.40 21.05 -18.29
C HIS C 115 36.43 22.10 -19.39
N GLU C 116 36.14 21.71 -20.63
CA GLU C 116 36.14 22.71 -21.70
C GLU C 116 35.16 23.85 -21.36
N LEU C 117 34.01 23.49 -20.81
CA LEU C 117 33.00 24.49 -20.46
C LEU C 117 33.37 25.27 -19.19
N GLU C 118 33.97 24.59 -18.22
CA GLU C 118 34.37 25.26 -17.00
C GLU C 118 35.37 26.35 -17.33
N LYS C 119 36.33 26.03 -18.20
CA LYS C 119 37.34 26.99 -18.60
C LYS C 119 36.72 28.21 -19.26
N LYS C 120 35.56 28.03 -19.89
CA LYS C 120 34.89 29.16 -20.53
C LYS C 120 33.99 29.90 -19.56
N GLY C 121 34.01 29.49 -18.30
CA GLY C 121 33.18 30.13 -17.29
C GLY C 121 31.72 29.73 -17.39
N LEU C 122 31.48 28.57 -18.00
CA LEU C 122 30.12 28.05 -18.22
C LEU C 122 29.71 26.86 -17.33
N MET C 123 30.60 26.41 -16.45
CA MET C 123 30.27 25.25 -15.61
C MET C 123 30.74 25.34 -14.16
N MET C 124 30.15 24.47 -13.34
CA MET C 124 30.49 24.34 -11.93
C MET C 124 30.07 22.94 -11.53
N TYR C 125 30.83 22.30 -10.66
CA TYR C 125 30.49 20.96 -10.22
C TYR C 125 29.79 21.13 -8.89
N GLY C 126 28.56 20.66 -8.82
CA GLY C 126 27.80 20.82 -7.59
C GLY C 126 27.86 19.65 -6.64
N GLN C 127 28.56 18.59 -7.02
CA GLN C 127 28.61 17.39 -6.18
C GLN C 127 27.15 17.17 -5.76
N MET C 128 26.90 16.92 -4.48
CA MET C 128 25.52 16.74 -4.05
C MET C 128 25.04 17.92 -3.21
N THR C 129 25.65 18.10 -2.03
CA THR C 129 25.27 19.17 -1.12
C THR C 129 26.13 20.44 -1.21
N ALA C 130 27.13 20.43 -2.08
CA ALA C 130 27.99 21.60 -2.25
C ALA C 130 27.22 22.69 -3.00
N GLY C 131 26.69 22.34 -4.16
CA GLY C 131 25.94 23.29 -4.96
C GLY C 131 24.51 23.52 -4.49
N SER C 132 24.02 22.72 -3.56
CA SER C 132 22.65 22.85 -3.08
C SER C 132 22.56 23.34 -1.63
N TRP C 133 23.70 23.80 -1.13
CA TRP C 133 23.83 24.39 0.19
C TRP C 133 23.19 23.70 1.40
N ILE C 134 23.59 22.46 1.65
CA ILE C 134 23.02 21.70 2.77
C ILE C 134 24.09 20.82 3.38
N TYR C 135 25.34 21.23 3.19
CA TYR C 135 26.53 20.51 3.70
C TYR C 135 26.75 20.93 5.14
N ILE C 136 27.01 19.96 6.01
CA ILE C 136 27.22 20.26 7.41
C ILE C 136 28.55 19.71 7.93
N GLY C 137 29.60 19.84 7.13
CA GLY C 137 30.89 19.34 7.53
C GLY C 137 30.96 17.83 7.38
N SER C 138 31.82 17.19 8.16
CA SER C 138 31.99 15.74 8.08
C SER C 138 30.85 14.94 8.70
N GLN C 139 30.05 15.59 9.55
CA GLN C 139 28.94 14.90 10.18
C GLN C 139 27.91 14.38 9.17
N GLY C 140 27.75 15.11 8.08
CA GLY C 140 26.77 14.74 7.05
C GLY C 140 26.77 13.30 6.58
N ILE C 141 27.94 12.70 6.44
CA ILE C 141 28.02 11.33 5.98
C ILE C 141 28.30 10.37 7.13
N LEU C 142 28.60 10.92 8.30
CA LEU C 142 28.97 10.11 9.47
C LEU C 142 28.08 8.92 9.81
N GLN C 143 26.78 9.12 9.95
CA GLN C 143 25.94 7.97 10.28
C GLN C 143 25.92 6.96 9.14
N GLY C 144 25.91 7.46 7.90
CA GLY C 144 25.90 6.57 6.76
C GLY C 144 27.11 5.64 6.77
N THR C 145 28.27 6.19 7.10
CA THR C 145 29.50 5.41 7.14
C THR C 145 29.47 4.51 8.37
N TYR C 146 29.03 5.06 9.49
CA TYR C 146 28.92 4.29 10.71
C TYR C 146 28.00 3.08 10.48
N GLU C 147 26.86 3.31 9.82
CA GLU C 147 25.90 2.24 9.56
C GLU C 147 26.43 1.19 8.60
N THR C 148 27.22 1.63 7.63
CA THR C 148 27.81 0.72 6.66
C THR C 148 28.74 -0.25 7.38
N PHE C 149 29.62 0.29 8.21
CA PHE C 149 30.54 -0.56 8.95
C PHE C 149 29.80 -1.40 9.99
N ALA C 150 28.76 -0.85 10.59
CA ALA C 150 28.00 -1.58 11.60
C ALA C 150 27.29 -2.78 11.00
N GLU C 151 26.76 -2.61 9.79
CA GLU C 151 26.07 -3.70 9.11
C GLU C 151 27.07 -4.76 8.70
N LEU C 152 28.21 -4.32 8.16
CA LEU C 152 29.27 -5.25 7.72
C LEU C 152 29.75 -6.00 8.97
N ALA C 153 29.82 -5.30 10.09
CA ALA C 153 30.25 -5.90 11.34
C ALA C 153 29.30 -7.01 11.76
N ARG C 154 28.01 -6.78 11.56
CA ARG C 154 27.01 -7.78 11.92
C ARG C 154 27.14 -9.00 11.02
N GLN C 155 27.37 -8.76 9.74
CA GLN C 155 27.51 -9.85 8.78
C GLN C 155 28.76 -10.70 8.95
N HIS C 156 29.88 -10.08 9.28
CA HIS C 156 31.11 -10.85 9.36
C HIS C 156 31.87 -10.97 10.68
N PHE C 157 31.71 -10.02 11.59
CA PHE C 157 32.44 -10.11 12.83
C PHE C 157 31.58 -10.07 14.11
N GLY C 158 30.51 -10.85 14.12
CA GLY C 158 29.65 -10.92 15.29
C GLY C 158 29.02 -9.64 15.80
N GLY C 159 28.88 -8.64 14.95
CA GLY C 159 28.24 -7.40 15.38
C GLY C 159 29.12 -6.39 16.10
N SER C 160 30.43 -6.44 15.82
CA SER C 160 31.37 -5.51 16.42
C SER C 160 32.69 -5.55 15.65
N LEU C 161 33.35 -4.40 15.53
CA LEU C 161 34.63 -4.34 14.83
C LEU C 161 35.79 -4.43 15.83
N LYS C 162 35.44 -4.68 17.08
CA LYS C 162 36.42 -4.82 18.15
C LYS C 162 37.42 -5.89 17.73
N GLY C 163 38.70 -5.60 17.87
CA GLY C 163 39.71 -6.57 17.49
C GLY C 163 39.92 -6.72 15.99
N THR C 164 39.47 -5.76 15.20
CA THR C 164 39.66 -5.86 13.75
C THR C 164 40.37 -4.62 13.22
N LEU C 165 41.07 -4.79 12.10
CA LEU C 165 41.78 -3.67 11.48
C LEU C 165 41.21 -3.33 10.10
N THR C 166 40.85 -2.07 9.92
CA THR C 166 40.31 -1.60 8.65
C THR C 166 41.33 -0.74 7.92
N LEU C 167 41.46 -0.96 6.62
CA LEU C 167 42.37 -0.17 5.79
C LEU C 167 41.58 0.60 4.76
N THR C 168 41.84 1.90 4.67
CA THR C 168 41.17 2.74 3.69
C THR C 168 42.08 3.93 3.37
N ALA C 169 41.55 4.92 2.67
CA ALA C 169 42.33 6.08 2.31
C ALA C 169 41.41 7.23 1.97
N GLY C 170 41.95 8.44 2.01
CA GLY C 170 41.17 9.62 1.68
C GLY C 170 40.58 10.23 2.92
N LEU C 171 41.19 11.32 3.39
CA LEU C 171 40.69 12.01 4.57
C LEU C 171 40.31 13.44 4.23
N GLY C 172 39.38 13.56 3.30
CA GLY C 172 38.89 14.87 2.89
C GLY C 172 37.66 15.20 3.71
N GLY C 173 36.83 16.12 3.22
CA GLY C 173 35.63 16.47 3.96
C GLY C 173 34.76 15.27 4.32
N MET C 174 34.45 14.43 3.34
CA MET C 174 33.61 13.27 3.59
C MET C 174 34.44 12.04 4.00
N GLY C 175 35.56 11.84 3.33
CA GLY C 175 36.41 10.71 3.67
C GLY C 175 36.89 10.84 5.11
N GLY C 176 36.94 12.08 5.59
CA GLY C 176 37.38 12.32 6.96
C GLY C 176 36.55 11.61 8.01
N ALA C 177 35.34 11.18 7.65
CA ALA C 177 34.46 10.50 8.59
C ALA C 177 34.72 9.01 8.74
N GLN C 178 35.56 8.46 7.86
CA GLN C 178 35.83 7.02 7.93
C GLN C 178 36.44 6.60 9.26
N PRO C 179 37.53 7.26 9.69
CA PRO C 179 38.14 6.88 10.96
C PRO C 179 37.19 6.86 12.16
N LEU C 180 36.41 7.93 12.35
CA LEU C 180 35.48 8.00 13.46
C LEU C 180 34.40 6.92 13.33
N SER C 181 33.99 6.65 12.09
CA SER C 181 32.98 5.64 11.83
C SER C 181 33.45 4.26 12.28
N VAL C 182 34.68 3.89 11.95
CA VAL C 182 35.19 2.58 12.37
C VAL C 182 35.37 2.57 13.89
N THR C 183 35.82 3.71 14.41
CA THR C 183 36.05 3.92 15.83
C THR C 183 34.78 3.71 16.66
N MET C 184 33.66 4.24 16.19
CA MET C 184 32.40 4.10 16.89
C MET C 184 31.91 2.67 16.88
N ASN C 185 32.42 1.87 15.94
CA ASN C 185 32.06 0.46 15.85
C ASN C 185 33.08 -0.38 16.62
N GLU C 186 33.90 0.30 17.41
CA GLU C 186 34.94 -0.33 18.25
C GLU C 186 36.13 -0.93 17.51
N GLY C 187 36.37 -0.51 16.28
CA GLY C 187 37.49 -1.09 15.56
C GLY C 187 38.73 -0.24 15.40
N VAL C 188 39.76 -0.83 14.78
CA VAL C 188 41.01 -0.12 14.53
C VAL C 188 40.99 0.23 13.06
N VAL C 189 41.66 1.31 12.70
CA VAL C 189 41.69 1.70 11.31
C VAL C 189 42.90 2.54 10.98
N ILE C 190 43.47 2.27 9.80
CA ILE C 190 44.60 3.00 9.29
C ILE C 190 44.06 3.64 8.03
N ALA C 191 44.08 4.97 7.98
CA ALA C 191 43.59 5.71 6.81
C ALA C 191 44.75 6.45 6.17
N VAL C 192 45.04 6.11 4.91
CA VAL C 192 46.13 6.74 4.19
C VAL C 192 45.67 8.03 3.52
N GLU C 193 46.40 9.11 3.77
CA GLU C 193 46.10 10.42 3.20
C GLU C 193 47.41 11.06 2.77
N VAL C 194 47.49 11.45 1.50
CA VAL C 194 48.72 12.01 0.95
C VAL C 194 49.00 13.47 1.30
N ASP C 195 48.04 14.15 1.90
CA ASP C 195 48.22 15.57 2.25
C ASP C 195 48.09 15.77 3.77
N GLU C 196 49.21 16.07 4.42
CA GLU C 196 49.21 16.27 5.86
C GLU C 196 48.22 17.33 6.36
N LYS C 197 47.89 18.31 5.52
CA LYS C 197 46.95 19.36 5.92
C LYS C 197 45.57 18.76 6.10
N ARG C 198 45.20 17.83 5.23
CA ARG C 198 43.90 17.18 5.31
C ARG C 198 43.85 16.38 6.61
N ILE C 199 44.95 15.70 6.91
CA ILE C 199 45.06 14.90 8.11
C ILE C 199 44.86 15.77 9.36
N ASP C 200 45.51 16.93 9.38
CA ASP C 200 45.40 17.82 10.52
C ASP C 200 43.97 18.31 10.71
N LYS C 201 43.23 18.46 9.62
CA LYS C 201 41.85 18.91 9.73
C LYS C 201 40.96 17.87 10.41
N ARG C 202 41.21 16.59 10.15
CA ARG C 202 40.43 15.52 10.76
C ARG C 202 40.79 15.40 12.24
N ILE C 203 42.04 15.69 12.57
CA ILE C 203 42.48 15.62 13.96
C ILE C 203 41.86 16.76 14.76
N GLU C 204 41.98 17.97 14.22
CA GLU C 204 41.44 19.18 14.85
C GLU C 204 39.95 19.07 15.15
N THR C 205 39.22 18.48 14.21
CA THR C 205 37.78 18.31 14.34
C THR C 205 37.35 17.02 15.03
N LYS C 206 38.30 16.30 15.59
CA LYS C 206 38.02 15.07 16.32
C LYS C 206 37.40 13.93 15.51
N TYR C 207 37.79 13.80 14.24
CA TYR C 207 37.29 12.73 13.40
C TYR C 207 38.33 11.63 13.24
N CYS C 208 39.52 11.86 13.82
CA CYS C 208 40.61 10.89 13.78
C CYS C 208 41.46 11.04 15.03
N ASP C 209 41.95 9.93 15.57
CA ASP C 209 42.76 9.99 16.78
C ASP C 209 44.21 10.45 16.62
N ARG C 210 44.99 9.68 15.86
CA ARG C 210 46.41 10.00 15.68
C ARG C 210 46.85 10.11 14.22
N LYS C 211 48.08 10.59 14.05
CA LYS C 211 48.66 10.71 12.72
C LYS C 211 50.12 10.32 12.78
N THR C 212 50.71 10.02 11.63
CA THR C 212 52.12 9.64 11.52
C THR C 212 52.51 9.44 10.06
N ALA C 213 53.80 9.56 9.79
CA ALA C 213 54.31 9.40 8.43
C ALA C 213 55.13 8.11 8.33
N SER C 214 55.09 7.32 9.39
CA SER C 214 55.82 6.06 9.44
C SER C 214 54.92 4.83 9.41
N ILE C 215 55.09 3.99 8.39
CA ILE C 215 54.31 2.77 8.27
C ILE C 215 54.52 1.85 9.47
N GLU C 216 55.75 1.78 9.97
CA GLU C 216 56.02 0.92 11.13
C GLU C 216 55.31 1.46 12.37
N GLU C 217 55.26 2.78 12.51
CA GLU C 217 54.61 3.38 13.67
C GLU C 217 53.10 3.13 13.57
N ALA C 218 52.53 3.33 12.40
CA ALA C 218 51.09 3.12 12.22
C ALA C 218 50.75 1.66 12.55
N LEU C 219 51.54 0.73 12.01
CA LEU C 219 51.30 -0.69 12.25
C LEU C 219 51.43 -1.06 13.73
N ALA C 220 52.49 -0.59 14.39
CA ALA C 220 52.68 -0.91 15.80
C ALA C 220 51.49 -0.42 16.63
N TRP C 221 51.00 0.78 16.33
CA TRP C 221 49.84 1.33 17.07
C TRP C 221 48.60 0.49 16.79
N ALA C 222 48.39 0.16 15.52
CA ALA C 222 47.23 -0.62 15.10
C ALA C 222 47.21 -2.00 15.76
N GLU C 223 48.35 -2.67 15.77
CA GLU C 223 48.43 -4.00 16.38
C GLU C 223 48.20 -3.91 17.88
N GLU C 224 48.82 -2.91 18.50
CA GLU C 224 48.70 -2.69 19.93
C GLU C 224 47.24 -2.52 20.34
N ALA C 225 46.54 -1.68 19.61
CA ALA C 225 45.14 -1.43 19.88
C ALA C 225 44.31 -2.65 19.54
N LYS C 226 44.65 -3.31 18.43
CA LYS C 226 43.92 -4.49 18.01
C LYS C 226 44.04 -5.60 19.06
N LEU C 227 45.22 -5.70 19.66
CA LEU C 227 45.47 -6.73 20.68
C LEU C 227 44.71 -6.43 21.96
N ALA C 228 44.61 -5.17 22.33
CA ALA C 228 43.90 -4.79 23.55
C ALA C 228 42.39 -4.71 23.34
N GLY C 229 41.97 -4.92 22.09
CA GLY C 229 40.55 -4.86 21.77
C GLY C 229 40.00 -3.46 22.04
N LYS C 230 40.82 -2.45 21.75
CA LYS C 230 40.45 -1.05 21.93
C LYS C 230 40.36 -0.35 20.58
N PRO C 231 39.40 0.60 20.43
CA PRO C 231 39.27 1.31 19.16
C PRO C 231 40.40 2.34 18.99
N LEU C 232 40.78 2.58 17.74
CA LEU C 232 41.85 3.54 17.46
C LEU C 232 41.88 3.85 15.96
N SER C 233 41.98 5.13 15.63
CA SER C 233 42.04 5.58 14.25
C SER C 233 43.41 6.22 14.00
N ILE C 234 44.03 5.82 12.89
CA ILE C 234 45.36 6.29 12.53
C ILE C 234 45.44 6.83 11.11
N ALA C 235 45.82 8.10 11.00
CA ALA C 235 45.97 8.73 9.70
C ALA C 235 47.43 8.56 9.30
N LEU C 236 47.67 7.77 8.25
CA LEU C 236 49.03 7.53 7.79
C LEU C 236 49.34 8.40 6.57
N LEU C 237 50.31 9.29 6.73
CA LEU C 237 50.72 10.20 5.65
C LEU C 237 51.37 9.40 4.54
N GLY C 238 50.85 9.53 3.32
CA GLY C 238 51.43 8.82 2.19
C GLY C 238 50.46 8.66 1.04
N ASN C 239 50.91 7.98 -0.01
CA ASN C 239 50.08 7.75 -1.19
C ASN C 239 49.54 6.32 -1.16
N ALA C 240 48.22 6.19 -1.17
CA ALA C 240 47.58 4.88 -1.11
C ALA C 240 48.05 3.91 -2.19
N ALA C 241 48.32 4.40 -3.39
CA ALA C 241 48.75 3.52 -4.48
C ALA C 241 50.03 2.78 -4.10
N GLU C 242 50.82 3.39 -3.22
CA GLU C 242 52.07 2.80 -2.77
C GLU C 242 51.91 2.05 -1.45
N VAL C 243 51.42 2.76 -0.44
CA VAL C 243 51.25 2.18 0.89
C VAL C 243 50.45 0.87 0.90
N HIS C 244 49.34 0.83 0.17
CA HIS C 244 48.54 -0.38 0.16
C HIS C 244 49.31 -1.59 -0.37
N HIS C 245 50.12 -1.38 -1.40
CA HIS C 245 50.89 -2.49 -1.94
C HIS C 245 52.00 -2.89 -0.99
N THR C 246 52.52 -1.93 -0.23
CA THR C 246 53.56 -2.20 0.74
C THR C 246 53.01 -3.12 1.85
N LEU C 247 51.84 -2.76 2.37
CA LEU C 247 51.18 -3.53 3.42
C LEU C 247 50.80 -4.91 2.90
N LEU C 248 50.38 -4.95 1.65
CA LEU C 248 49.99 -6.20 1.02
C LEU C 248 51.19 -7.15 1.01
N ASN C 249 52.32 -6.66 0.47
CA ASN C 249 53.52 -7.47 0.38
C ASN C 249 54.26 -7.64 1.70
N ARG C 250 53.70 -7.09 2.78
CA ARG C 250 54.32 -7.23 4.07
C ARG C 250 53.58 -8.28 4.89
N GLY C 251 52.49 -8.80 4.31
CA GLY C 251 51.70 -9.81 4.98
C GLY C 251 50.84 -9.32 6.14
N VAL C 252 50.65 -8.01 6.24
CA VAL C 252 49.83 -7.46 7.32
C VAL C 252 48.43 -8.04 7.20
N LYS C 253 47.88 -8.50 8.33
CA LYS C 253 46.54 -9.07 8.32
C LYS C 253 45.49 -7.96 8.41
N ILE C 254 44.80 -7.72 7.30
CA ILE C 254 43.78 -6.69 7.26
C ILE C 254 42.38 -7.31 7.11
N ASP C 255 41.50 -6.98 8.04
CA ASP C 255 40.15 -7.52 8.05
C ASP C 255 39.18 -6.91 7.05
N ILE C 256 39.19 -5.58 6.94
CA ILE C 256 38.30 -4.86 6.04
C ILE C 256 39.08 -3.84 5.22
N VAL C 257 38.75 -3.73 3.94
CA VAL C 257 39.42 -2.75 3.07
C VAL C 257 38.39 -2.03 2.21
N THR C 258 38.60 -0.73 2.04
CA THR C 258 37.72 0.08 1.21
C THR C 258 38.55 1.28 0.80
N ASP C 259 37.88 2.35 0.39
CA ASP C 259 38.58 3.56 -0.01
C ASP C 259 37.65 4.74 -0.24
N GLN C 260 38.12 5.94 0.07
CA GLN C 260 37.32 7.12 -0.17
C GLN C 260 38.12 8.32 -0.67
N THR C 261 39.07 8.06 -1.57
CA THR C 261 39.84 9.14 -2.18
C THR C 261 38.85 9.70 -3.21
N SER C 262 39.12 10.88 -3.74
CA SER C 262 38.20 11.46 -4.72
C SER C 262 38.43 10.93 -6.13
N ALA C 263 38.32 9.62 -6.27
CA ALA C 263 38.52 8.94 -7.54
C ALA C 263 37.54 9.34 -8.63
N HIS C 264 36.45 9.99 -8.24
CA HIS C 264 35.42 10.41 -9.19
C HIS C 264 35.91 11.48 -10.15
N ASP C 265 36.98 12.16 -9.76
CA ASP C 265 37.56 13.24 -10.57
C ASP C 265 39.07 13.00 -10.72
N PRO C 266 39.46 12.28 -11.79
CA PRO C 266 40.87 11.96 -12.06
C PRO C 266 41.85 13.13 -12.13
N LEU C 267 41.36 14.34 -12.34
CA LEU C 267 42.25 15.48 -12.45
C LEU C 267 42.57 16.17 -11.12
N ILE C 268 41.56 16.30 -10.27
CA ILE C 268 41.74 16.96 -8.97
C ILE C 268 41.77 16.03 -7.77
N GLY C 269 40.94 14.99 -7.80
CA GLY C 269 40.80 14.07 -6.69
C GLY C 269 41.77 12.96 -6.36
N TYR C 270 42.73 12.67 -7.23
CA TYR C 270 43.69 11.61 -6.91
C TYR C 270 45.10 12.05 -7.28
N VAL C 271 46.04 11.91 -6.34
CA VAL C 271 47.43 12.28 -6.58
C VAL C 271 48.18 11.04 -7.11
N PRO C 272 48.83 11.17 -8.27
CA PRO C 272 49.56 10.02 -8.82
C PRO C 272 50.72 9.63 -7.92
N GLU C 273 51.01 8.33 -7.87
CA GLU C 273 52.10 7.82 -7.06
C GLU C 273 53.46 8.36 -7.47
N GLY C 274 54.23 8.81 -6.49
CA GLY C 274 55.56 9.35 -6.76
C GLY C 274 55.64 10.86 -6.86
N TYR C 275 54.51 11.54 -6.73
CA TYR C 275 54.48 12.99 -6.81
C TYR C 275 54.21 13.68 -5.48
N SER C 276 54.97 14.73 -5.18
CA SER C 276 54.72 15.47 -3.95
C SER C 276 53.50 16.32 -4.31
N LEU C 277 52.91 16.99 -3.32
CA LEU C 277 51.75 17.82 -3.60
C LEU C 277 52.09 18.94 -4.58
N ASP C 278 53.26 19.55 -4.40
CA ASP C 278 53.68 20.64 -5.30
C ASP C 278 53.94 20.15 -6.73
N GLU C 279 54.58 18.99 -6.85
CA GLU C 279 54.87 18.44 -8.16
C GLU C 279 53.57 18.08 -8.87
N ALA C 280 52.62 17.54 -8.10
CA ALA C 280 51.32 17.20 -8.65
C ALA C 280 50.63 18.48 -9.14
N ASP C 281 50.78 19.57 -8.38
CA ASP C 281 50.15 20.83 -8.78
C ASP C 281 50.70 21.33 -10.12
N ARG C 282 52.00 21.20 -10.32
CA ARG C 282 52.61 21.65 -11.57
C ARG C 282 52.24 20.69 -12.69
N LEU C 283 52.32 19.40 -12.39
CA LEU C 283 51.98 18.37 -13.37
C LEU C 283 50.55 18.65 -13.83
N ARG C 284 49.67 18.90 -12.86
CA ARG C 284 48.26 19.17 -13.12
C ARG C 284 48.03 20.44 -13.92
N GLN C 285 48.77 21.49 -13.60
CA GLN C 285 48.60 22.76 -14.29
C GLN C 285 49.14 22.83 -15.71
N ASP C 286 50.31 22.24 -15.94
CA ASP C 286 50.93 22.30 -17.27
C ASP C 286 50.55 21.19 -18.23
N THR C 287 50.35 19.98 -17.71
CA THR C 287 50.01 18.84 -18.56
C THR C 287 48.83 18.07 -17.97
N PRO C 288 47.65 18.71 -17.92
CA PRO C 288 46.44 18.09 -17.37
C PRO C 288 46.09 16.72 -17.98
N GLU C 289 46.34 16.55 -19.27
CA GLU C 289 46.01 15.27 -19.91
C GLU C 289 46.95 14.15 -19.45
N LEU C 290 48.22 14.49 -19.25
CA LEU C 290 49.20 13.50 -18.81
C LEU C 290 48.85 13.16 -17.36
N TYR C 291 48.54 14.20 -16.59
CA TYR C 291 48.17 14.05 -15.19
C TYR C 291 47.07 12.99 -15.05
N VAL C 292 45.97 13.21 -15.77
CA VAL C 292 44.84 12.30 -15.74
C VAL C 292 45.24 10.87 -16.07
N ARG C 293 46.08 10.70 -17.08
CA ARG C 293 46.55 9.38 -17.46
C ARG C 293 47.29 8.72 -16.30
N LEU C 294 48.17 9.49 -15.67
CA LEU C 294 48.94 8.98 -14.55
C LEU C 294 48.07 8.67 -13.33
N ALA C 295 47.07 9.52 -13.08
CA ALA C 295 46.18 9.32 -11.94
C ALA C 295 45.40 8.02 -12.12
N LYS C 296 44.88 7.79 -13.32
CA LYS C 296 44.13 6.57 -13.60
C LYS C 296 45.06 5.37 -13.44
N GLN C 297 46.30 5.52 -13.89
CA GLN C 297 47.29 4.44 -13.79
C GLN C 297 47.47 4.03 -12.33
N SER C 298 47.62 5.02 -11.45
CA SER C 298 47.81 4.75 -10.03
C SER C 298 46.56 4.17 -9.36
N MET C 299 45.40 4.66 -9.77
CA MET C 299 44.15 4.14 -9.21
C MET C 299 43.98 2.68 -9.61
N LYS C 300 44.46 2.34 -10.80
CA LYS C 300 44.38 0.97 -11.27
C LYS C 300 45.19 0.09 -10.32
N LYS C 301 46.41 0.53 -10.03
CA LYS C 301 47.31 -0.19 -9.14
C LYS C 301 46.69 -0.25 -7.75
N HIS C 302 46.06 0.86 -7.36
CA HIS C 302 45.40 0.96 -6.07
C HIS C 302 44.30 -0.10 -5.94
N VAL C 303 43.50 -0.27 -6.98
CA VAL C 303 42.43 -1.26 -6.94
C VAL C 303 42.95 -2.70 -6.97
N GLU C 304 44.06 -2.92 -7.67
CA GLU C 304 44.65 -4.26 -7.74
C GLU C 304 44.96 -4.70 -6.32
N ALA C 305 45.43 -3.76 -5.51
CA ALA C 305 45.78 -4.06 -4.13
C ALA C 305 44.52 -4.45 -3.35
N MET C 306 43.44 -3.72 -3.58
CA MET C 306 42.18 -4.01 -2.92
C MET C 306 41.70 -5.43 -3.28
N LEU C 307 41.90 -5.82 -4.54
CA LEU C 307 41.51 -7.15 -5.00
C LEU C 307 42.37 -8.23 -4.36
N ALA C 308 43.68 -7.99 -4.26
CA ALA C 308 44.57 -8.97 -3.65
C ALA C 308 44.15 -9.19 -2.19
N PHE C 309 43.87 -8.12 -1.47
CA PHE C 309 43.44 -8.25 -0.09
C PHE C 309 42.18 -9.12 0.01
N GLN C 310 41.24 -8.89 -0.89
CA GLN C 310 40.02 -9.67 -0.88
C GLN C 310 40.39 -11.15 -1.02
N GLN C 311 41.26 -11.44 -1.98
CA GLN C 311 41.71 -12.81 -2.23
C GLN C 311 42.35 -13.44 -1.01
N LYS C 312 42.95 -12.62 -0.15
CA LYS C 312 43.59 -13.13 1.06
C LYS C 312 42.59 -13.28 2.21
N GLY C 313 41.35 -12.89 1.98
CA GLY C 313 40.34 -13.04 3.03
C GLY C 313 39.73 -11.78 3.60
N SER C 314 40.24 -10.61 3.26
CA SER C 314 39.66 -9.40 3.81
C SER C 314 38.36 -9.00 3.11
N ILE C 315 37.44 -8.44 3.88
CA ILE C 315 36.18 -7.99 3.34
C ILE C 315 36.45 -6.66 2.68
N VAL C 316 36.13 -6.57 1.40
CA VAL C 316 36.37 -5.38 0.60
C VAL C 316 35.08 -4.87 -0.03
N PHE C 317 34.92 -3.55 -0.03
CA PHE C 317 33.75 -2.94 -0.64
C PHE C 317 34.08 -1.56 -1.18
N ASP C 318 33.30 -1.11 -2.15
CA ASP C 318 33.48 0.19 -2.78
C ASP C 318 32.64 1.20 -2.00
N TYR C 319 33.23 2.31 -1.54
CA TYR C 319 32.44 3.27 -0.78
C TYR C 319 32.04 4.56 -1.53
N GLY C 320 31.51 4.39 -2.73
CA GLY C 320 31.01 5.50 -3.53
C GLY C 320 31.87 6.57 -4.20
N ASN C 321 33.08 6.23 -4.64
CA ASN C 321 33.92 7.23 -5.29
C ASN C 321 34.26 6.79 -6.72
N ASN C 322 33.56 5.74 -7.16
CA ASN C 322 33.70 5.19 -8.50
C ASN C 322 35.07 4.66 -8.89
N ILE C 323 35.90 4.35 -7.89
CA ILE C 323 37.24 3.86 -8.17
C ILE C 323 37.28 2.58 -9.00
N ARG C 324 36.37 1.65 -8.73
CA ARG C 324 36.34 0.41 -9.51
C ARG C 324 36.23 0.73 -11.00
N GLN C 325 35.32 1.64 -11.33
CA GLN C 325 35.09 2.03 -12.72
C GLN C 325 36.39 2.57 -13.33
N VAL C 326 37.09 3.41 -12.59
CA VAL C 326 38.35 3.97 -13.06
C VAL C 326 39.30 2.81 -13.36
N ALA C 327 39.42 1.86 -12.43
CA ALA C 327 40.30 0.72 -12.63
C ALA C 327 39.83 -0.09 -13.84
N LYS C 328 38.53 -0.31 -13.92
CA LYS C 328 37.94 -1.03 -15.04
C LYS C 328 38.35 -0.41 -16.37
N ASP C 329 38.16 0.91 -16.49
CA ASP C 329 38.52 1.63 -17.72
C ASP C 329 40.01 1.54 -18.06
N GLU C 330 40.85 1.21 -17.09
CA GLU C 330 42.27 1.09 -17.37
C GLU C 330 42.68 -0.31 -17.79
N GLY C 331 41.71 -1.22 -17.85
CA GLY C 331 42.02 -2.58 -18.26
C GLY C 331 41.83 -3.66 -17.20
N LEU C 332 41.65 -3.24 -15.95
CA LEU C 332 41.43 -4.17 -14.85
C LEU C 332 40.07 -4.84 -15.03
N GLU C 333 40.08 -5.98 -15.71
CA GLU C 333 38.86 -6.73 -15.99
C GLU C 333 38.00 -7.12 -14.78
N ASN C 334 38.64 -7.50 -13.68
CA ASN C 334 37.87 -7.90 -12.51
C ASN C 334 37.70 -6.81 -11.45
N ALA C 335 37.80 -5.55 -11.87
CA ALA C 335 37.68 -4.41 -10.96
C ALA C 335 36.42 -4.47 -10.11
N PHE C 336 35.35 -5.02 -10.66
CA PHE C 336 34.10 -5.10 -9.92
C PHE C 336 33.89 -6.39 -9.13
N ASP C 337 34.98 -7.03 -8.71
CA ASP C 337 34.86 -8.25 -7.92
C ASP C 337 34.38 -7.96 -6.50
N PHE C 338 34.42 -6.69 -6.08
CA PHE C 338 33.88 -6.36 -4.77
C PHE C 338 32.72 -5.41 -5.04
N PRO C 339 31.64 -5.53 -4.26
CA PRO C 339 30.41 -4.74 -4.34
C PRO C 339 30.38 -3.34 -3.74
N GLY C 340 29.40 -2.55 -4.20
CA GLY C 340 29.22 -1.22 -3.68
C GLY C 340 28.56 -1.40 -2.33
N PHE C 341 28.80 -0.45 -1.42
CA PHE C 341 28.26 -0.53 -0.08
C PHE C 341 26.74 -0.58 0.03
N VAL C 342 26.04 0.00 -0.95
CA VAL C 342 24.59 0.02 -0.88
C VAL C 342 23.92 -1.34 -1.11
N PRO C 343 24.28 -2.05 -2.19
CA PRO C 343 23.62 -3.35 -2.34
C PRO C 343 24.14 -4.35 -1.32
N ALA C 344 25.32 -4.05 -0.80
CA ALA C 344 25.92 -4.93 0.18
C ALA C 344 25.43 -4.70 1.60
N TYR C 345 25.34 -3.44 2.02
CA TYR C 345 24.96 -3.17 3.40
C TYR C 345 23.84 -2.18 3.69
N ILE C 346 23.62 -1.23 2.80
CA ILE C 346 22.64 -0.17 3.05
C ILE C 346 21.23 -0.24 2.46
N ARG C 347 21.07 -0.83 1.29
CA ARG C 347 19.75 -0.87 0.64
C ARG C 347 18.54 -1.18 1.52
N PRO C 348 18.63 -2.19 2.40
CA PRO C 348 17.47 -2.49 3.24
C PRO C 348 16.92 -1.25 3.95
N LEU C 349 17.82 -0.38 4.41
CA LEU C 349 17.40 0.83 5.10
C LEU C 349 16.61 1.74 4.17
N PHE C 350 17.06 1.85 2.92
CA PHE C 350 16.37 2.67 1.94
C PHE C 350 14.94 2.18 1.75
N CYS C 351 14.75 0.87 1.86
CA CYS C 351 13.41 0.30 1.68
C CYS C 351 12.44 0.75 2.77
N GLU C 352 12.95 1.41 3.81
CA GLU C 352 12.10 1.90 4.89
C GLU C 352 12.04 3.42 4.84
N GLY C 353 12.57 3.97 3.76
CA GLY C 353 12.55 5.42 3.58
C GLY C 353 13.62 6.14 4.38
N LYS C 354 14.59 5.39 4.89
CA LYS C 354 15.67 6.00 5.66
C LYS C 354 16.72 6.57 4.71
N GLY C 355 17.52 7.52 5.23
CA GLY C 355 18.54 8.17 4.45
C GLY C 355 19.18 9.25 5.31
N PRO C 356 20.24 9.93 4.85
CA PRO C 356 20.93 10.98 5.60
C PRO C 356 20.15 12.26 5.91
N PHE C 357 18.99 12.08 6.54
CA PHE C 357 18.10 13.16 6.96
C PHE C 357 18.92 14.02 7.92
N ARG C 358 18.74 15.34 7.89
CA ARG C 358 19.50 16.23 8.76
C ARG C 358 18.78 17.56 8.97
N TRP C 359 19.31 18.37 9.88
CA TRP C 359 18.74 19.68 10.17
C TRP C 359 19.79 20.55 10.81
N ALA C 360 19.72 21.86 10.58
CA ALA C 360 20.69 22.78 11.16
C ALA C 360 19.97 23.89 11.90
N ALA C 361 20.60 24.41 12.94
CA ALA C 361 20.04 25.49 13.76
C ALA C 361 20.52 26.85 13.27
N LEU C 362 19.61 27.61 12.65
CA LEU C 362 19.95 28.92 12.12
C LEU C 362 20.35 29.89 13.23
N SER C 363 19.93 29.60 14.46
CA SER C 363 20.27 30.45 15.59
C SER C 363 21.78 30.43 15.82
N GLY C 364 22.38 29.27 15.60
CA GLY C 364 23.80 29.15 15.82
C GLY C 364 24.09 28.67 17.23
N ASP C 365 23.03 28.38 17.97
CA ASP C 365 23.16 27.93 19.35
C ASP C 365 22.99 26.42 19.48
N PRO C 366 24.04 25.72 19.94
CA PRO C 366 23.95 24.27 20.08
C PRO C 366 22.75 23.80 20.93
N ALA C 367 22.21 24.69 21.75
CA ALA C 367 21.07 24.33 22.60
C ALA C 367 19.91 23.83 21.73
N ASP C 368 19.73 24.45 20.57
CA ASP C 368 18.68 24.06 19.65
C ASP C 368 18.90 22.61 19.21
N ILE C 369 20.14 22.24 18.94
CA ILE C 369 20.42 20.86 18.51
C ILE C 369 20.20 19.90 19.67
N TYR C 370 20.66 20.26 20.86
CA TYR C 370 20.47 19.40 22.03
C TYR C 370 18.98 19.23 22.28
N ARG C 371 18.22 20.29 22.05
CA ARG C 371 16.77 20.27 22.24
C ARG C 371 16.13 19.30 21.23
N THR C 372 16.63 19.31 19.99
CA THR C 372 16.09 18.42 18.98
C THR C 372 16.55 17.00 19.25
N ASP C 373 17.66 16.86 19.97
CA ASP C 373 18.17 15.54 20.31
C ASP C 373 17.21 14.91 21.33
N ALA C 374 16.77 15.73 22.29
CA ALA C 374 15.85 15.25 23.31
C ALA C 374 14.49 14.98 22.66
N LEU C 375 14.12 15.81 21.69
CA LEU C 375 12.85 15.67 20.97
C LEU C 375 12.79 14.28 20.33
N LEU C 376 13.86 13.90 19.64
CA LEU C 376 13.94 12.59 18.99
C LEU C 376 13.51 11.49 19.94
N LYS C 377 14.06 11.54 21.15
CA LYS C 377 13.76 10.54 22.16
C LYS C 377 12.28 10.60 22.57
N GLU C 378 11.73 11.80 22.63
CA GLU C 378 10.33 11.98 23.01
C GLU C 378 9.38 11.45 21.94
N LEU C 379 9.76 11.59 20.67
CA LEU C 379 8.93 11.14 19.57
C LEU C 379 9.03 9.64 19.29
N PHE C 380 10.20 9.06 19.56
CA PHE C 380 10.40 7.64 19.33
C PHE C 380 11.03 7.03 20.56
N PRO C 381 10.26 7.00 21.65
CA PRO C 381 10.68 6.46 22.95
C PRO C 381 11.12 5.01 23.00
N THR C 382 10.64 4.20 22.07
CA THR C 382 10.95 2.73 22.11
C THR C 382 12.03 2.26 21.17
N ASN C 383 12.57 3.20 20.43
CA ASN C 383 13.56 2.96 19.41
C ASN C 383 14.95 2.96 20.04
N LYS C 384 15.42 1.82 20.58
CA LYS C 384 16.74 1.81 21.25
C LYS C 384 17.90 2.17 20.36
N ALA C 385 17.85 1.83 19.08
CA ALA C 385 18.94 2.15 18.17
C ALA C 385 19.07 3.66 17.89
N LEU C 386 17.94 4.32 17.71
CA LEU C 386 17.92 5.74 17.45
C LEU C 386 18.50 6.47 18.65
N HIS C 387 18.13 6.01 19.85
CA HIS C 387 18.62 6.65 21.06
C HIS C 387 20.12 6.41 21.26
N ARG C 388 20.61 5.29 20.75
CA ARG C 388 22.03 4.99 20.86
C ARG C 388 22.80 5.86 19.89
N TRP C 389 22.25 6.03 18.70
CA TRP C 389 22.92 6.86 17.71
C TRP C 389 23.03 8.29 18.24
N ILE C 390 21.93 8.80 18.76
CA ILE C 390 21.92 10.16 19.26
C ILE C 390 22.92 10.38 20.39
N ASP C 391 23.02 9.45 21.33
CA ASP C 391 23.97 9.63 22.43
C ASP C 391 25.40 9.60 21.89
N MET C 392 25.66 8.71 20.93
CA MET C 392 27.00 8.64 20.33
C MET C 392 27.35 9.97 19.68
N ALA C 393 26.42 10.48 18.87
CA ALA C 393 26.64 11.74 18.18
C ALA C 393 26.98 12.85 19.18
N GLN C 394 26.19 12.93 20.23
CA GLN C 394 26.38 13.95 21.24
C GLN C 394 27.75 13.87 21.90
N GLU C 395 28.24 12.66 22.10
CA GLU C 395 29.55 12.51 22.73
C GLU C 395 30.73 12.57 21.76
N LYS C 396 30.53 12.11 20.52
CA LYS C 396 31.62 12.06 19.54
C LYS C 396 31.68 13.13 18.45
N VAL C 397 30.56 13.81 18.19
CA VAL C 397 30.55 14.82 17.14
C VAL C 397 30.78 16.24 17.61
N THR C 398 31.77 16.90 17.02
CA THR C 398 32.07 18.28 17.33
C THR C 398 31.39 19.09 16.23
N PHE C 399 30.57 20.07 16.62
CA PHE C 399 29.86 20.88 15.65
C PHE C 399 30.78 21.68 14.73
N GLN C 400 30.30 21.96 13.53
CA GLN C 400 31.04 22.75 12.54
C GLN C 400 30.08 23.75 11.95
N GLY C 401 30.43 25.02 12.03
CA GLY C 401 29.55 26.06 11.51
C GLY C 401 28.28 26.00 12.31
N LEU C 402 27.14 26.16 11.66
CA LEU C 402 25.89 26.10 12.40
C LEU C 402 25.70 24.73 13.02
N PRO C 403 25.34 24.69 14.32
CA PRO C 403 25.14 23.39 14.95
C PRO C 403 24.10 22.62 14.15
N SER C 404 24.45 21.40 13.75
CA SER C 404 23.57 20.58 12.96
C SER C 404 23.55 19.17 13.51
N ARG C 405 22.70 18.33 12.94
CA ARG C 405 22.60 16.96 13.39
C ARG C 405 22.25 16.03 12.24
N ILE C 406 22.95 14.91 12.17
CA ILE C 406 22.66 13.94 11.15
C ILE C 406 21.86 12.89 11.91
N CYS C 407 20.78 12.40 11.30
CA CYS C 407 19.94 11.40 11.95
C CYS C 407 19.05 10.74 10.92
N TRP C 408 19.35 9.48 10.61
CA TRP C 408 18.58 8.75 9.64
C TRP C 408 17.18 8.43 10.17
N LEU C 409 16.17 8.91 9.45
CA LEU C 409 14.79 8.65 9.81
C LEU C 409 14.12 8.17 8.53
N GLY C 410 13.24 7.20 8.67
CA GLY C 410 12.56 6.66 7.50
C GLY C 410 11.25 7.34 7.18
N TYR C 411 10.47 6.72 6.30
CA TYR C 411 9.19 7.27 5.92
C TYR C 411 8.32 7.35 7.17
N GLY C 412 7.60 8.45 7.31
CA GLY C 412 6.75 8.61 8.48
C GLY C 412 7.43 9.32 9.62
N GLU C 413 8.59 8.83 10.03
CA GLU C 413 9.35 9.44 11.10
C GLU C 413 9.77 10.86 10.72
N ARG C 414 10.16 11.05 9.46
CA ARG C 414 10.61 12.36 8.98
C ARG C 414 9.53 13.41 9.18
N LYS C 415 8.34 13.12 8.67
CA LYS C 415 7.21 14.05 8.80
C LYS C 415 6.96 14.36 10.28
N LYS C 416 6.97 13.32 11.09
CA LYS C 416 6.73 13.45 12.53
C LYS C 416 7.75 14.35 13.21
N MET C 417 9.03 14.18 12.86
CA MET C 417 10.08 15.00 13.44
C MET C 417 9.99 16.42 12.90
N GLY C 418 9.70 16.55 11.61
CA GLY C 418 9.58 17.86 11.01
C GLY C 418 8.48 18.71 11.62
N LEU C 419 7.30 18.12 11.78
CA LEU C 419 6.19 18.86 12.36
C LEU C 419 6.49 19.22 13.81
N ALA C 420 7.10 18.30 14.55
CA ALA C 420 7.45 18.54 15.95
C ALA C 420 8.47 19.68 16.08
N ILE C 421 9.47 19.67 15.21
CA ILE C 421 10.49 20.72 15.21
C ILE C 421 9.82 22.06 14.98
N ASN C 422 8.94 22.12 13.99
CA ASN C 422 8.25 23.36 13.64
C ASN C 422 7.42 23.88 14.80
N GLU C 423 6.88 22.96 15.61
CA GLU C 423 6.07 23.35 16.77
C GLU C 423 7.00 24.05 17.76
N LEU C 424 8.17 23.46 17.99
CA LEU C 424 9.12 24.05 18.93
C LEU C 424 9.64 25.41 18.47
N VAL C 425 9.69 25.63 17.16
CA VAL C 425 10.15 26.92 16.69
C VAL C 425 9.08 27.94 17.06
N ARG C 426 7.82 27.55 16.84
CA ARG C 426 6.68 28.40 17.16
C ARG C 426 6.58 28.77 18.64
N THR C 427 6.77 27.78 19.52
CA THR C 427 6.69 28.02 20.95
C THR C 427 7.90 28.75 21.52
N GLY C 428 9.05 28.61 20.87
CA GLY C 428 10.24 29.27 21.35
C GLY C 428 11.24 28.35 22.02
N GLU C 429 10.89 27.08 22.16
CA GLU C 429 11.82 26.13 22.79
C GLU C 429 13.06 26.04 21.91
N LEU C 430 12.87 26.29 20.62
CA LEU C 430 13.99 26.32 19.66
C LEU C 430 14.10 27.83 19.42
N LYS C 431 15.31 28.36 19.60
CA LYS C 431 15.58 29.79 19.50
C LYS C 431 15.45 30.47 18.14
N ALA C 432 15.43 29.70 17.07
CA ALA C 432 15.29 30.27 15.74
C ALA C 432 14.80 29.19 14.79
N PRO C 433 14.41 29.57 13.57
CA PRO C 433 13.95 28.53 12.64
C PRO C 433 15.09 27.54 12.38
N VAL C 434 14.75 26.33 11.92
CA VAL C 434 15.76 25.33 11.61
C VAL C 434 15.55 24.73 10.22
N VAL C 435 16.63 24.64 9.46
CA VAL C 435 16.54 24.09 8.11
C VAL C 435 16.60 22.56 8.17
N ILE C 436 15.72 21.92 7.40
CA ILE C 436 15.63 20.47 7.36
C ILE C 436 16.02 20.00 5.97
N GLY C 437 16.98 19.09 5.90
CA GLY C 437 17.43 18.62 4.60
C GLY C 437 17.99 17.22 4.57
N ARG C 438 18.97 17.02 3.70
CA ARG C 438 19.61 15.71 3.54
C ARG C 438 20.65 15.80 2.44
N ASP C 439 21.36 14.69 2.21
CA ASP C 439 22.36 14.59 1.16
C ASP C 439 21.53 14.14 -0.06
N HIS C 440 22.11 14.15 -1.25
CA HIS C 440 21.34 13.70 -2.41
C HIS C 440 21.32 12.19 -2.45
N LEU C 441 22.14 11.56 -1.63
CA LEU C 441 22.13 10.11 -1.54
C LEU C 441 20.97 9.86 -0.58
N ASP C 442 19.91 9.24 -1.04
CA ASP C 442 18.74 8.96 -0.19
C ASP C 442 17.93 7.85 -0.85
N CYS C 443 16.90 7.37 -0.16
CA CYS C 443 16.08 6.28 -0.68
C CYS C 443 15.45 6.49 -2.05
N GLY C 444 15.00 7.70 -2.38
CA GLY C 444 14.37 7.89 -3.68
C GLY C 444 14.80 9.14 -4.44
N SER C 445 16.05 9.55 -4.27
CA SER C 445 16.50 10.76 -4.95
C SER C 445 17.68 10.62 -5.91
N VAL C 446 18.10 9.39 -6.18
CA VAL C 446 19.27 9.23 -7.04
C VAL C 446 19.33 7.99 -7.93
N ALA C 447 19.96 8.16 -9.09
CA ALA C 447 20.18 7.09 -10.05
C ALA C 447 21.70 7.05 -10.20
N SER C 448 22.30 5.92 -9.86
CA SER C 448 23.75 5.76 -9.91
C SER C 448 24.10 4.27 -9.92
N PRO C 449 24.27 3.68 -11.11
CA PRO C 449 24.60 2.25 -11.29
C PRO C 449 25.79 1.73 -10.49
N ASN C 450 26.77 2.61 -10.22
CA ASN C 450 27.95 2.19 -9.46
C ASN C 450 27.86 2.56 -8.00
N ARG C 451 26.69 3.01 -7.56
CA ARG C 451 26.53 3.35 -6.15
C ARG C 451 25.13 3.05 -5.64
N GLU C 452 24.35 4.09 -5.36
CA GLU C 452 23.00 3.93 -4.83
C GLU C 452 22.07 2.96 -5.56
N THR C 453 22.15 2.88 -6.89
CA THR C 453 21.26 1.97 -7.60
C THR C 453 22.05 0.84 -8.26
N GLU C 454 23.14 0.44 -7.60
CA GLU C 454 23.98 -0.63 -8.11
C GLU C 454 23.31 -1.97 -7.86
N ALA C 455 23.16 -2.76 -8.91
CA ALA C 455 22.56 -4.08 -8.82
C ALA C 455 21.12 -4.12 -8.30
N MET C 456 20.24 -3.32 -8.89
CA MET C 456 18.84 -3.33 -8.47
C MET C 456 18.36 -4.73 -8.85
N LYS C 457 17.48 -5.32 -8.04
CA LYS C 457 17.03 -6.67 -8.34
C LYS C 457 16.36 -6.84 -9.70
N ASP C 458 15.77 -5.78 -10.24
CA ASP C 458 15.12 -5.88 -11.55
C ASP C 458 16.01 -5.33 -12.67
N GLY C 459 17.20 -4.85 -12.30
CA GLY C 459 18.13 -4.34 -13.30
C GLY C 459 17.83 -2.94 -13.81
N SER C 460 17.08 -2.16 -13.02
CA SER C 460 16.73 -0.79 -13.41
C SER C 460 17.78 0.24 -12.96
N ASP C 461 19.00 -0.25 -12.72
CA ASP C 461 20.13 0.57 -12.27
C ASP C 461 20.24 1.95 -12.92
N ALA C 462 20.19 1.97 -14.26
CA ALA C 462 20.36 3.19 -15.03
C ALA C 462 19.13 4.08 -15.24
N VAL C 463 17.95 3.63 -14.84
CA VAL C 463 16.77 4.46 -15.03
C VAL C 463 16.91 5.73 -14.18
N GLY C 464 16.85 6.89 -14.83
CA GLY C 464 16.99 8.13 -14.09
C GLY C 464 15.71 8.90 -13.90
N ASP C 465 14.57 8.31 -14.23
CA ASP C 465 13.28 9.01 -14.10
C ASP C 465 12.95 9.37 -12.65
N TRP C 466 13.15 8.41 -11.75
CA TRP C 466 12.83 8.62 -10.35
C TRP C 466 13.53 9.84 -9.75
N ALA C 467 14.80 10.04 -10.10
CA ALA C 467 15.54 11.19 -9.55
C ALA C 467 14.85 12.48 -9.97
N VAL C 468 14.43 12.53 -11.23
CA VAL C 468 13.74 13.70 -11.75
C VAL C 468 12.41 13.87 -11.03
N LEU C 469 11.66 12.78 -10.86
CA LEU C 469 10.38 12.83 -10.18
C LEU C 469 10.54 13.34 -8.77
N ASN C 470 11.60 12.91 -8.10
CA ASN C 470 11.84 13.38 -6.74
C ASN C 470 11.85 14.91 -6.73
N ALA C 471 12.64 15.49 -7.63
CA ALA C 471 12.73 16.95 -7.73
C ALA C 471 11.39 17.61 -8.07
N LEU C 472 10.68 17.04 -9.04
CA LEU C 472 9.39 17.57 -9.44
C LEU C 472 8.35 17.52 -8.30
N VAL C 473 8.17 16.35 -7.69
CA VAL C 473 7.17 16.24 -6.62
C VAL C 473 7.47 17.15 -5.46
N ASN C 474 8.73 17.17 -5.02
CA ASN C 474 9.09 18.03 -3.89
C ASN C 474 8.84 19.50 -4.18
N THR C 475 9.04 19.89 -5.44
CA THR C 475 8.77 21.26 -5.82
C THR C 475 7.26 21.42 -5.69
N ALA C 476 6.52 20.41 -6.15
CA ALA C 476 5.05 20.44 -6.07
C ALA C 476 4.56 20.40 -4.62
N ALA C 477 5.22 19.58 -3.80
CA ALA C 477 4.87 19.41 -2.40
C ALA C 477 5.06 20.69 -1.60
N GLY C 478 6.05 21.48 -1.99
CA GLY C 478 6.29 22.73 -1.27
C GLY C 478 7.57 22.87 -0.48
N ALA C 479 8.65 22.29 -0.98
CA ALA C 479 9.94 22.40 -0.29
C ALA C 479 10.37 23.86 -0.33
N SER C 480 11.38 24.22 0.45
CA SER C 480 11.90 25.59 0.48
C SER C 480 12.89 25.79 -0.67
N TRP C 481 13.68 24.77 -0.96
CA TRP C 481 14.57 24.85 -2.11
C TRP C 481 14.88 23.47 -2.63
N VAL C 482 14.62 23.29 -3.93
CA VAL C 482 14.82 22.03 -4.62
C VAL C 482 15.98 22.10 -5.60
N SER C 483 16.76 21.03 -5.67
CA SER C 483 17.90 20.97 -6.57
C SER C 483 17.98 19.65 -7.32
N PHE C 484 18.53 19.72 -8.53
CA PHE C 484 18.72 18.53 -9.36
C PHE C 484 20.13 18.62 -9.95
N HIS C 485 20.99 17.66 -9.60
CA HIS C 485 22.37 17.67 -10.08
C HIS C 485 22.73 16.43 -10.90
N HIS C 486 23.92 16.50 -11.49
CA HIS C 486 24.47 15.43 -12.32
C HIS C 486 25.91 15.14 -11.90
N GLY C 487 26.26 13.87 -11.79
CA GLY C 487 27.63 13.51 -11.45
C GLY C 487 28.04 13.50 -9.99
N GLY C 488 27.14 13.87 -9.09
CA GLY C 488 27.51 13.87 -7.68
C GLY C 488 28.02 12.52 -7.19
N GLY C 489 29.08 12.54 -6.40
CA GLY C 489 29.64 11.31 -5.85
C GLY C 489 30.52 10.47 -6.76
N VAL C 490 30.01 10.08 -7.92
CA VAL C 490 30.75 9.23 -8.84
C VAL C 490 31.30 9.90 -10.09
N GLY C 491 31.09 11.21 -10.20
CA GLY C 491 31.60 11.96 -11.35
C GLY C 491 30.74 12.02 -12.61
N MET C 492 31.18 12.87 -13.55
CA MET C 492 30.48 13.08 -14.81
C MET C 492 30.02 11.80 -15.52
N GLY C 493 28.75 11.79 -15.92
CA GLY C 493 28.18 10.65 -16.62
C GLY C 493 27.66 9.47 -15.82
N TYR C 494 28.00 9.39 -14.54
CA TYR C 494 27.58 8.24 -13.73
C TYR C 494 26.39 8.39 -12.76
N SER C 495 25.85 9.59 -12.61
CA SER C 495 24.72 9.74 -11.69
C SER C 495 23.84 10.94 -11.99
N LEU C 496 22.61 10.84 -11.49
CA LEU C 496 21.58 11.88 -11.62
C LEU C 496 20.88 11.84 -10.29
N HIS C 497 20.71 13.00 -9.66
CA HIS C 497 20.09 13.02 -8.33
C HIS C 497 19.48 14.36 -7.96
N ALA C 498 18.66 14.37 -6.92
CA ALA C 498 18.01 15.58 -6.48
C ALA C 498 18.10 15.79 -4.97
N GLY C 499 18.06 17.06 -4.57
CA GLY C 499 18.12 17.41 -3.18
C GLY C 499 16.85 18.13 -2.79
N MET C 500 16.60 18.27 -1.50
CA MET C 500 15.39 18.95 -1.05
C MET C 500 15.58 19.46 0.36
N VAL C 501 15.35 20.76 0.54
CA VAL C 501 15.46 21.37 1.84
C VAL C 501 14.14 22.07 2.14
N ALA C 502 13.71 22.02 3.38
CA ALA C 502 12.46 22.64 3.79
C ALA C 502 12.75 23.38 5.09
N VAL C 503 12.16 24.55 5.25
CA VAL C 503 12.38 25.35 6.44
C VAL C 503 11.24 25.35 7.46
N ALA C 504 11.59 25.04 8.70
CA ALA C 504 10.63 25.01 9.79
C ALA C 504 10.79 26.34 10.55
N ASP C 505 9.95 27.31 10.22
CA ASP C 505 10.02 28.61 10.85
C ASP C 505 8.88 28.83 11.83
N GLY C 506 8.16 27.75 12.14
CA GLY C 506 7.06 27.83 13.08
C GLY C 506 5.74 28.34 12.53
N SER C 507 5.70 28.69 11.25
CA SER C 507 4.48 29.20 10.63
C SER C 507 3.48 28.08 10.34
N GLU C 508 2.22 28.46 10.17
CA GLU C 508 1.18 27.50 9.84
C GLU C 508 1.42 27.05 8.40
N LEU C 509 2.00 27.94 7.61
CA LEU C 509 2.34 27.66 6.22
C LEU C 509 3.34 26.50 6.19
N ALA C 510 4.36 26.59 7.05
CA ALA C 510 5.38 25.56 7.15
C ALA C 510 4.79 24.22 7.58
N ASP C 511 3.81 24.26 8.47
CA ASP C 511 3.18 23.03 8.94
C ASP C 511 2.61 22.27 7.76
N GLU C 512 1.91 22.98 6.88
CA GLU C 512 1.30 22.34 5.72
C GLU C 512 2.36 21.82 4.76
N ARG C 513 3.35 22.65 4.46
CA ARG C 513 4.42 22.30 3.54
C ARG C 513 5.25 21.13 4.04
N LEU C 514 5.74 21.21 5.27
CA LEU C 514 6.55 20.14 5.82
C LEU C 514 5.80 18.83 5.74
N ALA C 515 4.51 18.87 6.06
CA ALA C 515 3.68 17.67 6.02
C ALA C 515 3.64 17.05 4.62
N ARG C 516 3.46 17.88 3.60
CA ARG C 516 3.40 17.40 2.22
C ARG C 516 4.74 16.88 1.70
N VAL C 517 5.78 17.70 1.81
CA VAL C 517 7.10 17.35 1.29
C VAL C 517 7.88 16.30 2.07
N LEU C 518 7.69 16.24 3.39
CA LEU C 518 8.40 15.24 4.17
C LEU C 518 7.73 13.89 3.99
N THR C 519 6.65 13.89 3.21
CA THR C 519 5.91 12.67 2.90
C THR C 519 6.32 12.23 1.50
N SER C 520 6.26 13.17 0.56
CA SER C 520 6.63 12.85 -0.82
C SER C 520 8.10 12.51 -1.00
N ASP C 521 9.00 13.22 -0.31
CA ASP C 521 10.44 12.97 -0.47
C ASP C 521 10.84 11.52 -0.17
N PRO C 522 10.56 11.01 1.04
CA PRO C 522 10.93 9.62 1.31
C PRO C 522 9.96 8.66 0.62
N GLY C 523 8.71 9.10 0.50
CA GLY C 523 7.70 8.28 -0.15
C GLY C 523 8.17 7.82 -1.53
N MET C 524 8.90 8.70 -2.20
CA MET C 524 9.42 8.38 -3.52
C MET C 524 10.39 7.21 -3.41
N GLY C 525 11.18 7.21 -2.34
CA GLY C 525 12.12 6.13 -2.12
C GLY C 525 11.41 4.80 -2.00
N ILE C 526 10.30 4.79 -1.26
CA ILE C 526 9.52 3.58 -1.06
C ILE C 526 8.96 3.06 -2.38
N ILE C 527 8.30 3.94 -3.14
CA ILE C 527 7.71 3.51 -4.39
C ILE C 527 8.75 3.09 -5.42
N ARG C 528 9.94 3.68 -5.35
CA ARG C 528 10.97 3.31 -6.32
C ARG C 528 11.46 1.89 -6.08
N HIS C 529 11.60 1.51 -4.81
CA HIS C 529 12.08 0.18 -4.51
C HIS C 529 10.96 -0.86 -4.61
N ALA C 530 9.73 -0.42 -4.38
CA ALA C 530 8.60 -1.33 -4.48
C ALA C 530 8.52 -1.71 -5.96
N ASP C 531 8.65 -0.71 -6.83
CA ASP C 531 8.57 -0.98 -8.25
C ASP C 531 9.71 -1.90 -8.69
N ALA C 532 10.83 -1.84 -7.98
CA ALA C 532 11.97 -2.68 -8.31
C ALA C 532 11.73 -4.12 -7.82
N GLY C 533 10.72 -4.29 -6.99
CA GLY C 533 10.41 -5.63 -6.48
C GLY C 533 10.92 -5.97 -5.09
N TYR C 534 11.31 -4.97 -4.31
CA TYR C 534 11.79 -5.24 -2.96
C TYR C 534 10.55 -5.38 -2.08
N GLU C 535 10.33 -6.60 -1.59
CA GLU C 535 9.15 -6.86 -0.78
C GLU C 535 9.02 -5.98 0.45
N ARG C 536 10.12 -5.72 1.13
CA ARG C 536 10.04 -4.88 2.31
C ARG C 536 9.42 -3.53 1.96
N ALA C 537 9.73 -3.03 0.77
CA ALA C 537 9.19 -1.75 0.31
C ALA C 537 7.70 -1.87 0.01
N VAL C 538 7.30 -3.00 -0.57
CA VAL C 538 5.88 -3.20 -0.87
C VAL C 538 5.10 -3.20 0.44
N GLU C 539 5.64 -3.89 1.45
CA GLU C 539 5.00 -3.98 2.76
C GLU C 539 4.87 -2.59 3.39
N VAL C 540 5.93 -1.79 3.30
CA VAL C 540 5.91 -0.45 3.88
C VAL C 540 4.83 0.45 3.24
N ALA C 541 4.69 0.35 1.92
CA ALA C 541 3.68 1.12 1.22
C ALA C 541 2.30 0.77 1.81
N LYS C 542 2.11 -0.53 2.06
CA LYS C 542 0.85 -1.03 2.62
C LYS C 542 0.66 -0.55 4.06
N GLU C 543 1.73 -0.59 4.83
CA GLU C 543 1.68 -0.19 6.23
C GLU C 543 1.53 1.31 6.46
N GLN C 544 2.04 2.13 5.53
CA GLN C 544 1.95 3.58 5.68
C GLN C 544 1.05 4.26 4.66
N ASP C 545 0.19 3.49 4.03
CA ASP C 545 -0.74 4.02 3.04
C ASP C 545 -0.04 4.82 1.94
N ILE C 546 1.00 4.24 1.33
CA ILE C 546 1.67 4.92 0.24
C ILE C 546 1.08 4.29 -1.02
N ILE C 547 0.58 5.14 -1.92
CA ILE C 547 -0.02 4.64 -3.15
C ILE C 547 0.98 4.09 -4.16
N VAL C 548 0.68 2.88 -4.62
CA VAL C 548 1.46 2.19 -5.64
C VAL C 548 0.40 1.72 -6.63
N PRO C 549 0.17 2.49 -7.69
CA PRO C 549 -0.82 2.21 -8.74
C PRO C 549 -0.98 0.77 -9.25
N MET C 550 0.12 0.17 -9.70
CA MET C 550 0.07 -1.18 -10.24
C MET C 550 0.70 -2.25 -9.38
N SER D 7 -10.60 1.08 -30.53
CA SER D 7 -9.94 2.36 -30.74
C SER D 7 -10.17 3.31 -29.55
N ILE D 8 -9.24 4.25 -29.36
CA ILE D 8 -9.36 5.22 -28.27
C ILE D 8 -9.47 6.63 -28.83
N ARG D 9 -10.29 7.44 -28.18
CA ARG D 9 -10.50 8.82 -28.58
C ARG D 9 -10.90 9.59 -27.33
N ALA D 10 -10.71 10.90 -27.37
CA ALA D 10 -11.06 11.74 -26.23
C ALA D 10 -12.58 11.91 -26.11
N ASN D 11 -13.06 12.04 -24.87
CA ASN D 11 -14.48 12.25 -24.66
C ASN D 11 -14.81 13.65 -25.16
N ARG D 12 -16.08 13.89 -25.47
CA ARG D 12 -16.51 15.20 -25.96
C ARG D 12 -17.56 15.75 -25.02
N GLY D 13 -18.09 16.92 -25.33
CA GLY D 13 -19.12 17.50 -24.50
C GLY D 13 -18.67 18.04 -23.16
N THR D 14 -19.64 18.36 -22.32
CA THR D 14 -19.40 18.93 -21.00
C THR D 14 -19.49 17.95 -19.84
N GLU D 15 -19.74 16.67 -20.14
CA GLU D 15 -19.85 15.68 -19.08
C GLU D 15 -18.50 15.10 -18.70
N LEU D 16 -18.16 15.23 -17.42
CA LEU D 16 -16.89 14.75 -16.89
C LEU D 16 -16.93 13.28 -16.52
N GLU D 17 -15.74 12.72 -16.37
CA GLU D 17 -15.55 11.32 -15.98
C GLU D 17 -14.66 11.33 -14.73
N CYS D 18 -13.89 12.40 -14.59
CA CYS D 18 -12.99 12.59 -13.46
C CYS D 18 -13.68 13.48 -12.45
N LEU D 19 -12.97 13.82 -11.37
CA LEU D 19 -13.54 14.65 -10.32
C LEU D 19 -13.49 16.15 -10.60
N GLY D 20 -12.71 16.53 -11.59
CA GLY D 20 -12.61 17.94 -11.92
C GLY D 20 -12.20 18.14 -13.36
N TRP D 21 -12.38 19.35 -13.88
CA TRP D 21 -12.02 19.63 -15.27
C TRP D 21 -10.54 19.50 -15.55
N GLU D 22 -9.70 19.87 -14.59
CA GLU D 22 -8.26 19.78 -14.80
C GLU D 22 -7.81 18.35 -15.01
N GLN D 23 -8.28 17.43 -14.18
CA GLN D 23 -7.87 16.06 -14.36
C GLN D 23 -8.60 15.45 -15.57
N GLU D 24 -9.77 16.00 -15.90
CA GLU D 24 -10.52 15.52 -17.07
C GLU D 24 -9.68 15.89 -18.28
N ALA D 25 -9.07 17.06 -18.23
CA ALA D 25 -8.25 17.53 -19.34
C ALA D 25 -7.12 16.55 -19.62
N VAL D 26 -6.51 16.00 -18.57
CA VAL D 26 -5.41 15.04 -18.72
C VAL D 26 -5.86 13.78 -19.45
N LEU D 27 -6.98 13.23 -19.01
CA LEU D 27 -7.53 12.00 -19.59
C LEU D 27 -7.88 12.17 -21.06
N ARG D 28 -8.60 13.24 -21.38
CA ARG D 28 -8.98 13.45 -22.77
C ARG D 28 -7.77 13.64 -23.68
N MET D 29 -6.75 14.35 -23.20
CA MET D 29 -5.55 14.58 -23.99
C MET D 29 -4.74 13.29 -24.15
N LEU D 30 -4.71 12.47 -23.10
CA LEU D 30 -4.02 11.19 -23.15
C LEU D 30 -4.68 10.33 -24.23
N ARG D 31 -6.01 10.33 -24.24
CA ARG D 31 -6.78 9.56 -25.20
C ARG D 31 -6.63 10.12 -26.61
N ASN D 32 -6.69 11.44 -26.72
CA ASN D 32 -6.55 12.10 -28.01
C ASN D 32 -5.24 11.68 -28.69
N ASN D 33 -4.18 11.55 -27.90
CA ASN D 33 -2.87 11.16 -28.41
C ASN D 33 -2.93 9.82 -29.14
N LEU D 34 -3.91 8.99 -28.78
CA LEU D 34 -4.05 7.68 -29.40
C LEU D 34 -5.22 7.58 -30.37
N ASP D 35 -5.91 8.69 -30.59
CA ASP D 35 -7.03 8.71 -31.52
C ASP D 35 -6.51 8.25 -32.88
N PRO D 36 -7.24 7.33 -33.55
CA PRO D 36 -6.83 6.84 -34.86
C PRO D 36 -6.64 7.97 -35.88
N GLU D 37 -7.34 9.07 -35.68
CA GLU D 37 -7.23 10.22 -36.57
C GLU D 37 -5.98 11.03 -36.26
N VAL D 38 -5.40 10.80 -35.08
CA VAL D 38 -4.23 11.55 -34.65
C VAL D 38 -2.89 10.82 -34.73
N ALA D 39 -2.77 9.70 -34.04
CA ALA D 39 -1.53 8.93 -33.99
C ALA D 39 -1.19 8.12 -35.24
N GLU D 40 0.09 7.80 -35.41
CA GLU D 40 0.56 7.04 -36.55
C GLU D 40 0.30 5.54 -36.43
N LYS D 41 0.29 5.04 -35.20
CA LYS D 41 0.06 3.62 -34.99
C LYS D 41 -0.39 3.40 -33.55
N PRO D 42 -1.59 3.89 -33.22
CA PRO D 42 -2.20 3.79 -31.89
C PRO D 42 -2.39 2.39 -31.31
N GLU D 43 -2.57 1.39 -32.15
CA GLU D 43 -2.77 0.03 -31.66
C GLU D 43 -1.59 -0.44 -30.84
N ASP D 44 -0.43 0.17 -31.06
CA ASP D 44 0.76 -0.17 -30.30
C ASP D 44 1.16 1.01 -29.45
N LEU D 45 0.19 1.87 -29.18
CA LEU D 45 0.39 3.06 -28.37
C LEU D 45 1.38 4.06 -28.99
N ILE D 46 1.78 3.82 -30.23
CA ILE D 46 2.73 4.67 -30.94
C ILE D 46 2.07 5.91 -31.57
N VAL D 47 2.50 7.09 -31.11
CA VAL D 47 1.95 8.36 -31.58
C VAL D 47 2.69 8.90 -32.81
N TYR D 48 4.02 8.97 -32.73
CA TYR D 48 4.82 9.47 -33.85
C TYR D 48 6.31 9.25 -33.61
N GLY D 49 7.10 9.63 -34.60
CA GLY D 49 8.55 9.54 -34.52
C GLY D 49 9.18 8.26 -33.99
N GLY D 50 9.05 7.19 -34.76
CA GLY D 50 9.60 5.92 -34.35
C GLY D 50 8.67 5.26 -33.36
N ILE D 51 9.15 5.02 -32.14
CA ILE D 51 8.35 4.39 -31.10
C ILE D 51 8.01 5.32 -29.94
N GLY D 52 7.59 6.55 -30.23
CA GLY D 52 7.21 7.46 -29.17
C GLY D 52 5.84 7.01 -28.72
N LYS D 53 5.73 6.53 -27.49
CA LYS D 53 4.44 6.05 -26.99
C LYS D 53 3.77 6.96 -25.98
N ALA D 54 2.50 6.67 -25.71
CA ALA D 54 1.71 7.47 -24.77
C ALA D 54 1.74 6.84 -23.38
N ALA D 55 2.05 5.55 -23.34
CA ALA D 55 2.12 4.79 -22.10
C ALA D 55 3.04 3.57 -22.35
N ARG D 56 3.59 3.00 -21.28
CA ARG D 56 4.50 1.86 -21.44
C ARG D 56 3.86 0.70 -22.18
N ASP D 57 2.65 0.35 -21.76
CA ASP D 57 1.87 -0.73 -22.36
C ASP D 57 0.41 -0.51 -22.00
N TRP D 58 -0.47 -1.36 -22.53
CA TRP D 58 -1.89 -1.21 -22.26
C TRP D 58 -2.27 -1.25 -20.79
N ASP D 59 -1.60 -2.10 -20.01
CA ASP D 59 -1.92 -2.17 -18.58
C ASP D 59 -1.58 -0.85 -17.90
N ALA D 60 -0.49 -0.22 -18.32
CA ALA D 60 -0.08 1.07 -17.73
C ALA D 60 -1.08 2.15 -18.16
N PHE D 61 -1.47 2.11 -19.44
CA PHE D 61 -2.43 3.06 -20.00
C PHE D 61 -3.72 3.05 -19.16
N HIS D 62 -4.28 1.87 -18.98
CA HIS D 62 -5.50 1.75 -18.22
C HIS D 62 -5.29 2.14 -16.77
N ALA D 63 -4.11 1.82 -16.24
CA ALA D 63 -3.79 2.19 -14.86
C ALA D 63 -3.82 3.71 -14.74
N ILE D 64 -3.31 4.39 -15.76
CA ILE D 64 -3.28 5.85 -15.77
C ILE D 64 -4.71 6.39 -15.79
N GLU D 65 -5.55 5.83 -16.65
CA GLU D 65 -6.95 6.27 -16.75
C GLU D 65 -7.64 6.18 -15.40
N HIS D 66 -7.58 5.01 -14.78
CA HIS D 66 -8.23 4.79 -13.50
C HIS D 66 -7.72 5.79 -12.44
N SER D 67 -6.41 6.04 -12.45
CA SER D 67 -5.82 6.99 -11.51
C SER D 67 -6.39 8.39 -11.72
N LEU D 68 -6.43 8.83 -12.97
CA LEU D 68 -6.95 10.14 -13.31
C LEU D 68 -8.39 10.36 -12.84
N LYS D 69 -9.21 9.31 -12.96
CA LYS D 69 -10.61 9.43 -12.57
C LYS D 69 -10.85 9.67 -11.08
N THR D 70 -9.93 9.24 -10.23
CA THR D 70 -10.09 9.43 -8.79
C THR D 70 -9.16 10.51 -8.23
N LEU D 71 -8.24 11.00 -9.06
CA LEU D 71 -7.29 12.03 -8.61
C LEU D 71 -8.02 13.28 -8.13
N LYS D 72 -7.68 13.73 -6.92
CA LYS D 72 -8.33 14.91 -6.37
C LYS D 72 -7.68 16.21 -6.85
N ASN D 73 -8.41 17.31 -6.66
CA ASN D 73 -7.96 18.63 -7.08
C ASN D 73 -6.63 19.07 -6.48
N ASP D 74 -6.27 18.51 -5.33
CA ASP D 74 -5.02 18.90 -4.68
C ASP D 74 -4.01 17.76 -4.64
N GLU D 75 -4.17 16.80 -5.55
CA GLU D 75 -3.27 15.67 -5.61
C GLU D 75 -2.42 15.65 -6.90
N THR D 76 -1.32 14.90 -6.88
CA THR D 76 -0.40 14.82 -8.03
C THR D 76 0.02 13.40 -8.32
N LEU D 77 -0.21 12.97 -9.56
CA LEU D 77 0.14 11.61 -9.99
C LEU D 77 1.54 11.61 -10.59
N LEU D 78 2.33 10.61 -10.23
CA LEU D 78 3.68 10.48 -10.76
C LEU D 78 3.71 9.42 -11.83
N VAL D 79 4.20 9.79 -13.00
CA VAL D 79 4.30 8.86 -14.11
C VAL D 79 5.77 8.71 -14.48
N GLN D 80 6.23 7.47 -14.55
CA GLN D 80 7.61 7.16 -14.85
C GLN D 80 7.68 6.32 -16.12
N SER D 81 8.29 6.87 -17.16
CA SER D 81 8.38 6.18 -18.44
C SER D 81 7.06 5.49 -18.82
N GLY D 82 6.00 6.29 -18.89
CA GLY D 82 4.68 5.81 -19.28
C GLY D 82 3.98 4.86 -18.32
N LYS D 83 4.31 4.96 -17.04
CA LYS D 83 3.70 4.09 -16.05
C LYS D 83 3.40 4.86 -14.78
N PRO D 84 2.19 4.72 -14.24
CA PRO D 84 1.85 5.42 -13.00
C PRO D 84 2.52 4.67 -11.86
N VAL D 85 3.36 5.35 -11.09
CA VAL D 85 4.09 4.70 -10.00
C VAL D 85 3.84 5.27 -8.61
N GLY D 86 3.11 6.37 -8.53
CA GLY D 86 2.83 6.94 -7.23
C GLY D 86 1.88 8.11 -7.33
N MET D 87 1.41 8.58 -6.19
CA MET D 87 0.50 9.71 -6.14
C MET D 87 0.60 10.33 -4.76
N PHE D 88 0.87 11.63 -4.72
CA PHE D 88 1.01 12.34 -3.45
C PHE D 88 0.15 13.60 -3.39
N ARG D 89 -0.23 13.97 -2.17
CA ARG D 89 -1.04 15.15 -1.97
C ARG D 89 -0.14 16.37 -2.01
N THR D 90 -0.48 17.32 -2.86
CA THR D 90 0.31 18.54 -2.97
C THR D 90 -0.60 19.72 -2.65
N HIS D 91 -0.76 20.63 -3.61
CA HIS D 91 -1.61 21.81 -3.44
C HIS D 91 -2.45 21.96 -4.70
N PRO D 92 -3.56 22.69 -4.62
CA PRO D 92 -4.42 22.88 -5.79
C PRO D 92 -3.76 23.70 -6.90
N GLN D 93 -2.63 24.33 -6.57
CA GLN D 93 -1.91 25.15 -7.52
C GLN D 93 -0.81 24.36 -8.21
N ALA D 94 -0.45 23.23 -7.60
CA ALA D 94 0.58 22.36 -8.14
C ALA D 94 -0.01 21.51 -9.26
N PRO D 95 0.84 21.02 -10.17
CA PRO D 95 0.41 20.19 -11.31
C PRO D 95 -0.33 18.93 -10.85
N ARG D 96 -1.27 18.47 -11.68
CA ARG D 96 -2.03 17.27 -11.35
C ARG D 96 -1.19 16.02 -11.69
N VAL D 97 -0.34 16.14 -12.70
CA VAL D 97 0.50 15.03 -13.11
C VAL D 97 1.95 15.47 -13.37
N LEU D 98 2.89 14.66 -12.92
CA LEU D 98 4.32 14.94 -13.11
C LEU D 98 4.86 13.75 -13.90
N LEU D 99 5.58 14.00 -14.99
CA LEU D 99 6.08 12.91 -15.80
C LEU D 99 7.58 12.98 -16.12
N ALA D 100 8.25 11.85 -15.99
CA ALA D 100 9.66 11.73 -16.31
C ALA D 100 9.75 10.48 -17.15
N ASN D 101 10.02 10.67 -18.45
CA ASN D 101 10.09 9.55 -19.38
C ASN D 101 11.42 9.37 -20.10
N SER D 102 11.84 8.11 -20.19
CA SER D 102 13.06 7.73 -20.92
C SER D 102 14.39 8.24 -20.39
N VAL D 103 14.42 8.82 -19.20
CA VAL D 103 15.68 9.34 -18.68
C VAL D 103 16.63 8.22 -18.23
N LEU D 104 17.87 8.28 -18.72
CA LEU D 104 18.87 7.29 -18.38
C LEU D 104 20.14 7.94 -17.86
N VAL D 105 20.86 7.26 -16.96
CA VAL D 105 22.12 7.79 -16.45
C VAL D 105 22.98 7.92 -17.71
N PRO D 106 23.53 9.11 -17.96
CA PRO D 106 24.36 9.44 -19.13
C PRO D 106 25.18 8.34 -19.78
N LYS D 107 26.07 7.71 -19.03
CA LYS D 107 26.91 6.64 -19.59
C LYS D 107 26.09 5.45 -20.11
N TRP D 108 24.80 5.43 -19.82
CA TRP D 108 23.90 4.36 -20.26
C TRP D 108 22.82 4.88 -21.21
N ALA D 109 22.93 6.15 -21.59
CA ALA D 109 21.94 6.75 -22.46
C ALA D 109 22.18 6.49 -23.95
N ASP D 110 21.90 5.26 -24.37
CA ASP D 110 22.04 4.88 -25.77
C ASP D 110 20.89 3.91 -26.12
N TRP D 111 20.72 3.60 -27.40
CA TRP D 111 19.64 2.69 -27.78
C TRP D 111 19.86 1.27 -27.29
N GLU D 112 21.11 0.82 -27.23
CA GLU D 112 21.38 -0.54 -26.77
C GLU D 112 20.86 -0.77 -25.34
N HIS D 113 21.21 0.11 -24.40
CA HIS D 113 20.71 -0.11 -23.05
C HIS D 113 19.22 0.13 -22.98
N PHE D 114 18.72 1.09 -23.75
CA PHE D 114 17.28 1.35 -23.74
C PHE D 114 16.55 0.09 -24.15
N HIS D 115 17.00 -0.53 -25.24
CA HIS D 115 16.36 -1.75 -25.72
C HIS D 115 16.41 -2.86 -24.68
N GLU D 116 17.51 -2.95 -23.93
CA GLU D 116 17.64 -3.98 -22.90
C GLU D 116 16.52 -3.80 -21.88
N LEU D 117 16.37 -2.57 -21.39
CA LEU D 117 15.35 -2.26 -20.40
C LEU D 117 13.96 -2.43 -20.98
N GLU D 118 13.82 -2.08 -22.26
CA GLU D 118 12.54 -2.16 -22.94
C GLU D 118 11.97 -3.57 -22.92
N LYS D 119 12.76 -4.56 -23.34
CA LYS D 119 12.27 -5.92 -23.35
C LYS D 119 11.91 -6.42 -21.96
N LYS D 120 12.52 -5.84 -20.93
CA LYS D 120 12.24 -6.24 -19.56
C LYS D 120 11.01 -5.49 -19.05
N GLY D 121 10.38 -4.73 -19.92
CA GLY D 121 9.21 -3.97 -19.53
C GLY D 121 9.51 -2.83 -18.57
N LEU D 122 10.72 -2.29 -18.66
CA LEU D 122 11.15 -1.20 -17.77
C LEU D 122 11.34 0.13 -18.49
N MET D 123 11.05 0.19 -19.78
CA MET D 123 11.24 1.43 -20.53
C MET D 123 10.16 1.78 -21.56
N MET D 124 10.19 3.05 -21.98
CA MET D 124 9.29 3.59 -22.98
C MET D 124 9.93 4.86 -23.52
N TYR D 125 9.82 5.07 -24.82
CA TYR D 125 10.38 6.26 -25.44
C TYR D 125 9.28 7.30 -25.51
N GLY D 126 9.49 8.43 -24.85
CA GLY D 126 8.46 9.45 -24.85
C GLY D 126 8.50 10.45 -25.98
N GLN D 127 9.57 10.45 -26.78
CA GLN D 127 9.70 11.45 -27.83
C GLN D 127 9.50 12.77 -27.08
N MET D 128 8.71 13.70 -27.61
CA MET D 128 8.48 14.93 -26.89
C MET D 128 7.02 15.05 -26.44
N THR D 129 6.10 15.02 -27.40
CA THR D 129 4.68 15.14 -27.10
C THR D 129 3.89 13.82 -27.06
N ALA D 130 4.55 12.71 -27.31
CA ALA D 130 3.88 11.42 -27.27
C ALA D 130 3.67 11.01 -25.81
N GLY D 131 4.75 11.05 -25.03
CA GLY D 131 4.66 10.68 -23.62
C GLY D 131 4.09 11.74 -22.70
N SER D 132 3.98 12.98 -23.17
CA SER D 132 3.45 14.06 -22.34
C SER D 132 2.03 14.48 -22.72
N TRP D 133 1.42 13.70 -23.61
CA TRP D 133 0.05 13.89 -24.05
C TRP D 133 -0.39 15.30 -24.49
N ILE D 134 0.29 15.83 -25.51
CA ILE D 134 -0.03 17.16 -26.01
C ILE D 134 0.26 17.18 -27.51
N TYR D 135 0.11 16.02 -28.14
CA TYR D 135 0.31 15.87 -29.58
C TYR D 135 -1.01 16.19 -30.27
N ILE D 136 -0.98 16.97 -31.34
CA ILE D 136 -2.20 17.32 -32.04
C ILE D 136 -2.12 16.95 -33.52
N GLY D 137 -1.50 15.81 -33.81
CA GLY D 137 -1.39 15.40 -35.19
C GLY D 137 -0.28 16.18 -35.89
N SER D 138 -0.32 16.20 -37.23
CA SER D 138 0.70 16.90 -38.01
C SER D 138 0.72 18.43 -37.81
N GLN D 139 -0.38 19.00 -37.33
CA GLN D 139 -0.44 20.45 -37.14
C GLN D 139 0.55 20.93 -36.08
N GLY D 140 0.89 20.06 -35.14
CA GLY D 140 1.83 20.43 -34.09
C GLY D 140 3.10 21.10 -34.58
N ILE D 141 3.74 20.49 -35.58
CA ILE D 141 4.98 21.00 -36.14
C ILE D 141 4.77 21.90 -37.36
N LEU D 142 3.57 21.89 -37.91
CA LEU D 142 3.26 22.66 -39.12
C LEU D 142 3.81 24.09 -39.17
N GLN D 143 3.44 24.96 -38.23
CA GLN D 143 3.94 26.32 -38.29
C GLN D 143 5.45 26.35 -38.21
N GLY D 144 5.99 25.47 -37.36
CA GLY D 144 7.43 25.39 -37.18
C GLY D 144 8.14 25.10 -38.49
N THR D 145 7.64 24.13 -39.25
CA THR D 145 8.26 23.79 -40.52
C THR D 145 8.02 24.94 -41.50
N TYR D 146 6.83 25.53 -41.41
CA TYR D 146 6.47 26.64 -42.27
C TYR D 146 7.42 27.82 -42.06
N GLU D 147 7.65 28.19 -40.81
CA GLU D 147 8.54 29.31 -40.50
C GLU D 147 9.97 29.01 -40.95
N THR D 148 10.37 27.74 -40.85
CA THR D 148 11.71 27.36 -41.28
C THR D 148 11.86 27.68 -42.75
N PHE D 149 10.97 27.15 -43.59
CA PHE D 149 11.03 27.42 -45.02
C PHE D 149 10.80 28.90 -45.36
N ALA D 150 9.94 29.57 -44.59
CA ALA D 150 9.67 31.00 -44.83
C ALA D 150 10.95 31.81 -44.72
N GLU D 151 11.67 31.61 -43.62
CA GLU D 151 12.92 32.31 -43.37
C GLU D 151 13.99 31.93 -44.41
N LEU D 152 14.07 30.65 -44.73
CA LEU D 152 15.05 30.20 -45.71
C LEU D 152 14.76 30.94 -47.02
N ALA D 153 13.47 31.09 -47.32
CA ALA D 153 13.04 31.79 -48.53
C ALA D 153 13.48 33.26 -48.46
N ARG D 154 13.34 33.88 -47.30
CA ARG D 154 13.73 35.28 -47.17
C ARG D 154 15.23 35.45 -47.39
N GLN D 155 16.02 34.47 -46.96
CA GLN D 155 17.47 34.54 -47.09
C GLN D 155 18.05 34.19 -48.46
N HIS D 156 17.40 33.29 -49.18
CA HIS D 156 17.95 32.89 -50.47
C HIS D 156 17.08 33.05 -51.72
N PHE D 157 15.79 33.33 -51.56
CA PHE D 157 14.95 33.44 -52.74
C PHE D 157 13.96 34.60 -52.75
N GLY D 158 14.43 35.77 -52.34
CA GLY D 158 13.60 36.95 -52.35
C GLY D 158 12.33 36.91 -51.51
N GLY D 159 12.29 36.06 -50.51
CA GLY D 159 11.12 36.00 -49.65
C GLY D 159 9.95 35.13 -50.09
N SER D 160 10.23 34.14 -50.93
CA SER D 160 9.21 33.21 -51.40
C SER D 160 9.87 32.01 -52.06
N LEU D 161 9.19 30.86 -52.03
CA LEU D 161 9.72 29.65 -52.64
C LEU D 161 9.09 29.45 -54.00
N LYS D 162 8.31 30.46 -54.43
CA LYS D 162 7.68 30.44 -55.73
C LYS D 162 8.80 30.17 -56.73
N GLY D 163 8.63 29.17 -57.58
CA GLY D 163 9.65 28.86 -58.56
C GLY D 163 10.82 28.03 -58.05
N THR D 164 10.67 27.40 -56.88
CA THR D 164 11.75 26.57 -56.34
C THR D 164 11.31 25.13 -56.15
N LEU D 165 12.27 24.21 -56.18
CA LEU D 165 11.99 22.79 -56.00
C LEU D 165 12.74 22.27 -54.77
N THR D 166 12.00 21.77 -53.79
CA THR D 166 12.59 21.23 -52.57
C THR D 166 12.57 19.71 -52.58
N LEU D 167 13.66 19.08 -52.17
CA LEU D 167 13.72 17.61 -52.09
C LEU D 167 13.90 17.19 -50.65
N THR D 168 13.10 16.25 -50.20
CA THR D 168 13.17 15.76 -48.83
C THR D 168 12.60 14.34 -48.76
N ALA D 169 12.50 13.80 -47.55
CA ALA D 169 11.96 12.45 -47.37
C ALA D 169 11.38 12.32 -45.97
N GLY D 170 10.56 11.29 -45.76
CA GLY D 170 9.94 11.06 -44.47
C GLY D 170 8.56 11.68 -44.37
N LEU D 171 7.53 10.86 -44.58
CA LEU D 171 6.16 11.36 -44.50
C LEU D 171 5.38 10.66 -43.40
N GLY D 172 5.85 10.84 -42.17
CA GLY D 172 5.21 10.27 -41.00
C GLY D 172 4.30 11.31 -40.36
N GLY D 173 4.12 11.20 -39.04
CA GLY D 173 3.27 12.13 -38.32
C GLY D 173 3.77 13.56 -38.38
N MET D 174 5.04 13.75 -38.09
CA MET D 174 5.63 15.08 -38.13
C MET D 174 6.21 15.36 -39.51
N GLY D 175 6.79 14.33 -40.14
CA GLY D 175 7.36 14.50 -41.46
C GLY D 175 6.29 14.84 -42.50
N GLY D 176 5.07 14.36 -42.26
CA GLY D 176 3.98 14.62 -43.19
C GLY D 176 3.64 16.09 -43.40
N ALA D 177 4.08 16.95 -42.49
CA ALA D 177 3.78 18.37 -42.61
C ALA D 177 4.75 19.09 -43.55
N GLN D 178 5.80 18.40 -43.97
CA GLN D 178 6.78 19.02 -44.86
C GLN D 178 6.18 19.55 -46.17
N PRO D 179 5.44 18.71 -46.91
CA PRO D 179 4.85 19.19 -48.16
C PRO D 179 3.96 20.42 -48.03
N LEU D 180 3.00 20.39 -47.12
CA LEU D 180 2.10 21.53 -46.92
C LEU D 180 2.92 22.76 -46.58
N SER D 181 3.98 22.56 -45.80
CA SER D 181 4.87 23.65 -45.38
C SER D 181 5.49 24.37 -46.57
N VAL D 182 6.05 23.62 -47.51
CA VAL D 182 6.65 24.21 -48.70
C VAL D 182 5.54 24.87 -49.53
N THR D 183 4.43 24.14 -49.67
CA THR D 183 3.29 24.61 -50.43
C THR D 183 2.75 25.94 -49.93
N MET D 184 2.70 26.13 -48.62
CA MET D 184 2.21 27.39 -48.06
C MET D 184 3.18 28.52 -48.35
N ASN D 185 4.41 28.17 -48.73
CA ASN D 185 5.41 29.18 -49.07
C ASN D 185 5.46 29.31 -50.59
N GLU D 186 4.47 28.72 -51.25
CA GLU D 186 4.36 28.74 -52.70
C GLU D 186 5.45 28.01 -53.48
N GLY D 187 6.09 27.05 -52.83
CA GLY D 187 7.14 26.29 -53.50
C GLY D 187 6.67 24.94 -53.99
N VAL D 188 7.55 24.24 -54.72
CA VAL D 188 7.27 22.90 -55.24
C VAL D 188 8.14 21.96 -54.45
N VAL D 189 7.64 20.75 -54.17
CA VAL D 189 8.40 19.80 -53.39
C VAL D 189 8.12 18.35 -53.73
N ILE D 190 9.17 17.55 -53.64
CA ILE D 190 9.08 16.11 -53.87
C ILE D 190 9.53 15.47 -52.56
N ALA D 191 8.62 14.79 -51.88
CA ALA D 191 8.94 14.15 -50.61
C ALA D 191 8.97 12.63 -50.80
N VAL D 192 10.12 12.03 -50.57
CA VAL D 192 10.25 10.59 -50.73
C VAL D 192 9.78 9.84 -49.48
N GLU D 193 8.90 8.87 -49.69
CA GLU D 193 8.35 8.05 -48.61
C GLU D 193 8.38 6.59 -49.08
N VAL D 194 8.91 5.71 -48.24
CA VAL D 194 9.03 4.31 -48.59
C VAL D 194 7.78 3.45 -48.35
N ASP D 195 6.84 3.95 -47.56
CA ASP D 195 5.62 3.21 -47.25
C ASP D 195 4.40 3.98 -47.75
N GLU D 196 3.69 3.42 -48.72
CA GLU D 196 2.54 4.08 -49.31
C GLU D 196 1.40 4.37 -48.33
N LYS D 197 1.30 3.59 -47.27
CA LYS D 197 0.24 3.83 -46.29
C LYS D 197 0.49 5.17 -45.63
N ARG D 198 1.76 5.46 -45.37
CA ARG D 198 2.15 6.74 -44.76
C ARG D 198 1.74 7.81 -45.75
N ILE D 199 2.12 7.62 -47.01
CA ILE D 199 1.78 8.58 -48.04
C ILE D 199 0.28 8.84 -48.05
N ASP D 200 -0.51 7.77 -48.12
CA ASP D 200 -1.96 7.92 -48.12
C ASP D 200 -2.49 8.70 -46.92
N LYS D 201 -1.84 8.56 -45.77
CA LYS D 201 -2.30 9.27 -44.59
C LYS D 201 -2.16 10.78 -44.78
N ARG D 202 -1.07 11.20 -45.42
CA ARG D 202 -0.84 12.63 -45.66
C ARG D 202 -1.85 13.18 -46.68
N ILE D 203 -2.20 12.37 -47.68
CA ILE D 203 -3.16 12.79 -48.70
C ILE D 203 -4.55 12.95 -48.05
N GLU D 204 -4.97 11.95 -47.27
CA GLU D 204 -6.29 12.01 -46.62
C GLU D 204 -6.43 13.26 -45.78
N THR D 205 -5.39 13.56 -45.00
CA THR D 205 -5.41 14.72 -44.11
C THR D 205 -5.03 16.03 -44.78
N LYS D 206 -4.92 16.02 -46.11
CA LYS D 206 -4.60 17.23 -46.86
C LYS D 206 -3.24 17.86 -46.58
N TYR D 207 -2.23 17.04 -46.26
CA TYR D 207 -0.90 17.60 -46.00
C TYR D 207 0.02 17.42 -47.21
N CYS D 208 -0.55 16.90 -48.30
CA CYS D 208 0.21 16.70 -49.53
C CYS D 208 -0.77 16.61 -50.71
N ASP D 209 -0.41 17.22 -51.84
CA ASP D 209 -1.28 17.24 -53.02
C ASP D 209 -1.38 15.96 -53.86
N ARG D 210 -0.25 15.47 -54.36
CA ARG D 210 -0.27 14.29 -55.21
C ARG D 210 0.67 13.18 -54.75
N LYS D 211 0.56 12.03 -55.40
CA LYS D 211 1.42 10.89 -55.10
C LYS D 211 1.69 10.12 -56.38
N THR D 212 2.83 9.47 -56.43
CA THR D 212 3.23 8.66 -57.58
C THR D 212 4.40 7.76 -57.21
N ALA D 213 4.52 6.64 -57.92
CA ALA D 213 5.58 5.68 -57.66
C ALA D 213 6.72 5.77 -58.67
N SER D 214 6.57 6.63 -59.67
CA SER D 214 7.61 6.77 -60.70
C SER D 214 8.29 8.14 -60.65
N ILE D 215 9.61 8.12 -60.68
CA ILE D 215 10.41 9.35 -60.63
C ILE D 215 10.15 10.21 -61.87
N GLU D 216 9.78 9.56 -62.97
CA GLU D 216 9.50 10.25 -64.22
C GLU D 216 8.33 11.21 -64.04
N GLU D 217 7.23 10.70 -63.49
CA GLU D 217 6.03 11.51 -63.26
C GLU D 217 6.32 12.63 -62.25
N ALA D 218 6.96 12.28 -61.15
CA ALA D 218 7.29 13.24 -60.11
C ALA D 218 8.08 14.40 -60.72
N LEU D 219 9.14 14.09 -61.43
CA LEU D 219 9.97 15.12 -62.06
C LEU D 219 9.21 15.93 -63.11
N ALA D 220 8.31 15.27 -63.85
CA ALA D 220 7.52 15.95 -64.86
C ALA D 220 6.55 16.95 -64.22
N TRP D 221 5.82 16.51 -63.20
CA TRP D 221 4.86 17.39 -62.52
C TRP D 221 5.57 18.54 -61.81
N ALA D 222 6.67 18.23 -61.14
CA ALA D 222 7.43 19.22 -60.40
C ALA D 222 8.00 20.31 -61.32
N GLU D 223 8.53 19.87 -62.45
CA GLU D 223 9.11 20.78 -63.43
C GLU D 223 8.06 21.76 -63.96
N GLU D 224 6.93 21.23 -64.36
CA GLU D 224 5.85 22.05 -64.89
C GLU D 224 5.41 23.09 -63.84
N ALA D 225 5.25 22.66 -62.60
CA ALA D 225 4.82 23.57 -61.54
C ALA D 225 5.84 24.68 -61.26
N LYS D 226 7.11 24.30 -61.20
CA LYS D 226 8.18 25.25 -60.92
C LYS D 226 8.25 26.28 -62.03
N LEU D 227 8.16 25.81 -63.26
CA LEU D 227 8.21 26.69 -64.42
C LEU D 227 7.10 27.74 -64.37
N ALA D 228 5.89 27.30 -64.01
CA ALA D 228 4.75 28.21 -63.92
C ALA D 228 4.72 28.97 -62.61
N GLY D 229 5.72 28.71 -61.77
CA GLY D 229 5.76 29.41 -60.48
C GLY D 229 4.54 29.13 -59.63
N LYS D 230 4.03 27.91 -59.68
CA LYS D 230 2.89 27.52 -58.87
C LYS D 230 3.31 26.45 -57.86
N PRO D 231 2.73 26.46 -56.64
CA PRO D 231 3.06 25.49 -55.61
C PRO D 231 2.46 24.12 -55.90
N LEU D 232 3.15 23.06 -55.50
CA LEU D 232 2.68 21.70 -55.70
C LEU D 232 3.49 20.76 -54.84
N SER D 233 2.80 19.91 -54.08
CA SER D 233 3.49 18.95 -53.23
C SER D 233 3.31 17.56 -53.83
N ILE D 234 4.41 16.81 -53.94
CA ILE D 234 4.40 15.49 -54.54
C ILE D 234 5.07 14.41 -53.68
N ALA D 235 4.30 13.40 -53.28
CA ALA D 235 4.85 12.31 -52.49
C ALA D 235 5.34 11.26 -53.47
N LEU D 236 6.59 10.83 -53.32
CA LEU D 236 7.17 9.83 -54.20
C LEU D 236 7.49 8.55 -53.45
N LEU D 237 6.83 7.46 -53.83
CA LEU D 237 7.04 6.17 -53.20
C LEU D 237 8.43 5.65 -53.56
N GLY D 238 9.24 5.36 -52.55
CA GLY D 238 10.58 4.86 -52.76
C GLY D 238 11.46 5.05 -51.55
N ASN D 239 12.66 4.45 -51.57
CA ASN D 239 13.59 4.58 -50.46
C ASN D 239 14.54 5.74 -50.75
N ALA D 240 14.50 6.76 -49.89
CA ALA D 240 15.34 7.94 -50.08
C ALA D 240 16.81 7.65 -50.37
N ALA D 241 17.38 6.68 -49.66
CA ALA D 241 18.79 6.34 -49.85
C ALA D 241 19.13 6.08 -51.31
N GLU D 242 18.15 5.55 -52.04
CA GLU D 242 18.33 5.22 -53.45
C GLU D 242 17.84 6.33 -54.38
N VAL D 243 16.62 6.80 -54.16
CA VAL D 243 16.01 7.83 -54.99
C VAL D 243 16.79 9.15 -55.08
N HIS D 244 17.33 9.61 -53.95
CA HIS D 244 18.08 10.86 -53.95
C HIS D 244 19.34 10.79 -54.81
N HIS D 245 19.96 9.62 -54.87
CA HIS D 245 21.14 9.45 -55.69
C HIS D 245 20.75 9.38 -57.16
N THR D 246 19.58 8.82 -57.42
CA THR D 246 19.07 8.71 -58.77
C THR D 246 18.76 10.10 -59.30
N LEU D 247 18.21 10.96 -58.44
CA LEU D 247 17.91 12.33 -58.85
C LEU D 247 19.22 13.07 -58.98
N LEU D 248 20.14 12.74 -58.08
CA LEU D 248 21.46 13.35 -58.06
C LEU D 248 22.18 13.09 -59.38
N ASN D 249 22.29 11.81 -59.77
CA ASN D 249 22.98 11.46 -61.00
C ASN D 249 22.21 11.75 -62.29
N ARG D 250 20.91 11.98 -62.19
CA ARG D 250 20.14 12.27 -63.41
C ARG D 250 20.32 13.74 -63.79
N GLY D 251 21.03 14.48 -62.94
CA GLY D 251 21.27 15.88 -63.20
C GLY D 251 20.11 16.78 -62.86
N VAL D 252 19.13 16.25 -62.15
CA VAL D 252 17.97 17.05 -61.76
C VAL D 252 18.43 18.24 -60.94
N LYS D 253 17.86 19.40 -61.23
CA LYS D 253 18.19 20.64 -60.54
C LYS D 253 17.28 20.83 -59.32
N ILE D 254 17.88 20.75 -58.14
CA ILE D 254 17.14 20.91 -56.89
C ILE D 254 17.63 22.13 -56.12
N ASP D 255 16.69 22.97 -55.71
CA ASP D 255 17.00 24.20 -54.99
C ASP D 255 17.25 24.04 -53.49
N ILE D 256 16.47 23.19 -52.85
CA ILE D 256 16.61 22.97 -51.42
C ILE D 256 16.53 21.51 -51.05
N VAL D 257 17.34 21.11 -50.08
CA VAL D 257 17.33 19.73 -49.62
C VAL D 257 17.37 19.63 -48.10
N THR D 258 16.58 18.70 -47.56
CA THR D 258 16.55 18.47 -46.12
C THR D 258 15.99 17.05 -45.95
N ASP D 259 15.80 16.62 -44.71
CA ASP D 259 15.27 15.29 -44.48
C ASP D 259 14.54 15.17 -43.17
N GLN D 260 13.51 14.33 -43.16
CA GLN D 260 12.79 14.11 -41.91
C GLN D 260 12.32 12.68 -41.73
N THR D 261 13.22 11.74 -42.04
CA THR D 261 12.93 10.33 -41.82
C THR D 261 13.22 10.20 -40.32
N SER D 262 12.92 9.06 -39.71
CA SER D 262 13.20 8.91 -38.28
C SER D 262 14.59 8.34 -38.05
N ALA D 263 15.59 9.07 -38.54
CA ALA D 263 16.99 8.67 -38.42
C ALA D 263 17.45 8.58 -36.96
N HIS D 264 16.65 9.12 -36.04
CA HIS D 264 16.95 9.12 -34.62
C HIS D 264 16.87 7.73 -34.00
N ASP D 265 16.29 6.78 -34.73
CA ASP D 265 16.11 5.42 -34.25
C ASP D 265 16.45 4.45 -35.40
N PRO D 266 17.73 4.05 -35.50
CA PRO D 266 18.25 3.14 -36.54
C PRO D 266 17.57 1.79 -36.66
N LEU D 267 16.92 1.33 -35.60
CA LEU D 267 16.26 0.04 -35.65
C LEU D 267 14.85 0.11 -36.24
N ILE D 268 14.12 1.17 -35.90
CA ILE D 268 12.75 1.37 -36.35
C ILE D 268 12.53 2.45 -37.41
N GLY D 269 13.12 3.62 -37.18
CA GLY D 269 12.90 4.75 -38.07
C GLY D 269 13.52 4.92 -39.43
N TYR D 270 14.25 3.94 -39.94
CA TYR D 270 14.85 4.07 -41.26
C TYR D 270 14.96 2.71 -41.93
N VAL D 271 14.36 2.58 -43.10
CA VAL D 271 14.39 1.32 -43.83
C VAL D 271 15.64 1.23 -44.69
N PRO D 272 16.45 0.18 -44.47
CA PRO D 272 17.69 -0.03 -45.23
C PRO D 272 17.38 -0.21 -46.70
N GLU D 273 18.22 0.36 -47.55
CA GLU D 273 18.04 0.24 -48.99
C GLU D 273 18.05 -1.22 -49.43
N GLY D 274 17.18 -1.55 -50.38
CA GLY D 274 17.12 -2.91 -50.89
C GLY D 274 16.15 -3.81 -50.16
N TYR D 275 15.35 -3.24 -49.26
CA TYR D 275 14.40 -4.04 -48.52
C TYR D 275 12.98 -3.49 -48.58
N SER D 276 12.04 -4.36 -48.93
CA SER D 276 10.64 -3.97 -48.98
C SER D 276 10.22 -3.88 -47.52
N LEU D 277 9.07 -3.27 -47.26
CA LEU D 277 8.60 -3.15 -45.89
C LEU D 277 8.54 -4.53 -45.23
N ASP D 278 8.01 -5.53 -45.95
CA ASP D 278 7.93 -6.87 -45.41
C ASP D 278 9.31 -7.46 -45.15
N GLU D 279 10.20 -7.30 -46.11
CA GLU D 279 11.56 -7.82 -45.98
C GLU D 279 12.27 -7.16 -44.79
N ALA D 280 12.03 -5.86 -44.61
CA ALA D 280 12.64 -5.11 -43.54
C ALA D 280 12.15 -5.57 -42.18
N ASP D 281 10.84 -5.84 -42.07
CA ASP D 281 10.27 -6.29 -40.81
C ASP D 281 10.93 -7.61 -40.40
N ARG D 282 11.24 -8.44 -41.39
CA ARG D 282 11.88 -9.72 -41.13
C ARG D 282 13.30 -9.49 -40.64
N LEU D 283 14.01 -8.63 -41.37
CA LEU D 283 15.39 -8.30 -41.05
C LEU D 283 15.50 -7.71 -39.63
N ARG D 284 14.53 -6.85 -39.30
CA ARG D 284 14.49 -6.20 -38.00
C ARG D 284 14.24 -7.19 -36.85
N GLN D 285 13.26 -8.08 -37.02
CA GLN D 285 12.94 -9.06 -35.99
C GLN D 285 13.96 -10.19 -35.84
N ASP D 286 14.45 -10.70 -36.97
CA ASP D 286 15.41 -11.82 -36.94
C ASP D 286 16.84 -11.44 -36.60
N THR D 287 17.32 -10.34 -37.18
CA THR D 287 18.69 -9.89 -36.95
C THR D 287 18.74 -8.39 -36.73
N PRO D 288 18.20 -7.91 -35.60
CA PRO D 288 18.18 -6.49 -35.28
C PRO D 288 19.53 -5.77 -35.38
N GLU D 289 20.60 -6.46 -34.99
CA GLU D 289 21.93 -5.87 -35.03
C GLU D 289 22.41 -5.66 -36.47
N LEU D 290 22.10 -6.61 -37.33
CA LEU D 290 22.46 -6.53 -38.74
C LEU D 290 21.63 -5.41 -39.35
N TYR D 291 20.34 -5.37 -38.99
CA TYR D 291 19.43 -4.35 -39.50
C TYR D 291 20.01 -2.98 -39.23
N VAL D 292 20.43 -2.75 -37.99
CA VAL D 292 20.98 -1.47 -37.58
C VAL D 292 22.25 -1.11 -38.35
N ARG D 293 23.13 -2.10 -38.54
CA ARG D 293 24.36 -1.84 -39.29
C ARG D 293 24.01 -1.42 -40.72
N LEU D 294 22.97 -2.03 -41.27
CA LEU D 294 22.54 -1.71 -42.62
C LEU D 294 21.83 -0.37 -42.70
N ALA D 295 20.99 -0.08 -41.70
CA ALA D 295 20.26 1.17 -41.67
C ALA D 295 21.22 2.36 -41.58
N LYS D 296 22.28 2.20 -40.80
CA LYS D 296 23.28 3.25 -40.64
C LYS D 296 24.06 3.48 -41.94
N GLN D 297 24.33 2.40 -42.67
CA GLN D 297 25.05 2.53 -43.93
C GLN D 297 24.18 3.26 -44.95
N SER D 298 22.89 2.96 -44.93
CA SER D 298 21.98 3.62 -45.86
C SER D 298 21.85 5.09 -45.53
N MET D 299 21.85 5.43 -44.24
CA MET D 299 21.74 6.83 -43.85
C MET D 299 23.01 7.60 -44.21
N LYS D 300 24.14 6.91 -44.23
CA LYS D 300 25.41 7.55 -44.59
C LYS D 300 25.26 7.94 -46.06
N LYS D 301 24.93 6.95 -46.88
CA LYS D 301 24.74 7.15 -48.31
C LYS D 301 23.71 8.26 -48.56
N HIS D 302 22.67 8.29 -47.74
CA HIS D 302 21.63 9.31 -47.86
C HIS D 302 22.22 10.70 -47.63
N VAL D 303 22.95 10.86 -46.54
CA VAL D 303 23.57 12.15 -46.23
C VAL D 303 24.62 12.53 -47.27
N GLU D 304 25.28 11.53 -47.86
CA GLU D 304 26.30 11.81 -48.87
C GLU D 304 25.65 12.53 -50.04
N ALA D 305 24.48 12.05 -50.48
CA ALA D 305 23.79 12.68 -51.59
C ALA D 305 23.54 14.12 -51.18
N MET D 306 23.01 14.30 -49.97
CA MET D 306 22.73 15.64 -49.45
C MET D 306 23.95 16.54 -49.62
N LEU D 307 25.11 16.07 -49.20
CA LEU D 307 26.33 16.86 -49.34
C LEU D 307 26.60 17.13 -50.82
N ALA D 308 26.36 16.13 -51.67
CA ALA D 308 26.58 16.30 -53.10
C ALA D 308 25.70 17.42 -53.60
N PHE D 309 24.43 17.40 -53.21
CA PHE D 309 23.50 18.45 -53.63
C PHE D 309 23.95 19.82 -53.13
N GLN D 310 24.46 19.89 -51.91
CA GLN D 310 24.91 21.17 -51.37
C GLN D 310 26.02 21.71 -52.26
N GLN D 311 26.98 20.85 -52.58
CA GLN D 311 28.11 21.23 -53.43
C GLN D 311 27.62 21.54 -54.84
N LYS D 312 26.40 21.08 -55.13
CA LYS D 312 25.80 21.30 -56.45
C LYS D 312 25.00 22.60 -56.45
N GLY D 313 25.11 23.36 -55.38
CA GLY D 313 24.42 24.65 -55.32
C GLY D 313 23.13 24.78 -54.52
N SER D 314 22.55 23.68 -54.08
CA SER D 314 21.31 23.82 -53.32
C SER D 314 21.51 24.11 -51.85
N ILE D 315 20.50 24.70 -51.23
CA ILE D 315 20.55 25.02 -49.81
C ILE D 315 20.13 23.75 -49.08
N VAL D 316 21.00 23.25 -48.21
CA VAL D 316 20.72 22.02 -47.47
C VAL D 316 20.78 22.26 -45.97
N PHE D 317 19.81 21.69 -45.24
CA PHE D 317 19.79 21.85 -43.79
C PHE D 317 19.28 20.59 -43.09
N ASP D 318 19.60 20.46 -41.81
CA ASP D 318 19.19 19.32 -41.01
C ASP D 318 17.86 19.70 -40.36
N TYR D 319 16.81 18.87 -40.51
CA TYR D 319 15.54 19.24 -39.90
C TYR D 319 15.20 18.48 -38.63
N GLY D 320 16.16 18.44 -37.71
CA GLY D 320 16.00 17.83 -36.41
C GLY D 320 15.80 16.34 -36.19
N ASN D 321 16.46 15.51 -36.98
CA ASN D 321 16.32 14.07 -36.83
C ASN D 321 17.66 13.37 -36.59
N ASN D 322 18.70 14.16 -36.35
CA ASN D 322 20.04 13.66 -36.05
C ASN D 322 20.71 12.83 -37.15
N ILE D 323 20.23 12.95 -38.39
CA ILE D 323 20.80 12.18 -39.49
C ILE D 323 22.26 12.49 -39.79
N ARG D 324 22.70 13.72 -39.48
CA ARG D 324 24.09 14.09 -39.71
C ARG D 324 24.98 13.28 -38.78
N GLN D 325 24.54 13.16 -37.53
CA GLN D 325 25.30 12.41 -36.54
C GLN D 325 25.49 10.95 -36.97
N VAL D 326 24.42 10.35 -37.50
CA VAL D 326 24.47 8.97 -37.95
C VAL D 326 25.52 8.78 -39.04
N ALA D 327 25.55 9.70 -40.01
CA ALA D 327 26.51 9.62 -41.11
C ALA D 327 27.90 9.79 -40.54
N LYS D 328 28.04 10.76 -39.66
CA LYS D 328 29.30 11.07 -39.01
C LYS D 328 29.86 9.81 -38.34
N ASP D 329 29.03 9.18 -37.50
CA ASP D 329 29.42 7.97 -36.78
C ASP D 329 29.84 6.83 -37.70
N GLU D 330 29.41 6.89 -38.96
CA GLU D 330 29.75 5.84 -39.92
C GLU D 330 31.02 6.15 -40.70
N GLY D 331 31.59 7.33 -40.47
CA GLY D 331 32.81 7.69 -41.16
C GLY D 331 32.74 8.95 -41.99
N LEU D 332 31.54 9.41 -42.31
CA LEU D 332 31.39 10.65 -43.10
C LEU D 332 31.90 11.82 -42.28
N GLU D 333 33.18 12.15 -42.46
CA GLU D 333 33.79 13.22 -41.69
C GLU D 333 33.14 14.59 -41.85
N ASN D 334 32.64 14.90 -43.03
CA ASN D 334 32.02 16.20 -43.26
C ASN D 334 30.50 16.16 -43.23
N ALA D 335 29.95 15.25 -42.43
CA ALA D 335 28.50 15.10 -42.32
C ALA D 335 27.85 16.38 -41.79
N PHE D 336 28.63 17.21 -41.10
CA PHE D 336 28.10 18.45 -40.56
C PHE D 336 28.42 19.68 -41.40
N ASP D 337 28.58 19.50 -42.70
CA ASP D 337 28.85 20.64 -43.58
C ASP D 337 27.60 21.49 -43.78
N PHE D 338 26.43 20.97 -43.41
CA PHE D 338 25.20 21.77 -43.49
C PHE D 338 24.66 21.88 -42.07
N PRO D 339 24.11 23.06 -41.71
CA PRO D 339 23.55 23.41 -40.40
C PRO D 339 22.15 22.92 -40.02
N GLY D 340 21.88 22.94 -38.72
CA GLY D 340 20.58 22.57 -38.22
C GLY D 340 19.70 23.77 -38.47
N PHE D 341 18.42 23.53 -38.69
CA PHE D 341 17.47 24.61 -38.97
C PHE D 341 17.33 25.68 -37.90
N VAL D 342 17.66 25.34 -36.65
CA VAL D 342 17.52 26.32 -35.58
C VAL D 342 18.59 27.40 -35.65
N PRO D 343 19.87 27.02 -35.65
CA PRO D 343 20.90 28.08 -35.71
C PRO D 343 20.79 28.84 -37.03
N ALA D 344 20.37 28.16 -38.09
CA ALA D 344 20.25 28.77 -39.40
C ALA D 344 19.01 29.63 -39.66
N TYR D 345 17.84 29.18 -39.21
CA TYR D 345 16.63 29.94 -39.47
C TYR D 345 15.71 30.29 -38.30
N ILE D 346 15.66 29.42 -37.29
CA ILE D 346 14.72 29.61 -36.19
C ILE D 346 15.11 30.34 -34.92
N ARG D 347 16.33 30.15 -34.42
CA ARG D 347 16.77 30.77 -33.17
C ARG D 347 16.30 32.20 -32.90
N PRO D 348 16.29 33.08 -33.91
CA PRO D 348 15.85 34.44 -33.61
C PRO D 348 14.45 34.49 -33.00
N LEU D 349 13.57 33.56 -33.39
CA LEU D 349 12.23 33.54 -32.85
C LEU D 349 12.28 33.17 -31.36
N PHE D 350 13.19 32.25 -31.03
CA PHE D 350 13.35 31.83 -29.65
C PHE D 350 13.80 33.00 -28.77
N CYS D 351 14.48 33.97 -29.35
CA CYS D 351 14.94 35.11 -28.59
C CYS D 351 13.82 36.10 -28.24
N GLU D 352 12.64 35.86 -28.80
CA GLU D 352 11.49 36.72 -28.52
C GLU D 352 10.53 35.95 -27.63
N GLY D 353 10.91 34.71 -27.32
CA GLY D 353 10.09 33.85 -26.47
C GLY D 353 9.06 33.07 -27.27
N LYS D 354 9.23 33.04 -28.59
CA LYS D 354 8.29 32.31 -29.43
C LYS D 354 8.59 30.82 -29.41
N GLY D 355 7.60 30.04 -29.83
CA GLY D 355 7.73 28.59 -29.84
C GLY D 355 6.43 27.97 -30.30
N PRO D 356 6.39 26.64 -30.54
CA PRO D 356 5.18 25.94 -31.00
C PRO D 356 4.03 25.88 -29.98
N PHE D 357 3.64 27.05 -29.48
CA PHE D 357 2.55 27.22 -28.53
C PHE D 357 1.32 26.64 -29.24
N ARG D 358 0.40 26.05 -28.49
CA ARG D 358 -0.79 25.46 -29.09
C ARG D 358 -1.93 25.27 -28.07
N TRP D 359 -3.11 24.90 -28.57
CA TRP D 359 -4.25 24.66 -27.69
C TRP D 359 -5.29 23.77 -28.33
N ALA D 360 -6.02 23.04 -27.48
CA ALA D 360 -7.04 22.12 -27.95
C ALA D 360 -8.37 22.39 -27.27
N ALA D 361 -9.46 22.21 -28.01
CA ALA D 361 -10.79 22.42 -27.46
C ALA D 361 -11.28 21.10 -26.90
N LEU D 362 -11.41 21.02 -25.58
CA LEU D 362 -11.88 19.79 -24.97
C LEU D 362 -13.31 19.48 -25.38
N SER D 363 -14.07 20.51 -25.75
CA SER D 363 -15.45 20.34 -26.17
C SER D 363 -15.53 19.39 -27.36
N GLY D 364 -14.54 19.49 -28.25
CA GLY D 364 -14.50 18.64 -29.43
C GLY D 364 -15.16 19.35 -30.60
N ASP D 365 -15.76 20.51 -30.31
CA ASP D 365 -16.45 21.30 -31.31
C ASP D 365 -15.48 22.22 -32.06
N PRO D 366 -15.45 22.11 -33.39
CA PRO D 366 -14.56 22.94 -34.20
C PRO D 366 -14.86 24.42 -33.98
N ALA D 367 -16.08 24.70 -33.54
CA ALA D 367 -16.50 26.07 -33.28
C ALA D 367 -15.65 26.75 -32.22
N ASP D 368 -15.14 25.98 -31.26
CA ASP D 368 -14.31 26.59 -30.22
C ASP D 368 -12.98 27.08 -30.81
N ILE D 369 -12.42 26.32 -31.75
CA ILE D 369 -11.17 26.73 -32.36
C ILE D 369 -11.37 27.97 -33.23
N TYR D 370 -12.43 27.98 -34.04
CA TYR D 370 -12.70 29.13 -34.89
C TYR D 370 -12.87 30.38 -34.05
N ARG D 371 -13.48 30.22 -32.87
CA ARG D 371 -13.70 31.34 -31.97
C ARG D 371 -12.36 31.83 -31.40
N THR D 372 -11.43 30.90 -31.16
CA THR D 372 -10.13 31.27 -30.63
C THR D 372 -9.32 31.92 -31.75
N ASP D 373 -9.58 31.50 -32.99
CA ASP D 373 -8.90 32.06 -34.14
C ASP D 373 -9.24 33.56 -34.21
N ALA D 374 -10.52 33.87 -34.09
CA ALA D 374 -10.98 35.26 -34.14
C ALA D 374 -10.42 36.01 -32.92
N LEU D 375 -10.34 35.32 -31.79
CA LEU D 375 -9.83 35.91 -30.54
C LEU D 375 -8.44 36.51 -30.81
N LEU D 376 -7.55 35.68 -31.38
CA LEU D 376 -6.20 36.13 -31.71
C LEU D 376 -6.17 37.51 -32.35
N LYS D 377 -6.95 37.70 -33.40
CA LYS D 377 -6.98 38.98 -34.10
C LYS D 377 -7.47 40.14 -33.24
N GLU D 378 -8.33 39.86 -32.26
CA GLU D 378 -8.84 40.91 -31.38
C GLU D 378 -7.84 41.24 -30.28
N LEU D 379 -7.08 40.24 -29.84
CA LEU D 379 -6.09 40.45 -28.81
C LEU D 379 -4.85 41.12 -29.38
N PHE D 380 -4.46 40.71 -30.57
CA PHE D 380 -3.29 41.31 -31.21
C PHE D 380 -3.63 41.94 -32.56
N PRO D 381 -4.43 43.00 -32.55
CA PRO D 381 -4.84 43.70 -33.78
C PRO D 381 -3.68 44.31 -34.55
N THR D 382 -2.56 44.50 -33.85
CA THR D 382 -1.35 45.13 -34.41
C THR D 382 -0.43 44.21 -35.20
N ASN D 383 -0.64 42.91 -35.02
CA ASN D 383 0.21 41.92 -35.63
C ASN D 383 -0.38 41.20 -36.86
N LYS D 384 -0.09 41.77 -38.03
CA LYS D 384 -0.58 41.25 -39.30
C LYS D 384 0.03 39.91 -39.66
N ALA D 385 1.25 39.66 -39.22
CA ALA D 385 1.90 38.39 -39.50
C ALA D 385 1.05 37.31 -38.83
N LEU D 386 0.65 37.59 -37.60
CA LEU D 386 -0.17 36.68 -36.80
C LEU D 386 -1.51 36.45 -37.49
N HIS D 387 -2.14 37.54 -37.92
CA HIS D 387 -3.43 37.44 -38.61
C HIS D 387 -3.34 36.58 -39.86
N ARG D 388 -2.24 36.71 -40.60
CA ARG D 388 -2.06 35.94 -41.81
C ARG D 388 -1.87 34.45 -41.57
N TRP D 389 -1.08 34.10 -40.57
CA TRP D 389 -0.87 32.69 -40.27
C TRP D 389 -2.18 32.00 -39.92
N ILE D 390 -2.92 32.61 -39.00
CA ILE D 390 -4.18 32.04 -38.58
C ILE D 390 -5.14 31.81 -39.75
N ASP D 391 -5.23 32.77 -40.67
CA ASP D 391 -6.10 32.59 -41.83
C ASP D 391 -5.66 31.38 -42.65
N MET D 392 -4.35 31.23 -42.85
CA MET D 392 -3.80 30.12 -43.61
C MET D 392 -4.07 28.78 -42.92
N ALA D 393 -3.95 28.78 -41.59
CA ALA D 393 -4.18 27.56 -40.82
C ALA D 393 -5.66 27.17 -40.87
N GLN D 394 -6.53 28.15 -40.67
CA GLN D 394 -7.96 27.88 -40.69
C GLN D 394 -8.38 27.38 -42.06
N GLU D 395 -7.67 27.85 -43.09
CA GLU D 395 -8.01 27.46 -44.44
C GLU D 395 -7.38 26.16 -44.92
N LYS D 396 -6.14 25.90 -44.55
CA LYS D 396 -5.47 24.70 -45.02
C LYS D 396 -5.28 23.54 -44.05
N VAL D 397 -5.65 23.74 -42.78
CA VAL D 397 -5.48 22.67 -41.80
C VAL D 397 -6.77 21.89 -41.53
N THR D 398 -6.71 20.59 -41.78
CA THR D 398 -7.85 19.73 -41.51
C THR D 398 -7.67 19.21 -40.09
N PHE D 399 -8.61 19.52 -39.22
CA PHE D 399 -8.54 19.09 -37.83
C PHE D 399 -8.32 17.59 -37.65
N GLN D 400 -7.64 17.22 -36.58
CA GLN D 400 -7.37 15.82 -36.24
C GLN D 400 -7.76 15.60 -34.78
N GLY D 401 -8.63 14.63 -34.54
CA GLY D 401 -9.07 14.37 -33.17
C GLY D 401 -9.67 15.64 -32.61
N LEU D 402 -9.33 15.97 -31.37
CA LEU D 402 -9.87 17.18 -30.77
C LEU D 402 -9.43 18.40 -31.57
N PRO D 403 -10.37 19.26 -31.96
CA PRO D 403 -10.01 20.45 -32.73
C PRO D 403 -8.91 21.20 -31.99
N SER D 404 -7.80 21.45 -32.66
CA SER D 404 -6.67 22.13 -32.05
C SER D 404 -6.07 23.19 -32.96
N ARG D 405 -5.21 24.04 -32.39
CA ARG D 405 -4.58 25.08 -33.20
C ARG D 405 -3.11 25.32 -32.84
N ILE D 406 -2.27 25.40 -33.87
CA ILE D 406 -0.86 25.69 -33.65
C ILE D 406 -0.73 27.18 -33.94
N CYS D 407 -0.07 27.90 -33.05
CA CYS D 407 0.12 29.33 -33.23
C CYS D 407 1.27 29.84 -32.37
N TRP D 408 2.40 30.12 -33.01
CA TRP D 408 3.55 30.62 -32.29
C TRP D 408 3.29 31.99 -31.67
N LEU D 409 3.46 32.07 -30.35
CA LEU D 409 3.30 33.33 -29.63
C LEU D 409 4.50 33.44 -28.71
N GLY D 410 5.01 34.67 -28.57
CA GLY D 410 6.19 34.87 -27.74
C GLY D 410 5.86 35.33 -26.34
N TYR D 411 6.91 35.69 -25.61
CA TYR D 411 6.77 36.16 -24.23
C TYR D 411 5.76 37.30 -24.19
N GLY D 412 4.84 37.23 -23.22
CA GLY D 412 3.83 38.26 -23.10
C GLY D 412 2.55 37.86 -23.80
N GLU D 413 2.66 37.58 -25.09
CA GLU D 413 1.51 37.18 -25.90
C GLU D 413 0.89 35.90 -25.33
N ARG D 414 1.73 34.94 -24.95
CA ARG D 414 1.23 33.69 -24.41
C ARG D 414 0.29 33.93 -23.23
N LYS D 415 0.75 34.71 -22.27
CA LYS D 415 -0.06 35.02 -21.09
C LYS D 415 -1.36 35.73 -21.45
N LYS D 416 -1.28 36.69 -22.36
CA LYS D 416 -2.47 37.45 -22.77
C LYS D 416 -3.50 36.52 -23.43
N MET D 417 -3.01 35.62 -24.29
CA MET D 417 -3.87 34.67 -24.98
C MET D 417 -4.48 33.71 -23.96
N GLY D 418 -3.66 33.24 -23.03
CA GLY D 418 -4.12 32.32 -22.02
C GLY D 418 -5.25 32.89 -21.18
N LEU D 419 -5.05 34.07 -20.63
CA LEU D 419 -6.08 34.70 -19.82
C LEU D 419 -7.35 34.99 -20.62
N ALA D 420 -7.18 35.36 -21.89
CA ALA D 420 -8.32 35.65 -22.75
C ALA D 420 -9.13 34.39 -23.00
N ILE D 421 -8.45 33.28 -23.28
CA ILE D 421 -9.14 32.02 -23.52
C ILE D 421 -9.94 31.61 -22.29
N ASN D 422 -9.30 31.69 -21.13
CA ASN D 422 -9.94 31.30 -19.88
C ASN D 422 -11.17 32.15 -19.63
N GLU D 423 -11.10 33.39 -20.09
CA GLU D 423 -12.19 34.33 -19.91
C GLU D 423 -13.40 33.88 -20.72
N LEU D 424 -13.16 33.41 -21.94
CA LEU D 424 -14.25 32.95 -22.78
C LEU D 424 -14.83 31.64 -22.26
N VAL D 425 -13.99 30.82 -21.64
CA VAL D 425 -14.44 29.55 -21.08
C VAL D 425 -15.36 29.86 -19.90
N ARG D 426 -15.02 30.90 -19.14
CA ARG D 426 -15.82 31.31 -17.99
C ARG D 426 -17.20 31.78 -18.42
N THR D 427 -17.25 32.68 -19.42
CA THR D 427 -18.53 33.21 -19.89
C THR D 427 -19.34 32.22 -20.71
N GLY D 428 -18.69 31.17 -21.20
CA GLY D 428 -19.41 30.18 -21.99
C GLY D 428 -19.23 30.32 -23.48
N GLU D 429 -18.61 31.41 -23.94
CA GLU D 429 -18.38 31.61 -25.36
C GLU D 429 -17.64 30.42 -25.95
N LEU D 430 -16.90 29.71 -25.10
CA LEU D 430 -16.19 28.51 -25.52
C LEU D 430 -16.98 27.42 -24.79
N LYS D 431 -17.48 26.45 -25.55
CA LYS D 431 -18.30 25.38 -25.00
C LYS D 431 -17.72 24.49 -23.90
N ALA D 432 -16.40 24.50 -23.75
CA ALA D 432 -15.75 23.67 -22.73
C ALA D 432 -14.31 24.15 -22.54
N PRO D 433 -13.69 23.83 -21.40
CA PRO D 433 -12.31 24.23 -21.11
C PRO D 433 -11.35 23.82 -22.23
N VAL D 434 -10.24 24.54 -22.35
CA VAL D 434 -9.27 24.24 -23.38
C VAL D 434 -7.87 24.06 -22.78
N VAL D 435 -7.13 23.10 -23.32
CA VAL D 435 -5.79 22.85 -22.83
C VAL D 435 -4.80 23.68 -23.65
N ILE D 436 -3.88 24.31 -22.95
CA ILE D 436 -2.85 25.14 -23.56
C ILE D 436 -1.52 24.43 -23.35
N GLY D 437 -0.80 24.15 -24.43
CA GLY D 437 0.47 23.47 -24.31
C GLY D 437 1.48 23.87 -25.37
N ARG D 438 2.36 22.93 -25.74
CA ARG D 438 3.40 23.20 -26.72
C ARG D 438 4.25 21.95 -26.92
N ASP D 439 5.06 21.94 -27.96
CA ASP D 439 5.95 20.81 -28.20
C ASP D 439 7.04 21.01 -27.15
N HIS D 440 7.95 20.05 -27.00
CA HIS D 440 9.03 20.23 -26.03
C HIS D 440 10.09 21.12 -26.67
N LEU D 441 10.02 21.25 -28.00
CA LEU D 441 10.95 22.12 -28.71
C LEU D 441 10.38 23.52 -28.44
N ASP D 442 11.11 24.33 -27.71
CA ASP D 442 10.65 25.69 -27.40
C ASP D 442 11.85 26.58 -27.08
N CYS D 443 11.61 27.87 -26.90
CA CYS D 443 12.68 28.82 -26.60
C CYS D 443 13.52 28.49 -25.36
N GLY D 444 12.92 27.88 -24.35
CA GLY D 444 13.70 27.60 -23.16
C GLY D 444 13.44 26.30 -22.44
N SER D 445 13.09 25.26 -23.18
CA SER D 445 12.78 23.99 -22.53
C SER D 445 13.63 22.82 -23.04
N VAL D 446 14.65 23.10 -23.83
CA VAL D 446 15.44 22.01 -24.38
C VAL D 446 16.94 22.26 -24.58
N ALA D 447 17.71 21.18 -24.45
CA ALA D 447 19.16 21.19 -24.65
C ALA D 447 19.36 20.09 -25.69
N SER D 448 19.95 20.45 -26.82
CA SER D 448 20.15 19.50 -27.90
C SER D 448 21.19 20.06 -28.87
N PRO D 449 22.47 19.70 -28.68
CA PRO D 449 23.59 20.15 -29.50
C PRO D 449 23.41 19.98 -31.00
N ASN D 450 22.62 18.99 -31.42
CA ASN D 450 22.43 18.77 -32.86
C ASN D 450 21.10 19.30 -33.36
N ARG D 451 20.46 20.13 -32.56
CA ARG D 451 19.20 20.70 -32.98
C ARG D 451 18.90 22.03 -32.31
N GLU D 452 18.07 22.03 -31.26
CA GLU D 452 17.69 23.29 -30.62
C GLU D 452 18.82 24.19 -30.11
N THR D 453 19.86 23.59 -29.56
CA THR D 453 20.97 24.39 -29.06
C THR D 453 22.26 24.15 -29.84
N GLU D 454 22.12 23.91 -31.14
CA GLU D 454 23.27 23.68 -32.00
C GLU D 454 23.98 25.00 -32.26
N ALA D 455 25.27 25.03 -31.96
CA ALA D 455 26.08 26.21 -32.17
C ALA D 455 25.60 27.45 -31.42
N MET D 456 25.48 27.34 -30.09
CA MET D 456 25.07 28.48 -29.29
C MET D 456 26.29 29.39 -29.39
N LYS D 457 26.07 30.71 -29.44
CA LYS D 457 27.20 31.61 -29.60
C LYS D 457 28.24 31.59 -28.50
N ASP D 458 27.91 31.02 -27.34
CA ASP D 458 28.88 30.94 -26.25
C ASP D 458 29.42 29.52 -26.11
N GLY D 459 28.99 28.63 -26.99
CA GLY D 459 29.45 27.25 -26.95
C GLY D 459 28.83 26.38 -25.87
N SER D 460 27.71 26.82 -25.30
CA SER D 460 27.03 26.09 -24.23
C SER D 460 26.05 25.03 -24.74
N ASP D 461 26.23 24.62 -25.99
CA ASP D 461 25.37 23.62 -26.64
C ASP D 461 24.88 22.49 -25.73
N ALA D 462 25.82 21.82 -25.07
CA ALA D 462 25.52 20.69 -24.20
C ALA D 462 25.01 20.95 -22.78
N VAL D 463 24.94 22.21 -22.37
CA VAL D 463 24.46 22.49 -21.03
C VAL D 463 22.99 22.07 -20.94
N GLY D 464 22.69 21.20 -19.97
CA GLY D 464 21.31 20.73 -19.80
C GLY D 464 20.55 21.32 -18.63
N ASP D 465 21.18 22.22 -17.88
CA ASP D 465 20.56 22.85 -16.72
C ASP D 465 19.23 23.55 -16.99
N TRP D 466 19.18 24.35 -18.05
CA TRP D 466 17.98 25.10 -18.37
C TRP D 466 16.75 24.23 -18.62
N ALA D 467 16.92 23.12 -19.32
CA ALA D 467 15.81 22.21 -19.60
C ALA D 467 15.22 21.71 -18.28
N VAL D 468 16.10 21.48 -17.30
CA VAL D 468 15.66 21.02 -15.99
C VAL D 468 14.98 22.17 -15.24
N LEU D 469 15.57 23.36 -15.34
CA LEU D 469 15.00 24.52 -14.67
C LEU D 469 13.62 24.83 -15.24
N ASN D 470 13.43 24.53 -16.52
CA ASN D 470 12.14 24.76 -17.16
C ASN D 470 11.05 23.98 -16.42
N ALA D 471 11.24 22.66 -16.31
CA ALA D 471 10.26 21.81 -15.63
C ALA D 471 10.07 22.21 -14.17
N LEU D 472 11.18 22.48 -13.50
CA LEU D 472 11.15 22.87 -12.10
C LEU D 472 10.32 24.15 -11.87
N VAL D 473 10.60 25.20 -12.64
CA VAL D 473 9.86 26.45 -12.45
C VAL D 473 8.42 26.38 -12.87
N ASN D 474 8.11 25.67 -13.95
CA ASN D 474 6.71 25.59 -14.36
C ASN D 474 5.89 24.79 -13.34
N THR D 475 6.56 23.89 -12.61
CA THR D 475 5.88 23.11 -11.58
C THR D 475 5.57 24.05 -10.43
N ALA D 476 6.53 24.90 -10.10
CA ALA D 476 6.36 25.85 -9.02
C ALA D 476 5.37 26.96 -9.39
N ALA D 477 5.35 27.34 -10.66
CA ALA D 477 4.46 28.41 -11.13
C ALA D 477 2.99 27.99 -11.19
N GLY D 478 2.71 26.70 -11.32
CA GLY D 478 1.34 26.24 -11.34
C GLY D 478 0.77 25.58 -12.59
N ALA D 479 1.61 24.89 -13.36
CA ALA D 479 1.13 24.23 -14.57
C ALA D 479 0.21 23.07 -14.19
N SER D 480 -0.51 22.53 -15.17
CA SER D 480 -1.41 21.41 -14.93
C SER D 480 -0.63 20.10 -14.97
N TRP D 481 0.26 19.98 -15.93
CA TRP D 481 1.12 18.81 -15.98
C TRP D 481 2.43 19.13 -16.66
N VAL D 482 3.49 18.81 -15.94
CA VAL D 482 4.86 19.05 -16.36
C VAL D 482 5.54 17.74 -16.66
N SER D 483 6.36 17.74 -17.70
CA SER D 483 7.08 16.54 -18.09
C SER D 483 8.55 16.83 -18.36
N PHE D 484 9.37 15.82 -18.21
CA PHE D 484 10.80 15.94 -18.48
C PHE D 484 11.20 14.66 -19.20
N HIS D 485 11.61 14.80 -20.46
CA HIS D 485 11.99 13.66 -21.28
C HIS D 485 13.45 13.72 -21.72
N HIS D 486 13.94 12.61 -22.26
CA HIS D 486 15.29 12.49 -22.77
C HIS D 486 15.26 11.79 -24.13
N GLY D 487 16.12 12.23 -25.04
CA GLY D 487 16.18 11.63 -26.36
C GLY D 487 15.12 12.05 -27.35
N GLY D 488 14.20 12.91 -26.92
CA GLY D 488 13.17 13.34 -27.84
C GLY D 488 13.76 13.97 -29.09
N GLY D 489 13.16 13.65 -30.24
CA GLY D 489 13.61 14.23 -31.49
C GLY D 489 14.91 13.73 -32.10
N VAL D 490 15.98 13.71 -31.32
CA VAL D 490 17.27 13.28 -31.85
C VAL D 490 17.76 11.93 -31.36
N GLY D 491 17.02 11.29 -30.47
CA GLY D 491 17.42 9.97 -30.01
C GLY D 491 18.21 9.89 -28.72
N MET D 492 18.29 8.68 -28.18
CA MET D 492 18.99 8.39 -26.92
C MET D 492 20.34 9.08 -26.78
N GLY D 493 20.50 9.82 -25.69
CA GLY D 493 21.76 10.50 -25.41
C GLY D 493 22.00 11.85 -26.06
N TYR D 494 21.12 12.28 -26.95
CA TYR D 494 21.34 13.55 -27.63
C TYR D 494 20.49 14.75 -27.21
N SER D 495 19.67 14.59 -26.18
CA SER D 495 18.86 15.72 -25.74
C SER D 495 18.13 15.48 -24.43
N LEU D 496 17.85 16.58 -23.75
CA LEU D 496 17.10 16.57 -22.49
C LEU D 496 16.15 17.73 -22.76
N HIS D 497 14.88 17.58 -22.40
CA HIS D 497 13.90 18.63 -22.65
C HIS D 497 12.69 18.50 -21.76
N ALA D 498 11.89 19.57 -21.68
CA ALA D 498 10.71 19.59 -20.82
C ALA D 498 9.44 20.18 -21.47
N GLY D 499 8.29 19.68 -21.04
CA GLY D 499 7.04 20.17 -21.57
C GLY D 499 6.17 20.78 -20.48
N MET D 500 5.21 21.60 -20.89
CA MET D 500 4.31 22.22 -19.92
C MET D 500 2.90 22.37 -20.49
N VAL D 501 1.92 21.93 -19.72
CA VAL D 501 0.53 22.02 -20.11
C VAL D 501 -0.27 22.65 -18.99
N ALA D 502 -1.09 23.62 -19.35
CA ALA D 502 -1.90 24.32 -18.37
C ALA D 502 -3.34 24.29 -18.90
N VAL D 503 -4.29 24.18 -17.99
CA VAL D 503 -5.69 24.10 -18.39
C VAL D 503 -6.48 25.38 -18.08
N ALA D 504 -7.15 25.89 -19.11
CA ALA D 504 -7.97 27.09 -18.95
C ALA D 504 -9.39 26.57 -18.76
N ASP D 505 -9.80 26.45 -17.51
CA ASP D 505 -11.13 25.97 -17.18
C ASP D 505 -12.08 27.07 -16.71
N GLY D 506 -11.71 28.32 -16.96
CA GLY D 506 -12.54 29.45 -16.58
C GLY D 506 -12.56 29.80 -15.11
N SER D 507 -11.87 29.03 -14.28
CA SER D 507 -11.83 29.28 -12.83
C SER D 507 -10.85 30.40 -12.50
N GLU D 508 -11.09 31.08 -11.37
CA GLU D 508 -10.21 32.16 -10.94
C GLU D 508 -8.83 31.58 -10.63
N LEU D 509 -8.81 30.35 -10.14
CA LEU D 509 -7.57 29.67 -9.81
C LEU D 509 -6.71 29.57 -11.06
N ALA D 510 -7.35 29.23 -12.18
CA ALA D 510 -6.65 29.11 -13.45
C ALA D 510 -6.12 30.48 -13.89
N ASP D 511 -6.86 31.55 -13.59
CA ASP D 511 -6.39 32.88 -13.95
C ASP D 511 -5.01 33.13 -13.35
N GLU D 512 -4.88 32.87 -12.05
CA GLU D 512 -3.62 33.07 -11.37
C GLU D 512 -2.54 32.11 -11.83
N ARG D 513 -2.90 30.85 -12.02
CA ARG D 513 -1.94 29.85 -12.46
C ARG D 513 -1.45 30.14 -13.88
N LEU D 514 -2.41 30.41 -14.78
CA LEU D 514 -2.09 30.71 -16.16
C LEU D 514 -1.13 31.90 -16.28
N ALA D 515 -1.39 32.95 -15.50
CA ALA D 515 -0.56 34.16 -15.53
C ALA D 515 0.87 33.87 -15.07
N ARG D 516 0.98 33.01 -14.06
CA ARG D 516 2.27 32.63 -13.50
C ARG D 516 3.08 31.75 -14.45
N VAL D 517 2.50 30.64 -14.87
CA VAL D 517 3.21 29.70 -15.73
C VAL D 517 3.40 30.13 -17.18
N LEU D 518 2.50 30.97 -17.69
CA LEU D 518 2.63 31.42 -19.07
C LEU D 518 3.67 32.53 -19.15
N THR D 519 4.16 32.95 -17.98
CA THR D 519 5.19 33.98 -17.92
C THR D 519 6.53 33.28 -17.71
N SER D 520 6.57 32.34 -16.78
CA SER D 520 7.79 31.61 -16.48
C SER D 520 8.29 30.76 -17.64
N ASP D 521 7.39 29.99 -18.25
CA ASP D 521 7.78 29.11 -19.34
C ASP D 521 8.53 29.82 -20.48
N PRO D 522 7.93 30.86 -21.11
CA PRO D 522 8.70 31.50 -22.19
C PRO D 522 9.78 32.40 -21.59
N GLY D 523 9.55 32.87 -20.37
CA GLY D 523 10.51 33.73 -19.71
C GLY D 523 11.85 33.02 -19.58
N MET D 524 11.76 31.71 -19.44
CA MET D 524 12.94 30.86 -19.29
C MET D 524 13.76 30.90 -20.59
N GLY D 525 13.07 30.92 -21.74
CA GLY D 525 13.77 30.98 -23.00
C GLY D 525 14.54 32.28 -23.18
N ILE D 526 13.94 33.39 -22.79
CA ILE D 526 14.59 34.70 -22.92
C ILE D 526 15.90 34.72 -22.13
N ILE D 527 15.83 34.38 -20.84
CA ILE D 527 17.03 34.38 -20.01
C ILE D 527 18.10 33.38 -20.46
N ARG D 528 17.70 32.25 -21.03
CA ARG D 528 18.66 31.26 -21.48
C ARG D 528 19.47 31.84 -22.64
N HIS D 529 18.79 32.45 -23.59
CA HIS D 529 19.49 33.02 -24.72
C HIS D 529 20.18 34.32 -24.34
N ALA D 530 19.64 35.03 -23.36
CA ALA D 530 20.26 36.27 -22.91
C ALA D 530 21.60 35.88 -22.28
N ASP D 531 21.60 34.76 -21.56
CA ASP D 531 22.81 34.28 -20.92
C ASP D 531 23.84 33.89 -21.96
N ALA D 532 23.38 33.35 -23.08
CA ALA D 532 24.29 32.94 -24.14
C ALA D 532 24.87 34.16 -24.86
N GLY D 533 24.32 35.34 -24.56
CA GLY D 533 24.82 36.55 -25.18
C GLY D 533 24.08 37.04 -26.41
N TYR D 534 22.95 36.40 -26.74
CA TYR D 534 22.17 36.84 -27.90
C TYR D 534 21.57 38.20 -27.57
N GLU D 535 21.96 39.20 -28.36
CA GLU D 535 21.51 40.58 -28.15
C GLU D 535 20.01 40.83 -28.14
N ARG D 536 19.28 40.23 -29.07
CA ARG D 536 17.83 40.43 -29.09
C ARG D 536 17.22 39.90 -27.79
N ALA D 537 17.75 38.78 -27.30
CA ALA D 537 17.25 38.18 -26.06
C ALA D 537 17.52 39.14 -24.90
N VAL D 538 18.71 39.72 -24.88
CA VAL D 538 19.06 40.68 -23.82
C VAL D 538 18.14 41.89 -23.91
N GLU D 539 17.81 42.30 -25.13
CA GLU D 539 16.93 43.44 -25.38
C GLU D 539 15.52 43.17 -24.86
N VAL D 540 14.97 42.02 -25.23
CA VAL D 540 13.63 41.63 -24.80
C VAL D 540 13.54 41.61 -23.29
N ALA D 541 14.60 41.14 -22.64
CA ALA D 541 14.63 41.07 -21.19
C ALA D 541 14.45 42.46 -20.57
N LYS D 542 15.12 43.46 -21.15
CA LYS D 542 15.03 44.82 -20.64
C LYS D 542 13.64 45.41 -20.88
N GLU D 543 13.08 45.13 -22.05
CA GLU D 543 11.75 45.63 -22.41
C GLU D 543 10.65 45.11 -21.50
N GLN D 544 10.60 43.80 -21.31
CA GLN D 544 9.57 43.19 -20.47
C GLN D 544 9.97 43.04 -19.01
N ASP D 545 11.05 43.70 -18.62
CA ASP D 545 11.52 43.64 -17.23
C ASP D 545 11.77 42.21 -16.74
N ILE D 546 12.26 41.35 -17.62
CA ILE D 546 12.57 39.97 -17.20
C ILE D 546 13.90 40.02 -16.45
N ILE D 547 13.91 39.52 -15.23
CA ILE D 547 15.11 39.54 -14.42
C ILE D 547 16.28 38.71 -14.93
N VAL D 548 17.45 39.34 -14.96
CA VAL D 548 18.69 38.72 -15.37
C VAL D 548 19.68 39.21 -14.31
N PRO D 549 19.87 38.41 -13.25
CA PRO D 549 20.76 38.71 -12.12
C PRO D 549 22.10 39.38 -12.41
N MET D 550 22.93 38.73 -13.22
CA MET D 550 24.26 39.26 -13.51
C MET D 550 24.31 40.27 -14.65
#